data_2JXN
#
_entry.id   2JXN
#
loop_
_entity.id
_entity.type
_entity.pdbx_description
1 polymer 'Uncharacterized protein YMR074C'
2 non-polymer 'S-[(1-oxyl-2,2,5,5-tetramethyl-2,5-dihydro-1H-pyrrol-3-yl)methyl] methanesulfonothioate'
#
_entity_poly.entity_id   1
_entity_poly.type   'polypeptide(L)'
_entity_poly.pdbx_seq_one_letter_code
;MDPELQCIRECRLAQLKNNSGGTNGDRNSGANNGGGENSAPVGAAIANFLEPQALERLSRVALVRRDRAQAVETYLKKLI
ATNNVTHKITEAEIVSILNGIAKQQNSQNNSKIIFEAAALEHHHHHH
;
_entity_poly.pdbx_strand_id   A
#
# COMPACT_ATOMS: atom_id res chain seq x y z
N MET A 1 -19.58 -1.28 7.01
CA MET A 1 -19.24 -2.56 6.30
C MET A 1 -19.03 -2.27 4.82
N ASP A 2 -18.68 -3.30 4.07
CA ASP A 2 -18.45 -3.16 2.63
C ASP A 2 -17.67 -1.88 2.35
N PRO A 3 -16.47 -1.78 2.87
CA PRO A 3 -15.60 -0.60 2.67
C PRO A 3 -14.99 -0.56 1.27
N GLU A 4 -15.45 -1.46 0.40
CA GLU A 4 -14.95 -1.52 -0.97
C GLU A 4 -15.26 -0.22 -1.70
N LEU A 5 -16.46 0.30 -1.51
CA LEU A 5 -16.86 1.54 -2.16
C LEU A 5 -16.20 2.74 -1.49
N GLN A 6 -16.12 2.71 -0.17
CA GLN A 6 -15.51 3.80 0.58
C GLN A 6 -14.04 3.93 0.23
N CYS A 7 -13.40 2.81 -0.10
CA CYS A 7 -11.99 2.81 -0.45
C CYS A 7 -11.74 3.71 -1.66
N ILE A 8 -12.48 3.47 -2.74
CA ILE A 8 -12.33 4.26 -3.95
C ILE A 8 -12.71 5.71 -3.68
N ARG A 9 -13.69 5.92 -2.81
CA ARG A 9 -14.14 7.26 -2.48
C ARG A 9 -13.01 8.06 -1.83
N GLU A 10 -12.13 7.37 -1.11
CA GLU A 10 -11.02 8.03 -0.45
C GLU A 10 -10.04 8.58 -1.48
N CYS A 11 -9.74 7.77 -2.49
CA CYS A 11 -8.81 8.19 -3.54
C CYS A 11 -9.50 9.15 -4.51
N ARG A 12 -10.79 8.96 -4.71
CA ARG A 12 -11.56 9.80 -5.61
C ARG A 12 -11.55 11.25 -5.13
N LEU A 13 -11.61 11.43 -3.81
CA LEU A 13 -11.60 12.76 -3.23
C LEU A 13 -10.26 13.44 -3.47
N ALA A 14 -9.19 12.66 -3.46
CA ALA A 14 -7.86 13.20 -3.67
C ALA A 14 -7.62 13.47 -5.16
N GLN A 15 -8.32 12.72 -6.01
CA GLN A 15 -8.17 12.89 -7.45
C GLN A 15 -8.88 14.16 -7.92
N LEU A 16 -9.72 14.71 -7.04
CA LEU A 16 -10.46 15.93 -7.37
C LEU A 16 -9.66 17.17 -6.99
N LYS A 17 -9.60 18.14 -7.89
CA LYS A 17 -8.86 19.37 -7.65
C LYS A 17 -7.41 19.07 -7.29
N ASN A 18 -6.53 19.21 -8.27
CA ASN A 18 -5.11 18.95 -8.05
C ASN A 18 -4.25 19.98 -8.78
N ASN A 19 -2.94 19.73 -8.82
CA ASN A 19 -2.03 20.64 -9.49
C ASN A 19 -0.60 20.12 -9.40
N SER A 20 0.12 20.53 -8.36
CA SER A 20 1.49 20.10 -8.16
C SER A 20 2.29 20.28 -9.44
N GLY A 21 1.83 21.19 -10.30
CA GLY A 21 2.51 21.44 -11.56
C GLY A 21 2.25 20.33 -12.58
N GLY A 22 3.02 19.24 -12.45
CA GLY A 22 2.86 18.11 -13.36
C GLY A 22 3.96 18.09 -14.40
N THR A 23 3.55 17.92 -15.66
CA THR A 23 4.51 17.88 -16.76
C THR A 23 5.31 16.59 -16.73
N ASN A 24 4.89 15.62 -17.53
CA ASN A 24 5.59 14.34 -17.59
C ASN A 24 5.99 13.87 -16.20
N GLY A 25 6.89 12.89 -16.14
CA GLY A 25 7.35 12.36 -14.87
C GLY A 25 8.81 12.73 -14.62
N ASP A 26 9.06 13.51 -13.58
CA ASP A 26 10.41 13.93 -13.24
C ASP A 26 10.49 14.42 -11.80
N ARG A 27 9.40 15.04 -11.34
CA ARG A 27 9.36 15.56 -9.97
C ARG A 27 9.11 14.42 -8.98
N ASN A 28 10.00 14.28 -8.02
CA ASN A 28 9.87 13.24 -7.00
C ASN A 28 10.21 13.79 -5.62
N SER A 29 9.41 14.74 -5.15
CA SER A 29 9.62 15.34 -3.85
C SER A 29 10.69 16.44 -3.93
N GLY A 30 10.94 17.08 -2.80
CA GLY A 30 11.94 18.15 -2.75
C GLY A 30 11.64 19.12 -1.63
N ALA A 31 10.80 20.11 -1.91
CA ALA A 31 10.44 21.11 -0.92
C ALA A 31 8.95 21.42 -0.98
N ASN A 32 8.21 21.01 0.05
CA ASN A 32 6.78 21.26 0.10
C ASN A 32 6.28 21.22 1.54
N ASN A 33 5.41 22.17 1.89
CA ASN A 33 4.87 22.24 3.24
C ASN A 33 3.91 21.07 3.49
N GLY A 34 3.83 20.65 4.75
CA GLY A 34 2.94 19.54 5.11
C GLY A 34 2.61 19.58 6.59
N GLY A 35 3.52 19.07 7.42
CA GLY A 35 3.30 19.05 8.86
C GLY A 35 3.81 20.34 9.50
N GLY A 36 5.06 20.32 9.95
CA GLY A 36 5.65 21.49 10.58
C GLY A 36 5.68 21.34 12.10
N GLU A 37 4.99 22.23 12.79
CA GLU A 37 4.94 22.18 14.25
C GLU A 37 4.16 20.97 14.73
N ASN A 38 4.29 20.66 16.02
CA ASN A 38 3.59 19.52 16.60
C ASN A 38 4.17 18.21 16.09
N SER A 39 3.43 17.13 16.25
CA SER A 39 3.88 15.81 15.80
C SER A 39 3.49 15.58 14.36
N ALA A 40 3.01 14.37 14.07
CA ALA A 40 2.59 14.02 12.71
C ALA A 40 2.31 12.52 12.62
N PRO A 41 1.24 12.08 13.23
CA PRO A 41 0.85 10.65 13.22
C PRO A 41 0.14 10.24 11.93
N VAL A 42 -1.19 10.34 11.92
CA VAL A 42 -1.98 10.00 10.75
C VAL A 42 -1.39 8.81 10.00
N GLY A 43 -1.75 8.66 8.73
CA GLY A 43 -1.24 7.55 7.92
C GLY A 43 0.27 7.43 8.06
N ALA A 44 0.95 8.56 8.17
CA ALA A 44 2.40 8.57 8.29
C ALA A 44 2.84 7.61 9.40
N ALA A 45 1.95 7.35 10.34
CA ALA A 45 2.25 6.45 11.45
C ALA A 45 2.44 5.02 10.98
N ILE A 46 1.75 4.64 9.90
CA ILE A 46 1.86 3.27 9.39
C ILE A 46 3.11 3.11 8.53
N ALA A 47 3.59 4.22 7.98
CA ALA A 47 4.78 4.19 7.13
C ALA A 47 6.01 3.75 7.93
N ASN A 48 5.99 4.03 9.22
CA ASN A 48 7.10 3.66 10.08
C ASN A 48 6.98 2.21 10.53
N PHE A 49 5.77 1.69 10.44
CA PHE A 49 5.51 0.31 10.83
C PHE A 49 6.14 -0.67 9.84
N LEU A 50 6.88 -0.13 8.88
CA LEU A 50 7.55 -0.94 7.87
C LEU A 50 9.04 -0.60 7.82
N GLU A 51 9.87 -1.53 8.29
CA GLU A 51 11.31 -1.32 8.30
C GLU A 51 11.79 -0.81 6.94
N PRO A 52 12.89 -0.08 6.91
CA PRO A 52 13.43 0.49 5.64
C PRO A 52 13.82 -0.61 4.64
N GLN A 53 14.68 -1.52 5.08
CA GLN A 53 15.11 -2.61 4.21
C GLN A 53 13.91 -3.44 3.78
N ALA A 54 13.02 -3.68 4.72
CA ALA A 54 11.81 -4.45 4.45
C ALA A 54 10.94 -3.72 3.44
N LEU A 55 11.03 -2.39 3.46
CA LEU A 55 10.24 -1.57 2.55
C LEU A 55 10.60 -1.90 1.11
N GLU A 56 11.87 -2.22 0.88
CA GLU A 56 12.34 -2.56 -0.45
C GLU A 56 11.78 -3.92 -0.88
N ARG A 57 11.66 -4.83 0.08
CA ARG A 57 11.15 -6.17 -0.21
C ARG A 57 9.74 -6.10 -0.82
N LEU A 58 8.82 -5.46 -0.11
CA LEU A 58 7.45 -5.35 -0.62
C LEU A 58 7.46 -4.64 -1.98
N SER A 59 8.36 -3.69 -2.14
CA SER A 59 8.46 -2.96 -3.40
C SER A 59 8.93 -3.90 -4.51
N ARG A 60 9.89 -4.76 -4.18
CA ARG A 60 10.45 -5.70 -5.15
C ARG A 60 9.44 -6.74 -5.62
N VAL A 61 8.71 -7.35 -4.68
CA VAL A 61 7.73 -8.36 -5.05
C VAL A 61 6.56 -7.73 -5.79
N ALA A 62 6.10 -6.58 -5.28
CA ALA A 62 4.99 -5.88 -5.90
C ALA A 62 5.20 -5.72 -7.41
N LEU A 63 6.45 -5.46 -7.80
CA LEU A 63 6.77 -5.30 -9.21
C LEU A 63 6.48 -6.58 -9.98
N VAL A 64 6.40 -7.69 -9.26
CA VAL A 64 6.14 -8.98 -9.90
C VAL A 64 4.72 -9.47 -9.62
N ARG A 65 4.29 -9.39 -8.36
CA ARG A 65 2.95 -9.83 -8.01
C ARG A 65 2.29 -8.85 -7.03
N ARG A 66 1.75 -7.78 -7.58
CA ARG A 66 1.07 -6.77 -6.78
C ARG A 66 -0.10 -7.35 -6.01
N ASP A 67 -0.73 -8.38 -6.59
CA ASP A 67 -1.88 -9.01 -5.96
C ASP A 67 -1.54 -9.50 -4.55
N ARG A 68 -0.41 -10.18 -4.42
CA ARG A 68 0.02 -10.69 -3.13
C ARG A 68 0.48 -9.55 -2.24
N ALA A 69 1.13 -8.57 -2.84
CA ALA A 69 1.62 -7.41 -2.10
C ALA A 69 0.46 -6.58 -1.56
N GLN A 70 -0.66 -6.61 -2.28
CA GLN A 70 -1.83 -5.84 -1.89
C GLN A 70 -2.45 -6.41 -0.62
N ALA A 71 -2.39 -7.72 -0.47
CA ALA A 71 -2.95 -8.37 0.71
C ALA A 71 -2.06 -8.15 1.93
N VAL A 72 -0.75 -8.07 1.70
CA VAL A 72 0.18 -7.86 2.81
C VAL A 72 -0.08 -6.53 3.49
N GLU A 73 -0.20 -5.49 2.69
CA GLU A 73 -0.47 -4.16 3.21
C GLU A 73 -1.84 -4.13 3.89
N THR A 74 -2.79 -4.89 3.35
CA THR A 74 -4.13 -4.95 3.92
C THR A 74 -4.11 -5.63 5.27
N TYR A 75 -3.21 -6.60 5.43
CA TYR A 75 -3.10 -7.32 6.68
C TYR A 75 -2.71 -6.37 7.81
N LEU A 76 -1.70 -5.54 7.57
CA LEU A 76 -1.24 -4.58 8.57
C LEU A 76 -2.30 -3.51 8.83
N LYS A 77 -2.96 -3.06 7.77
CA LYS A 77 -3.98 -2.03 7.92
C LYS A 77 -5.07 -2.50 8.88
N LYS A 78 -5.48 -3.75 8.73
CA LYS A 78 -6.51 -4.30 9.61
C LYS A 78 -6.01 -4.34 11.05
N LEU A 79 -4.74 -4.67 11.20
CA LEU A 79 -4.13 -4.74 12.53
C LEU A 79 -4.02 -3.35 13.14
N ILE A 80 -3.51 -2.39 12.36
CA ILE A 80 -3.36 -1.03 12.84
C ILE A 80 -4.72 -0.37 13.04
N ALA A 81 -5.61 -0.55 12.08
CA ALA A 81 -6.95 0.02 12.17
C ALA A 81 -7.71 -0.57 13.35
N THR A 82 -7.51 -1.86 13.59
CA THR A 82 -8.19 -2.53 14.69
C THR A 82 -7.48 -2.24 16.00
N ASN A 83 -6.43 -3.01 16.28
CA ASN A 83 -5.66 -2.83 17.52
C ASN A 83 -4.69 -3.99 17.70
N ASN A 84 -5.00 -5.14 17.11
CA ASN A 84 -4.15 -6.31 17.23
C ASN A 84 -2.68 -5.94 17.04
N VAL A 85 -2.42 -4.97 16.18
CA VAL A 85 -1.06 -4.53 15.92
C VAL A 85 -0.24 -4.50 17.21
N THR A 86 1.06 -4.76 17.09
CA THR A 86 1.93 -4.74 18.24
C THR A 86 3.37 -5.00 17.83
N HIS A 87 3.65 -4.86 16.54
CA HIS A 87 5.00 -5.09 16.03
C HIS A 87 5.20 -4.36 14.71
N LYS A 88 6.46 -4.03 14.42
CA LYS A 88 6.79 -3.33 13.17
C LYS A 88 7.11 -4.34 12.07
N ILE A 89 6.24 -4.41 11.07
CA ILE A 89 6.45 -5.33 9.96
C ILE A 89 7.92 -5.32 9.53
N THR A 90 8.40 -6.47 9.06
CA THR A 90 9.78 -6.58 8.61
C THR A 90 9.86 -7.30 7.27
N GLU A 91 11.06 -7.36 6.70
CA GLU A 91 11.26 -8.02 5.41
C GLU A 91 10.76 -9.45 5.48
N ALA A 92 10.85 -10.04 6.66
CA ALA A 92 10.41 -11.42 6.86
C ALA A 92 8.90 -11.47 7.07
N GLU A 93 8.39 -10.46 7.76
CA GLU A 93 6.95 -10.39 8.02
C GLU A 93 6.19 -10.23 6.71
N ILE A 94 6.71 -9.36 5.85
CA ILE A 94 6.07 -9.13 4.55
C ILE A 94 6.08 -10.41 3.73
N VAL A 95 7.24 -11.05 3.71
CA VAL A 95 7.41 -12.29 2.97
C VAL A 95 6.59 -13.41 3.61
N SER A 96 6.58 -13.44 4.93
CA SER A 96 5.85 -14.48 5.66
C SER A 96 4.36 -14.43 5.34
N ILE A 97 3.78 -13.23 5.36
CA ILE A 97 2.37 -13.08 5.06
C ILE A 97 2.14 -13.35 3.58
N LEU A 98 3.03 -12.80 2.75
CA LEU A 98 2.95 -12.99 1.31
C LEU A 98 2.93 -14.48 0.98
N ASN A 99 3.76 -15.25 1.67
CA ASN A 99 3.83 -16.68 1.46
C ASN A 99 2.55 -17.36 1.92
N GLY A 100 1.95 -16.84 2.98
CA GLY A 100 0.72 -17.39 3.52
C GLY A 100 -0.47 -17.02 2.64
N ILE A 101 -0.38 -15.85 2.02
CA ILE A 101 -1.45 -15.36 1.15
C ILE A 101 -1.52 -16.20 -0.12
N ALA A 102 -0.37 -16.62 -0.62
CA ALA A 102 -0.32 -17.42 -1.84
C ALA A 102 -0.94 -18.79 -1.61
N LYS A 103 -0.96 -19.22 -0.36
CA LYS A 103 -1.54 -20.53 -0.02
C LYS A 103 -3.06 -20.45 0.01
N GLN A 104 -3.59 -19.42 0.65
CA GLN A 104 -5.04 -19.25 0.74
C GLN A 104 -5.61 -18.64 -0.54
N GLN A 105 -4.89 -17.66 -1.09
CA GLN A 105 -5.33 -17.00 -2.31
C GLN A 105 -6.76 -16.50 -2.16
N ASN A 106 -7.55 -16.67 -3.21
CA ASN A 106 -8.94 -16.22 -3.18
C ASN A 106 -9.77 -17.01 -4.19
N SER A 107 -9.46 -16.83 -5.47
CA SER A 107 -10.19 -17.53 -6.53
C SER A 107 -9.47 -17.37 -7.86
N GLN A 108 -9.09 -16.15 -8.18
CA GLN A 108 -8.40 -15.87 -9.44
C GLN A 108 -7.48 -14.67 -9.29
N ASN A 109 -7.33 -13.90 -10.37
CA ASN A 109 -6.47 -12.72 -10.35
C ASN A 109 -7.30 -11.45 -10.32
N ASN A 110 -7.78 -11.03 -11.50
CA ASN A 110 -8.60 -9.84 -11.60
C ASN A 110 -7.90 -8.66 -10.92
N SER A 111 -6.59 -8.57 -11.10
CA SER A 111 -5.82 -7.49 -10.50
C SER A 111 -5.61 -6.36 -11.50
N LYS A 112 -5.32 -5.17 -10.99
CA LYS A 112 -5.09 -4.00 -11.83
C LYS A 112 -5.96 -4.04 -13.09
N ILE A 113 -7.23 -4.42 -12.89
CA ILE A 113 -8.18 -4.50 -14.01
C ILE A 113 -9.41 -3.66 -13.71
N ILE A 114 -9.79 -3.59 -12.43
CA ILE A 114 -10.96 -2.82 -12.04
C ILE A 114 -10.69 -1.33 -12.17
N PHE A 115 -9.44 -0.99 -12.50
CA PHE A 115 -9.06 0.40 -12.67
C PHE A 115 -9.88 1.07 -13.77
N GLU A 116 -10.95 1.75 -13.37
CA GLU A 116 -11.82 2.42 -14.33
C GLU A 116 -12.21 3.80 -13.82
N MET A 1 -14.63 -12.14 -10.25
CA MET A 1 -14.56 -10.82 -9.57
C MET A 1 -13.15 -10.26 -9.70
N ASP A 2 -13.04 -8.94 -9.86
CA ASP A 2 -11.74 -8.30 -9.99
C ASP A 2 -11.83 -6.83 -9.58
N PRO A 3 -12.18 -6.57 -8.35
CA PRO A 3 -12.31 -5.17 -7.83
C PRO A 3 -10.95 -4.53 -7.59
N GLU A 4 -9.90 -5.34 -7.61
CA GLU A 4 -8.55 -4.84 -7.38
C GLU A 4 -8.09 -4.01 -8.58
N LEU A 5 -8.37 -4.51 -9.78
CA LEU A 5 -7.97 -3.81 -10.99
C LEU A 5 -8.63 -2.43 -11.05
N GLN A 6 -9.89 -2.36 -10.64
CA GLN A 6 -10.61 -1.09 -10.64
C GLN A 6 -9.95 -0.09 -9.71
N CYS A 7 -9.62 -0.53 -8.51
CA CYS A 7 -8.97 0.34 -7.54
C CYS A 7 -7.62 0.83 -8.06
N ILE A 8 -6.98 0.00 -8.88
CA ILE A 8 -5.69 0.35 -9.45
C ILE A 8 -5.83 1.45 -10.49
N ARG A 9 -6.95 1.44 -11.21
CA ARG A 9 -7.20 2.42 -12.26
C ARG A 9 -7.14 3.85 -11.71
N GLU A 10 -7.75 4.08 -10.56
CA GLU A 10 -7.76 5.41 -9.96
C GLU A 10 -6.33 5.85 -9.60
N CYS A 11 -5.51 4.89 -9.18
CA CYS A 11 -4.14 5.18 -8.81
C CYS A 11 -3.29 5.45 -10.06
N ARG A 12 -3.61 4.75 -11.14
CA ARG A 12 -2.88 4.93 -12.39
C ARG A 12 -2.90 6.39 -12.83
N LEU A 13 -4.06 7.04 -12.67
CA LEU A 13 -4.20 8.43 -13.05
C LEU A 13 -3.22 9.30 -12.26
N ALA A 14 -3.11 9.02 -10.97
CA ALA A 14 -2.20 9.78 -10.11
C ALA A 14 -0.76 9.33 -10.33
N GLN A 15 -0.59 8.05 -10.65
CA GLN A 15 0.75 7.51 -10.89
C GLN A 15 1.25 7.89 -12.28
N LEU A 16 0.31 8.19 -13.18
CA LEU A 16 0.66 8.57 -14.54
C LEU A 16 1.32 7.40 -15.26
N LYS A 17 2.55 7.08 -14.85
CA LYS A 17 3.28 5.98 -15.46
C LYS A 17 4.41 5.50 -14.55
N ASN A 18 5.17 6.45 -14.03
CA ASN A 18 6.28 6.12 -13.14
C ASN A 18 6.84 7.38 -12.49
N ASN A 19 7.65 8.12 -13.23
CA ASN A 19 8.25 9.35 -12.71
C ASN A 19 7.18 10.21 -12.05
N SER A 20 7.61 11.04 -11.09
CA SER A 20 6.69 11.91 -10.39
C SER A 20 7.45 12.87 -9.47
N GLY A 21 8.47 12.35 -8.80
CA GLY A 21 9.27 13.17 -7.90
C GLY A 21 10.42 13.83 -8.64
N GLY A 22 10.84 15.00 -8.17
CA GLY A 22 11.93 15.72 -8.81
C GLY A 22 13.27 15.33 -8.20
N THR A 23 14.32 15.43 -8.99
CA THR A 23 15.66 15.09 -8.54
C THR A 23 15.67 13.69 -7.90
N ASN A 24 14.69 12.88 -8.27
CA ASN A 24 14.59 11.53 -7.74
C ASN A 24 14.90 11.51 -6.24
N GLY A 25 14.03 12.13 -5.46
CA GLY A 25 14.22 12.18 -4.01
C GLY A 25 13.31 13.22 -3.37
N ASP A 26 13.90 14.16 -2.65
CA ASP A 26 13.13 15.21 -1.99
C ASP A 26 12.70 16.27 -3.00
N ARG A 27 11.92 17.24 -2.54
CA ARG A 27 11.46 18.32 -3.40
C ARG A 27 10.97 19.51 -2.57
N ASN A 28 10.16 19.22 -1.56
CA ASN A 28 9.64 20.27 -0.69
C ASN A 28 9.44 19.75 0.72
N SER A 29 8.41 18.93 0.92
CA SER A 29 8.12 18.37 2.23
C SER A 29 7.35 19.36 3.08
N GLY A 30 6.97 18.93 4.28
CA GLY A 30 6.21 19.81 5.19
C GLY A 30 6.85 21.19 5.26
N ALA A 31 6.03 22.22 5.07
CA ALA A 31 6.51 23.59 5.12
C ALA A 31 5.42 24.53 5.62
N ASN A 32 5.07 25.52 4.79
CA ASN A 32 4.04 26.48 5.17
C ASN A 32 2.65 25.90 4.90
N ASN A 33 2.61 24.78 4.19
CA ASN A 33 1.33 24.14 3.86
C ASN A 33 1.53 22.63 3.69
N GLY A 34 0.50 21.87 4.06
CA GLY A 34 0.56 20.42 3.94
C GLY A 34 -0.75 19.78 4.40
N GLY A 35 -1.31 20.29 5.49
CA GLY A 35 -2.56 19.77 6.01
C GLY A 35 -3.44 20.89 6.56
N GLY A 36 -4.13 20.62 7.67
CA GLY A 36 -5.00 21.60 8.29
C GLY A 36 -5.20 21.30 9.76
N GLU A 37 -4.47 22.02 10.61
CA GLU A 37 -4.57 21.84 12.06
C GLU A 37 -4.82 20.38 12.41
N ASN A 38 -3.78 19.56 12.30
CA ASN A 38 -3.91 18.14 12.62
C ASN A 38 -5.23 17.59 12.08
N SER A 39 -5.24 17.26 10.79
CA SER A 39 -6.44 16.73 10.16
C SER A 39 -6.62 15.25 10.52
N ALA A 40 -5.60 14.45 10.25
CA ALA A 40 -5.65 13.02 10.54
C ALA A 40 -4.44 12.30 9.93
N PRO A 41 -3.27 12.57 10.44
CA PRO A 41 -2.02 11.95 9.94
C PRO A 41 -1.82 10.53 10.48
N VAL A 42 -2.90 9.93 10.93
CA VAL A 42 -2.85 8.57 11.47
C VAL A 42 -2.37 7.59 10.40
N GLY A 43 -2.65 7.91 9.14
CA GLY A 43 -2.25 7.05 8.04
C GLY A 43 -0.74 7.00 7.89
N ALA A 44 -0.12 8.17 7.72
CA ALA A 44 1.32 8.23 7.58
C ALA A 44 2.01 7.45 8.70
N ALA A 45 1.33 7.32 9.82
CA ALA A 45 1.87 6.60 10.96
C ALA A 45 2.11 5.13 10.63
N ILE A 46 1.48 4.65 9.56
CA ILE A 46 1.62 3.26 9.15
C ILE A 46 2.92 3.05 8.37
N ALA A 47 3.45 4.14 7.81
CA ALA A 47 4.68 4.07 7.04
C ALA A 47 5.85 3.65 7.94
N ASN A 48 5.72 3.93 9.23
CA ASN A 48 6.77 3.58 10.18
C ASN A 48 6.63 2.12 10.61
N PHE A 49 5.43 1.58 10.44
CA PHE A 49 5.16 0.20 10.83
C PHE A 49 5.79 -0.76 9.82
N LEU A 50 6.62 -0.22 8.94
CA LEU A 50 7.30 -1.02 7.92
C LEU A 50 8.79 -0.71 7.93
N GLU A 51 9.58 -1.64 8.46
CA GLU A 51 11.04 -1.45 8.53
C GLU A 51 11.58 -0.95 7.19
N PRO A 52 12.68 -0.22 7.19
CA PRO A 52 13.30 0.34 5.94
C PRO A 52 13.74 -0.76 4.97
N GLN A 53 14.59 -1.66 5.43
CA GLN A 53 15.09 -2.74 4.57
C GLN A 53 13.92 -3.58 4.08
N ALA A 54 13.04 -3.96 5.01
CA ALA A 54 11.89 -4.77 4.67
C ALA A 54 11.02 -4.03 3.67
N LEU A 55 11.06 -2.71 3.72
CA LEU A 55 10.27 -1.88 2.81
C LEU A 55 10.63 -2.20 1.36
N GLU A 56 11.92 -2.34 1.10
CA GLU A 56 12.38 -2.66 -0.25
C GLU A 56 11.87 -4.02 -0.70
N ARG A 57 11.77 -4.95 0.25
CA ARG A 57 11.30 -6.29 -0.06
C ARG A 57 9.89 -6.25 -0.63
N LEU A 58 8.97 -5.64 0.09
CA LEU A 58 7.58 -5.55 -0.38
C LEU A 58 7.54 -4.84 -1.73
N SER A 59 8.44 -3.87 -1.91
CA SER A 59 8.50 -3.13 -3.17
C SER A 59 8.95 -4.02 -4.32
N ARG A 60 9.95 -4.85 -4.07
CA ARG A 60 10.50 -5.74 -5.09
C ARG A 60 9.45 -6.74 -5.59
N VAL A 61 8.71 -7.34 -4.67
CA VAL A 61 7.69 -8.31 -5.05
C VAL A 61 6.59 -7.65 -5.87
N ALA A 62 6.20 -6.44 -5.48
CA ALA A 62 5.14 -5.71 -6.18
C ALA A 62 5.42 -5.66 -7.68
N LEU A 63 6.68 -5.54 -8.06
CA LEU A 63 7.05 -5.47 -9.47
C LEU A 63 6.64 -6.74 -10.20
N VAL A 64 6.46 -7.81 -9.44
CA VAL A 64 6.09 -9.10 -10.03
C VAL A 64 4.62 -9.44 -9.72
N ARG A 65 4.22 -9.27 -8.46
CA ARG A 65 2.83 -9.56 -8.08
C ARG A 65 2.26 -8.45 -7.20
N ARG A 66 1.82 -7.38 -7.84
CA ARG A 66 1.23 -6.26 -7.12
C ARG A 66 -0.01 -6.71 -6.35
N ASP A 67 -0.72 -7.70 -6.89
CA ASP A 67 -1.92 -8.22 -6.25
C ASP A 67 -1.60 -8.83 -4.89
N ARG A 68 -0.56 -9.66 -4.85
CA ARG A 68 -0.17 -10.30 -3.60
C ARG A 68 0.32 -9.26 -2.60
N ALA A 69 1.10 -8.31 -3.08
CA ALA A 69 1.62 -7.26 -2.22
C ALA A 69 0.47 -6.48 -1.60
N GLN A 70 -0.64 -6.44 -2.30
CA GLN A 70 -1.82 -5.72 -1.84
C GLN A 70 -2.39 -6.39 -0.59
N ALA A 71 -2.35 -7.71 -0.56
CA ALA A 71 -2.88 -8.46 0.58
C ALA A 71 -2.03 -8.23 1.82
N VAL A 72 -0.70 -8.16 1.63
CA VAL A 72 0.20 -7.95 2.77
C VAL A 72 -0.11 -6.61 3.43
N GLU A 73 -0.42 -5.62 2.61
CA GLU A 73 -0.75 -4.29 3.11
C GLU A 73 -2.08 -4.30 3.85
N THR A 74 -3.04 -5.04 3.30
CA THR A 74 -4.36 -5.13 3.93
C THR A 74 -4.25 -5.87 5.26
N TYR A 75 -3.31 -6.81 5.32
CA TYR A 75 -3.10 -7.58 6.54
C TYR A 75 -2.66 -6.67 7.68
N LEU A 76 -1.68 -5.82 7.41
CA LEU A 76 -1.18 -4.89 8.42
C LEU A 76 -2.22 -3.82 8.74
N LYS A 77 -2.85 -3.28 7.71
CA LYS A 77 -3.86 -2.26 7.90
C LYS A 77 -4.99 -2.77 8.79
N LYS A 78 -5.36 -4.03 8.60
CA LYS A 78 -6.42 -4.63 9.40
C LYS A 78 -5.97 -4.76 10.85
N LEU A 79 -4.71 -5.17 11.03
CA LEU A 79 -4.15 -5.33 12.37
C LEU A 79 -4.01 -3.98 13.06
N ILE A 80 -3.48 -2.99 12.34
CA ILE A 80 -3.29 -1.66 12.89
C ILE A 80 -4.63 -1.07 13.34
N ALA A 81 -5.66 -1.31 12.55
CA ALA A 81 -7.00 -0.80 12.88
C ALA A 81 -7.61 -1.59 14.03
N THR A 82 -7.12 -2.80 14.26
CA THR A 82 -7.64 -3.64 15.33
C THR A 82 -7.10 -3.20 16.68
N ASN A 83 -5.81 -3.41 16.89
CA ASN A 83 -5.18 -3.02 18.15
C ASN A 83 -3.75 -3.57 18.25
N ASN A 84 -3.42 -4.54 17.41
CA ASN A 84 -2.09 -5.13 17.42
C ASN A 84 -1.02 -4.05 17.45
N VAL A 85 -1.36 -2.87 16.94
CA VAL A 85 -0.42 -1.75 16.89
C VAL A 85 0.51 -1.77 18.10
N THR A 86 1.69 -2.34 17.91
CA THR A 86 2.67 -2.44 18.99
C THR A 86 4.01 -2.90 18.44
N HIS A 87 4.06 -3.12 17.13
CA HIS A 87 5.29 -3.58 16.49
C HIS A 87 5.46 -2.92 15.13
N LYS A 88 6.35 -3.48 14.31
CA LYS A 88 6.59 -2.93 12.97
C LYS A 88 6.94 -4.06 12.00
N ILE A 89 6.10 -4.22 10.98
CA ILE A 89 6.32 -5.27 9.99
C ILE A 89 7.81 -5.32 9.60
N THR A 90 8.27 -6.51 9.24
CA THR A 90 9.66 -6.69 8.83
C THR A 90 9.72 -7.53 7.56
N GLU A 91 10.93 -7.72 7.03
CA GLU A 91 11.11 -8.50 5.82
C GLU A 91 10.58 -9.91 6.02
N ALA A 92 10.64 -10.38 7.26
CA ALA A 92 10.16 -11.72 7.59
C ALA A 92 8.64 -11.75 7.65
N GLU A 93 8.06 -10.63 8.07
CA GLU A 93 6.60 -10.53 8.17
C GLU A 93 5.97 -10.40 6.79
N ILE A 94 6.57 -9.59 5.93
CA ILE A 94 6.03 -9.37 4.59
C ILE A 94 6.06 -10.67 3.78
N VAL A 95 7.20 -11.35 3.81
CA VAL A 95 7.35 -12.61 3.09
C VAL A 95 6.48 -13.69 3.72
N SER A 96 6.44 -13.69 5.04
CA SER A 96 5.67 -14.68 5.78
C SER A 96 4.20 -14.65 5.36
N ILE A 97 3.63 -13.46 5.27
CA ILE A 97 2.23 -13.32 4.88
C ILE A 97 2.07 -13.73 3.42
N LEU A 98 3.04 -13.35 2.60
CA LEU A 98 2.99 -13.68 1.17
C LEU A 98 2.82 -15.18 0.98
N ASN A 99 3.61 -15.96 1.71
CA ASN A 99 3.54 -17.41 1.62
C ASN A 99 2.13 -17.90 1.93
N GLY A 100 1.46 -17.18 2.83
CA GLY A 100 0.10 -17.55 3.21
C GLY A 100 -0.90 -17.10 2.15
N ILE A 101 -0.60 -15.98 1.50
CA ILE A 101 -1.47 -15.44 0.46
C ILE A 101 -1.33 -16.25 -0.83
N ALA A 102 -0.11 -16.71 -1.10
CA ALA A 102 0.14 -17.50 -2.30
C ALA A 102 -0.69 -18.78 -2.29
N LYS A 103 -0.97 -19.29 -1.09
CA LYS A 103 -1.75 -20.51 -0.96
C LYS A 103 -3.24 -20.21 -1.15
N GLN A 104 -3.67 -19.05 -0.68
CA GLN A 104 -5.07 -18.66 -0.81
C GLN A 104 -5.36 -18.18 -2.23
N GLN A 105 -4.62 -17.17 -2.67
CA GLN A 105 -4.81 -16.62 -4.02
C GLN A 105 -6.22 -16.08 -4.18
N ASN A 106 -6.40 -15.19 -5.15
CA ASN A 106 -7.71 -14.60 -5.40
C ASN A 106 -8.79 -15.66 -5.34
N SER A 107 -9.41 -15.80 -4.17
CA SER A 107 -10.47 -16.79 -3.98
C SER A 107 -11.16 -16.59 -2.64
N GLN A 108 -10.50 -15.88 -1.74
CA GLN A 108 -11.06 -15.62 -0.42
C GLN A 108 -12.37 -14.84 -0.54
N ASN A 109 -13.20 -14.91 0.50
CA ASN A 109 -14.48 -14.21 0.49
C ASN A 109 -14.26 -12.71 0.66
N ASN A 110 -14.78 -11.93 -0.28
CA ASN A 110 -14.64 -10.48 -0.23
C ASN A 110 -15.64 -9.88 0.75
N SER A 111 -15.30 -8.72 1.31
CA SER A 111 -16.19 -8.05 2.25
C SER A 111 -15.64 -6.67 2.62
N LYS A 112 -16.51 -5.82 3.14
CA LYS A 112 -16.12 -4.46 3.53
C LYS A 112 -15.06 -3.91 2.59
N ILE A 113 -15.12 -4.30 1.32
CA ILE A 113 -14.16 -3.84 0.33
C ILE A 113 -14.87 -3.46 -0.97
N ILE A 114 -15.97 -4.14 -1.25
CA ILE A 114 -16.73 -3.85 -2.46
C ILE A 114 -17.41 -2.49 -2.38
N PHE A 115 -17.35 -1.89 -1.19
CA PHE A 115 -17.96 -0.58 -0.98
C PHE A 115 -17.67 0.34 -2.18
N GLU A 116 -16.39 0.51 -2.50
CA GLU A 116 -16.00 1.36 -3.62
C GLU A 116 -16.02 0.57 -4.92
N MET A 1 -17.08 -3.74 11.38
CA MET A 1 -17.67 -2.37 11.32
C MET A 1 -17.40 -1.78 9.94
N ASP A 2 -16.95 -2.62 9.01
CA ASP A 2 -16.67 -2.16 7.66
C ASP A 2 -15.72 -0.96 7.68
N PRO A 3 -14.54 -1.14 8.22
CA PRO A 3 -13.52 -0.05 8.30
C PRO A 3 -12.88 0.25 6.95
N GLU A 4 -13.35 -0.44 5.92
CA GLU A 4 -12.81 -0.24 4.57
C GLU A 4 -13.08 1.18 4.10
N LEU A 5 -14.28 1.67 4.36
CA LEU A 5 -14.65 3.02 3.96
C LEU A 5 -13.99 4.06 4.85
N GLN A 6 -13.65 3.65 6.08
CA GLN A 6 -13.02 4.56 7.03
C GLN A 6 -11.63 4.96 6.54
N CYS A 7 -10.98 4.06 5.81
CA CYS A 7 -9.64 4.33 5.29
C CYS A 7 -9.70 5.16 4.01
N ILE A 8 -10.60 4.78 3.11
CA ILE A 8 -10.74 5.50 1.84
C ILE A 8 -11.31 6.90 2.07
N ARG A 9 -12.18 7.02 3.07
CA ARG A 9 -12.79 8.31 3.37
C ARG A 9 -11.73 9.33 3.78
N GLU A 10 -10.72 8.87 4.51
CA GLU A 10 -9.65 9.75 4.95
C GLU A 10 -8.85 10.27 3.76
N CYS A 11 -8.43 9.36 2.90
CA CYS A 11 -7.66 9.74 1.71
C CYS A 11 -8.52 10.54 0.75
N ARG A 12 -9.80 10.20 0.68
CA ARG A 12 -10.72 10.89 -0.22
C ARG A 12 -10.72 12.39 0.08
N LEU A 13 -10.72 12.73 1.36
CA LEU A 13 -10.73 14.13 1.78
C LEU A 13 -9.50 14.84 1.23
N ALA A 14 -8.36 14.18 1.28
CA ALA A 14 -7.11 14.76 0.78
C ALA A 14 -7.09 14.74 -0.74
N GLN A 15 -7.64 13.68 -1.33
CA GLN A 15 -7.67 13.54 -2.77
C GLN A 15 -8.68 14.51 -3.38
N LEU A 16 -9.64 14.94 -2.57
CA LEU A 16 -10.66 15.87 -3.03
C LEU A 16 -10.01 17.08 -3.72
N LYS A 17 -10.34 17.26 -5.00
CA LYS A 17 -9.79 18.38 -5.77
C LYS A 17 -10.74 18.78 -6.88
N ASN A 18 -10.55 19.99 -7.40
CA ASN A 18 -11.41 20.49 -8.47
C ASN A 18 -10.83 20.13 -9.83
N ASN A 19 -11.71 19.84 -10.79
CA ASN A 19 -11.27 19.47 -12.12
C ASN A 19 -10.57 18.12 -12.11
N SER A 20 -10.96 17.24 -13.04
CA SER A 20 -10.35 15.92 -13.11
C SER A 20 -10.27 15.45 -14.57
N GLY A 21 -9.07 15.51 -15.13
CA GLY A 21 -8.86 15.09 -16.51
C GLY A 21 -7.38 15.12 -16.88
N GLY A 22 -6.74 13.96 -16.81
CA GLY A 22 -5.32 13.86 -17.13
C GLY A 22 -4.93 12.42 -17.41
N THR A 23 -3.71 12.07 -17.04
CA THR A 23 -3.20 10.72 -17.25
C THR A 23 -2.99 10.45 -18.73
N ASN A 24 -1.82 9.91 -19.07
CA ASN A 24 -1.51 9.61 -20.46
C ASN A 24 -1.98 10.73 -21.38
N GLY A 25 -1.73 11.97 -20.96
CA GLY A 25 -2.13 13.13 -21.75
C GLY A 25 -1.20 14.31 -21.51
N ASP A 26 -0.42 14.23 -20.43
CA ASP A 26 0.51 15.30 -20.10
C ASP A 26 1.59 14.79 -19.13
N ARG A 27 1.53 13.49 -18.81
CA ARG A 27 2.49 12.91 -17.90
C ARG A 27 3.82 12.65 -18.61
N ASN A 28 3.74 12.26 -19.88
CA ASN A 28 4.93 11.98 -20.66
C ASN A 28 5.89 11.09 -19.87
N SER A 29 6.78 11.73 -19.11
CA SER A 29 7.76 11.00 -18.32
C SER A 29 8.95 10.57 -19.17
N GLY A 30 9.98 10.04 -18.53
CA GLY A 30 11.16 9.59 -19.24
C GLY A 30 12.43 9.84 -18.42
N ALA A 31 12.51 11.03 -17.82
CA ALA A 31 13.66 11.38 -17.00
C ALA A 31 13.35 11.22 -15.51
N ASN A 32 14.12 11.88 -14.67
CA ASN A 32 13.93 11.81 -13.23
C ASN A 32 12.82 12.77 -12.79
N ASN A 33 12.22 12.48 -11.64
CA ASN A 33 11.15 13.32 -11.12
C ASN A 33 11.64 14.10 -9.89
N GLY A 34 10.70 14.45 -9.02
CA GLY A 34 11.05 15.19 -7.81
C GLY A 34 9.94 15.09 -6.77
N GLY A 35 9.98 15.96 -5.77
CA GLY A 35 8.98 15.96 -4.72
C GLY A 35 9.60 16.29 -3.36
N GLY A 36 8.86 16.98 -2.52
CA GLY A 36 9.35 17.35 -1.20
C GLY A 36 8.20 17.65 -0.24
N GLU A 37 8.06 18.93 0.11
CA GLU A 37 6.99 19.36 1.02
C GLU A 37 6.69 18.30 2.07
N ASN A 38 5.41 17.95 2.21
CA ASN A 38 4.99 16.94 3.17
C ASN A 38 5.17 17.47 4.60
N SER A 39 4.04 17.84 5.22
CA SER A 39 4.09 18.35 6.58
C SER A 39 2.91 17.82 7.38
N ALA A 40 2.91 16.50 7.62
CA ALA A 40 1.83 15.88 8.38
C ALA A 40 1.98 14.35 8.34
N PRO A 41 1.36 13.66 9.27
CA PRO A 41 1.43 12.17 9.32
C PRO A 41 0.69 11.52 8.17
N VAL A 42 -0.64 11.40 8.31
CA VAL A 42 -1.47 10.80 7.27
C VAL A 42 -0.74 9.66 6.55
N GLY A 43 -0.11 8.79 7.33
CA GLY A 43 0.63 7.67 6.75
C GLY A 43 1.81 7.27 7.63
N ALA A 44 2.48 8.27 8.19
CA ALA A 44 3.63 8.01 9.05
C ALA A 44 3.27 6.99 10.13
N ALA A 45 1.99 6.91 10.46
CA ALA A 45 1.53 5.98 11.49
C ALA A 45 1.66 4.54 11.02
N ILE A 46 1.77 4.35 9.70
CA ILE A 46 1.89 3.01 9.13
C ILE A 46 3.18 2.88 8.31
N ALA A 47 3.66 4.01 7.80
CA ALA A 47 4.87 4.01 7.00
C ALA A 47 6.09 3.61 7.84
N ASN A 48 6.03 3.88 9.13
CA ASN A 48 7.13 3.55 10.03
C ASN A 48 7.03 2.11 10.48
N PHE A 49 5.82 1.57 10.40
CA PHE A 49 5.58 0.19 10.80
C PHE A 49 6.23 -0.77 9.82
N LEU A 50 6.84 -0.21 8.78
CA LEU A 50 7.52 -1.02 7.76
C LEU A 50 9.00 -0.66 7.72
N GLU A 51 9.83 -1.55 8.27
CA GLU A 51 11.27 -1.32 8.28
C GLU A 51 11.77 -0.95 6.88
N PRO A 52 12.86 -0.20 6.79
CA PRO A 52 13.40 0.23 5.46
C PRO A 52 13.78 -0.95 4.58
N GLN A 53 14.55 -1.89 5.13
CA GLN A 53 14.96 -3.06 4.38
C GLN A 53 13.72 -3.84 3.94
N ALA A 54 12.80 -4.02 4.88
CA ALA A 54 11.56 -4.73 4.59
C ALA A 54 10.77 -4.01 3.52
N LEU A 55 10.95 -2.69 3.47
CA LEU A 55 10.24 -1.87 2.49
C LEU A 55 10.67 -2.23 1.07
N GLU A 56 11.96 -2.50 0.89
CA GLU A 56 12.47 -2.86 -0.42
C GLU A 56 11.86 -4.17 -0.91
N ARG A 57 11.63 -5.09 0.02
CA ARG A 57 11.06 -6.39 -0.33
C ARG A 57 9.66 -6.22 -0.92
N LEU A 58 8.77 -5.58 -0.17
CA LEU A 58 7.40 -5.38 -0.65
C LEU A 58 7.40 -4.59 -1.95
N SER A 59 8.34 -3.65 -2.07
CA SER A 59 8.44 -2.84 -3.28
C SER A 59 8.87 -3.71 -4.47
N ARG A 60 9.82 -4.61 -4.20
CA ARG A 60 10.35 -5.49 -5.26
C ARG A 60 9.31 -6.48 -5.78
N VAL A 61 8.58 -7.13 -4.88
CA VAL A 61 7.59 -8.12 -5.29
C VAL A 61 6.41 -7.46 -6.01
N ALA A 62 5.97 -6.31 -5.50
CA ALA A 62 4.85 -5.59 -6.11
C ALA A 62 5.02 -5.47 -7.63
N LEU A 63 6.23 -5.15 -8.06
CA LEU A 63 6.51 -4.98 -9.49
C LEU A 63 6.22 -6.26 -10.26
N VAL A 64 6.14 -7.37 -9.54
CA VAL A 64 5.89 -8.67 -10.18
C VAL A 64 4.50 -9.20 -9.83
N ARG A 65 4.14 -9.13 -8.56
CA ARG A 65 2.82 -9.61 -8.12
C ARG A 65 2.17 -8.63 -7.17
N ARG A 66 1.57 -7.59 -7.73
CA ARG A 66 0.90 -6.57 -6.92
C ARG A 66 -0.23 -7.21 -6.10
N ASP A 67 -0.82 -8.26 -6.65
CA ASP A 67 -1.91 -8.95 -5.96
C ASP A 67 -1.48 -9.45 -4.59
N ARG A 68 -0.31 -10.08 -4.55
CA ARG A 68 0.21 -10.60 -3.29
C ARG A 68 0.64 -9.46 -2.38
N ALA A 69 1.25 -8.43 -2.97
CA ALA A 69 1.70 -7.27 -2.21
C ALA A 69 0.53 -6.50 -1.62
N GLN A 70 -0.60 -6.52 -2.33
CA GLN A 70 -1.78 -5.79 -1.88
C GLN A 70 -2.39 -6.44 -0.63
N ALA A 71 -2.35 -7.77 -0.59
CA ALA A 71 -2.90 -8.49 0.56
C ALA A 71 -2.06 -8.27 1.81
N VAL A 72 -0.74 -8.20 1.63
CA VAL A 72 0.15 -7.99 2.76
C VAL A 72 -0.15 -6.65 3.44
N GLU A 73 -0.33 -5.63 2.61
CA GLU A 73 -0.64 -4.30 3.10
C GLU A 73 -2.01 -4.27 3.79
N THR A 74 -2.94 -5.07 3.28
CA THR A 74 -4.28 -5.13 3.85
C THR A 74 -4.25 -5.84 5.20
N TYR A 75 -3.30 -6.75 5.37
CA TYR A 75 -3.17 -7.49 6.61
C TYR A 75 -2.78 -6.56 7.75
N LEU A 76 -1.77 -5.73 7.51
CA LEU A 76 -1.30 -4.79 8.52
C LEU A 76 -2.38 -3.77 8.87
N LYS A 77 -3.13 -3.33 7.86
CA LYS A 77 -4.17 -2.35 8.07
C LYS A 77 -5.19 -2.87 9.09
N LYS A 78 -5.57 -4.13 8.95
CA LYS A 78 -6.54 -4.74 9.86
C LYS A 78 -5.97 -4.80 11.28
N LEU A 79 -4.69 -5.10 11.40
CA LEU A 79 -4.04 -5.19 12.70
C LEU A 79 -3.94 -3.80 13.34
N ILE A 80 -3.47 -2.83 12.56
CA ILE A 80 -3.33 -1.47 13.06
C ILE A 80 -4.70 -0.83 13.30
N ALA A 81 -5.63 -1.06 12.38
CA ALA A 81 -6.97 -0.50 12.50
C ALA A 81 -7.73 -1.15 13.64
N THR A 82 -7.35 -2.39 13.99
CA THR A 82 -8.02 -3.11 15.06
C THR A 82 -7.55 -2.61 16.42
N ASN A 83 -6.33 -2.98 16.80
CA ASN A 83 -5.77 -2.56 18.07
C ASN A 83 -4.43 -3.25 18.33
N ASN A 84 -4.22 -4.39 17.67
CA ASN A 84 -2.98 -5.13 17.85
C ASN A 84 -1.77 -4.22 17.62
N VAL A 85 -1.95 -3.22 16.76
CA VAL A 85 -0.88 -2.25 16.45
C VAL A 85 0.50 -2.86 16.67
N THR A 86 1.38 -2.11 17.34
CA THR A 86 2.75 -2.56 17.65
C THR A 86 3.15 -3.81 16.87
N HIS A 87 3.10 -3.72 15.54
CA HIS A 87 3.46 -4.85 14.71
C HIS A 87 4.83 -4.65 14.06
N LYS A 88 5.14 -3.39 13.72
CA LYS A 88 6.41 -3.07 13.10
C LYS A 88 6.79 -4.14 12.07
N ILE A 89 5.99 -4.25 11.01
CA ILE A 89 6.25 -5.23 9.97
C ILE A 89 7.72 -5.19 9.56
N THR A 90 8.29 -6.38 9.35
CA THR A 90 9.69 -6.49 8.93
C THR A 90 9.77 -7.32 7.65
N GLU A 91 10.97 -7.40 7.09
CA GLU A 91 11.17 -8.16 5.86
C GLU A 91 10.67 -9.60 6.03
N ALA A 92 10.73 -10.08 7.25
CA ALA A 92 10.28 -11.45 7.55
C ALA A 92 8.76 -11.49 7.70
N GLU A 93 8.20 -10.46 8.29
CA GLU A 93 6.76 -10.40 8.50
C GLU A 93 6.03 -10.38 7.16
N ILE A 94 6.51 -9.54 6.24
CA ILE A 94 5.90 -9.45 4.92
C ILE A 94 6.02 -10.78 4.20
N VAL A 95 7.21 -11.36 4.25
CA VAL A 95 7.43 -12.65 3.63
C VAL A 95 6.47 -13.66 4.22
N SER A 96 6.26 -13.57 5.53
CA SER A 96 5.37 -14.48 6.23
C SER A 96 3.96 -14.43 5.66
N ILE A 97 3.45 -13.21 5.43
CA ILE A 97 2.11 -13.08 4.88
C ILE A 97 2.13 -13.51 3.41
N LEU A 98 3.13 -13.06 2.69
CA LEU A 98 3.27 -13.41 1.28
C LEU A 98 3.26 -14.92 1.11
N ASN A 99 3.93 -15.61 2.02
CA ASN A 99 4.00 -17.07 1.97
C ASN A 99 2.63 -17.68 2.25
N GLY A 100 1.86 -17.01 3.11
CA GLY A 100 0.52 -17.49 3.46
C GLY A 100 -0.49 -17.09 2.40
N ILE A 101 -0.27 -15.94 1.78
CA ILE A 101 -1.18 -15.44 0.75
C ILE A 101 -0.99 -16.22 -0.55
N ALA A 102 0.26 -16.59 -0.83
CA ALA A 102 0.57 -17.34 -2.04
C ALA A 102 -0.18 -18.67 -2.06
N LYS A 103 -0.46 -19.19 -0.87
CA LYS A 103 -1.17 -20.46 -0.76
C LYS A 103 -2.66 -20.26 -1.02
N GLN A 104 -3.20 -19.16 -0.53
CA GLN A 104 -4.62 -18.85 -0.71
C GLN A 104 -4.93 -18.66 -2.19
N GLN A 105 -4.25 -17.70 -2.81
CA GLN A 105 -4.47 -17.42 -4.23
C GLN A 105 -3.25 -16.75 -4.84
N ASN A 106 -3.41 -16.20 -6.04
CA ASN A 106 -2.31 -15.53 -6.72
C ASN A 106 -2.73 -15.09 -8.12
N SER A 107 -2.66 -13.80 -8.38
CA SER A 107 -3.04 -13.27 -9.68
C SER A 107 -2.17 -12.07 -10.05
N GLN A 108 -2.29 -11.60 -11.29
CA GLN A 108 -1.51 -10.46 -11.75
C GLN A 108 -2.22 -9.77 -12.91
N ASN A 109 -3.52 -10.01 -13.03
CA ASN A 109 -4.30 -9.40 -14.10
C ASN A 109 -3.94 -7.93 -14.26
N ASN A 110 -3.04 -7.64 -15.19
CA ASN A 110 -2.61 -6.26 -15.42
C ASN A 110 -2.30 -5.57 -14.11
N SER A 111 -1.97 -4.28 -14.18
CA SER A 111 -1.65 -3.51 -12.98
C SER A 111 -1.92 -2.03 -13.21
N LYS A 112 -1.91 -1.61 -14.47
CA LYS A 112 -2.15 -0.21 -14.81
C LYS A 112 -2.32 -0.05 -16.32
N ILE A 113 -2.42 -1.18 -17.02
CA ILE A 113 -2.59 -1.15 -18.46
C ILE A 113 -4.04 -1.43 -18.85
N ILE A 114 -4.93 -1.34 -17.86
CA ILE A 114 -6.35 -1.58 -18.09
C ILE A 114 -6.94 -0.47 -18.94
N PHE A 115 -6.50 0.76 -18.70
CA PHE A 115 -7.00 1.91 -19.45
C PHE A 115 -6.82 1.69 -20.95
N GLU A 116 -7.84 1.15 -21.59
CA GLU A 116 -7.79 0.90 -23.03
C GLU A 116 -6.56 0.06 -23.37
N MET A 1 -20.58 -4.66 -0.31
CA MET A 1 -21.38 -4.16 -1.46
C MET A 1 -20.55 -3.15 -2.25
N ASP A 2 -19.56 -3.63 -2.98
CA ASP A 2 -18.70 -2.76 -3.77
C ASP A 2 -18.19 -1.60 -2.92
N PRO A 3 -17.49 -1.90 -1.86
CA PRO A 3 -16.93 -0.85 -0.94
C PRO A 3 -15.77 -0.10 -1.58
N GLU A 4 -15.05 -0.77 -2.48
CA GLU A 4 -13.91 -0.16 -3.15
C GLU A 4 -14.32 1.18 -3.78
N LEU A 5 -15.57 1.26 -4.22
CA LEU A 5 -16.07 2.48 -4.84
C LEU A 5 -15.89 3.67 -3.90
N GLN A 6 -16.30 3.49 -2.65
CA GLN A 6 -16.17 4.56 -1.67
C GLN A 6 -14.71 4.93 -1.46
N CYS A 7 -13.85 3.92 -1.35
CA CYS A 7 -12.43 4.17 -1.15
C CYS A 7 -11.81 4.77 -2.41
N ILE A 8 -12.31 4.37 -3.57
CA ILE A 8 -11.80 4.88 -4.84
C ILE A 8 -12.19 6.34 -5.02
N ARG A 9 -13.39 6.69 -4.55
CA ARG A 9 -13.87 8.07 -4.67
C ARG A 9 -12.99 9.00 -3.86
N GLU A 10 -12.46 8.51 -2.75
CA GLU A 10 -11.60 9.32 -1.89
C GLU A 10 -10.25 9.55 -2.56
N CYS A 11 -9.65 8.48 -3.07
CA CYS A 11 -8.36 8.58 -3.73
C CYS A 11 -8.34 9.74 -4.70
N ARG A 12 -9.46 9.95 -5.40
CA ARG A 12 -9.55 11.03 -6.37
C ARG A 12 -9.53 12.39 -5.66
N LEU A 13 -10.32 12.51 -4.61
CA LEU A 13 -10.38 13.76 -3.85
C LEU A 13 -9.02 14.07 -3.24
N ALA A 14 -8.29 13.02 -2.86
CA ALA A 14 -6.97 13.20 -2.27
C ALA A 14 -5.93 13.49 -3.35
N GLN A 15 -6.17 12.98 -4.54
CA GLN A 15 -5.24 13.19 -5.66
C GLN A 15 -5.43 14.60 -6.24
N LEU A 16 -6.66 14.90 -6.64
CA LEU A 16 -6.97 16.20 -7.22
C LEU A 16 -7.66 17.09 -6.19
N LYS A 17 -8.06 18.28 -6.62
CA LYS A 17 -8.74 19.22 -5.73
C LYS A 17 -8.03 19.28 -4.38
N ASN A 18 -7.14 20.26 -4.23
CA ASN A 18 -6.40 20.41 -2.98
C ASN A 18 -7.36 20.39 -1.79
N ASN A 19 -6.79 20.22 -0.59
CA ASN A 19 -7.60 20.18 0.62
C ASN A 19 -8.63 19.04 0.54
N SER A 20 -9.62 19.10 1.43
CA SER A 20 -10.65 18.06 1.45
C SER A 20 -12.03 18.70 1.67
N GLY A 21 -12.15 19.48 2.74
CA GLY A 21 -13.42 20.14 3.05
C GLY A 21 -14.43 19.14 3.60
N GLY A 22 -14.65 19.19 4.91
CA GLY A 22 -15.61 18.29 5.55
C GLY A 22 -15.02 16.90 5.68
N THR A 23 -15.87 15.90 5.45
CA THR A 23 -15.44 14.51 5.55
C THR A 23 -14.86 14.22 6.93
N ASN A 24 -15.74 14.02 7.91
CA ASN A 24 -15.31 13.73 9.26
C ASN A 24 -14.12 14.60 9.65
N GLY A 25 -13.09 13.97 10.22
CA GLY A 25 -11.89 14.70 10.62
C GLY A 25 -10.81 14.61 9.55
N ASP A 26 -10.18 15.74 9.25
CA ASP A 26 -9.12 15.76 8.25
C ASP A 26 -8.28 17.03 8.40
N ARG A 27 -8.87 18.06 9.00
CA ARG A 27 -8.16 19.32 9.20
C ARG A 27 -7.19 19.21 10.37
N ASN A 28 -6.39 20.26 10.56
CA ASN A 28 -5.42 20.26 11.65
C ASN A 28 -4.73 18.92 11.77
N SER A 29 -5.12 18.15 12.80
CA SER A 29 -4.53 16.83 13.01
C SER A 29 -3.03 16.83 12.71
N GLY A 30 -2.33 17.82 13.25
CA GLY A 30 -0.90 17.93 13.03
C GLY A 30 -0.41 19.35 13.27
N ALA A 31 -1.16 20.33 12.76
CA ALA A 31 -0.80 21.73 12.93
C ALA A 31 0.70 21.92 12.73
N ASN A 32 1.29 21.09 11.87
CA ASN A 32 2.72 21.19 11.60
C ASN A 32 3.05 20.54 10.26
N ASN A 33 3.26 21.38 9.25
CA ASN A 33 3.58 20.89 7.91
C ASN A 33 5.00 20.33 7.87
N GLY A 34 5.97 21.18 8.18
CA GLY A 34 7.37 20.76 8.19
C GLY A 34 7.85 20.45 9.60
N GLY A 35 8.72 19.47 9.73
CA GLY A 35 9.25 19.08 11.03
C GLY A 35 10.75 18.80 10.95
N GLY A 36 11.29 18.22 12.02
CA GLY A 36 12.72 17.90 12.05
C GLY A 36 13.07 16.89 10.98
N GLU A 37 13.07 15.61 11.34
CA GLU A 37 13.39 14.55 10.39
C GLU A 37 12.31 14.42 9.34
N ASN A 38 12.25 15.38 8.42
CA ASN A 38 11.26 15.36 7.36
C ASN A 38 9.86 15.21 7.94
N SER A 39 8.85 15.37 7.08
CA SER A 39 7.46 15.26 7.53
C SER A 39 6.58 14.78 6.37
N ALA A 40 5.45 14.16 6.72
CA ALA A 40 4.53 13.66 5.71
C ALA A 40 3.46 12.78 6.34
N PRO A 41 2.50 13.39 6.99
CA PRO A 41 1.38 12.66 7.66
C PRO A 41 0.62 11.75 6.68
N VAL A 42 -0.69 11.65 6.87
CA VAL A 42 -1.55 10.82 6.02
C VAL A 42 -0.80 9.61 5.48
N GLY A 43 -0.15 8.86 6.37
CA GLY A 43 0.59 7.68 5.95
C GLY A 43 1.73 7.38 6.92
N ALA A 44 2.44 8.41 7.34
CA ALA A 44 3.55 8.23 8.28
C ALA A 44 3.12 7.39 9.47
N ALA A 45 1.82 7.39 9.75
CA ALA A 45 1.29 6.64 10.87
C ALA A 45 1.40 5.13 10.63
N ILE A 46 1.44 4.74 9.35
CA ILE A 46 1.54 3.33 9.00
C ILE A 46 2.84 3.05 8.25
N ALA A 47 3.39 4.07 7.59
CA ALA A 47 4.64 3.91 6.85
C ALA A 47 5.79 3.61 7.79
N ASN A 48 5.63 3.97 9.06
CA ASN A 48 6.67 3.73 10.05
C ASN A 48 6.58 2.32 10.60
N PHE A 49 5.47 1.65 10.30
CA PHE A 49 5.25 0.30 10.77
C PHE A 49 5.85 -0.71 9.80
N LEU A 50 6.80 -0.26 9.00
CA LEU A 50 7.47 -1.12 8.03
C LEU A 50 8.97 -0.81 8.00
N GLU A 51 9.77 -1.74 8.50
CA GLU A 51 11.23 -1.55 8.54
C GLU A 51 11.74 -0.98 7.22
N PRO A 52 12.84 -0.26 7.23
CA PRO A 52 13.44 0.34 6.00
C PRO A 52 13.85 -0.71 4.98
N GLN A 53 14.67 -1.67 5.41
CA GLN A 53 15.12 -2.73 4.52
C GLN A 53 13.92 -3.53 4.01
N ALA A 54 13.03 -3.89 4.93
CA ALA A 54 11.83 -4.63 4.56
C ALA A 54 10.99 -3.82 3.59
N LEU A 55 11.09 -2.50 3.71
CA LEU A 55 10.32 -1.61 2.83
C LEU A 55 10.69 -1.88 1.38
N GLU A 56 11.99 -2.06 1.12
CA GLU A 56 12.46 -2.34 -0.22
C GLU A 56 11.83 -3.62 -0.76
N ARG A 57 11.64 -4.59 0.13
CA ARG A 57 11.05 -5.86 -0.26
C ARG A 57 9.66 -5.66 -0.84
N LEU A 58 8.84 -4.85 -0.17
CA LEU A 58 7.49 -4.58 -0.65
C LEU A 58 7.53 -4.03 -2.07
N SER A 59 8.35 -3.01 -2.27
CA SER A 59 8.47 -2.42 -3.59
C SER A 59 8.93 -3.47 -4.59
N ARG A 60 9.80 -4.37 -4.13
CA ARG A 60 10.34 -5.42 -5.00
C ARG A 60 9.27 -6.44 -5.40
N VAL A 61 8.48 -6.92 -4.44
CA VAL A 61 7.46 -7.92 -4.76
C VAL A 61 6.33 -7.31 -5.59
N ALA A 62 5.90 -6.11 -5.22
CA ALA A 62 4.83 -5.43 -5.94
C ALA A 62 5.06 -5.47 -7.45
N LEU A 63 6.33 -5.37 -7.85
CA LEU A 63 6.67 -5.38 -9.27
C LEU A 63 6.42 -6.76 -9.89
N VAL A 64 6.40 -7.79 -9.06
CA VAL A 64 6.18 -9.15 -9.55
C VAL A 64 4.76 -9.63 -9.27
N ARG A 65 4.35 -9.56 -8.00
CA ARG A 65 3.01 -10.01 -7.62
C ARG A 65 2.29 -8.97 -6.77
N ARG A 66 1.69 -7.99 -7.43
CA ARG A 66 0.96 -6.94 -6.74
C ARG A 66 -0.19 -7.55 -5.93
N ASP A 67 -0.74 -8.65 -6.43
CA ASP A 67 -1.86 -9.32 -5.76
C ASP A 67 -1.49 -9.68 -4.33
N ARG A 68 -0.32 -10.27 -4.15
CA ARG A 68 0.14 -10.66 -2.82
C ARG A 68 0.50 -9.41 -2.01
N ALA A 69 1.10 -8.45 -2.68
CA ALA A 69 1.53 -7.20 -2.04
C ALA A 69 0.34 -6.42 -1.46
N GLN A 70 -0.80 -6.50 -2.11
CA GLN A 70 -1.98 -5.77 -1.64
C GLN A 70 -2.57 -6.42 -0.40
N ALA A 71 -2.49 -7.74 -0.31
CA ALA A 71 -3.03 -8.45 0.83
C ALA A 71 -2.10 -8.31 2.05
N VAL A 72 -0.80 -8.16 1.79
CA VAL A 72 0.18 -8.02 2.87
C VAL A 72 0.01 -6.69 3.59
N GLU A 73 -0.07 -5.61 2.83
CA GLU A 73 -0.23 -4.29 3.41
C GLU A 73 -1.61 -4.16 4.04
N THR A 74 -2.60 -4.81 3.44
CA THR A 74 -3.96 -4.76 3.96
C THR A 74 -4.05 -5.52 5.27
N TYR A 75 -3.19 -6.53 5.42
CA TYR A 75 -3.17 -7.32 6.64
C TYR A 75 -2.72 -6.48 7.82
N LEU A 76 -1.62 -5.74 7.63
CA LEU A 76 -1.11 -4.88 8.70
C LEU A 76 -2.11 -3.78 9.02
N LYS A 77 -2.71 -3.22 7.99
CA LYS A 77 -3.69 -2.15 8.17
C LYS A 77 -4.86 -2.65 9.01
N LYS A 78 -5.19 -3.93 8.86
CA LYS A 78 -6.28 -4.52 9.62
C LYS A 78 -5.96 -4.51 11.12
N LEU A 79 -4.74 -4.90 11.45
CA LEU A 79 -4.31 -4.92 12.85
C LEU A 79 -4.17 -3.50 13.38
N ILE A 80 -3.56 -2.63 12.59
CA ILE A 80 -3.36 -1.24 13.01
C ILE A 80 -4.69 -0.49 13.06
N ALA A 81 -5.52 -0.68 12.04
CA ALA A 81 -6.82 0.00 11.99
C ALA A 81 -7.77 -0.59 13.02
N THR A 82 -7.72 -1.89 13.21
CA THR A 82 -8.59 -2.54 14.17
C THR A 82 -8.04 -2.39 15.59
N ASN A 83 -7.07 -3.24 15.95
CA ASN A 83 -6.46 -3.20 17.27
C ASN A 83 -5.69 -4.49 17.54
N ASN A 84 -4.40 -4.48 17.25
CA ASN A 84 -3.58 -5.67 17.46
C ASN A 84 -2.10 -5.36 17.26
N VAL A 85 -1.81 -4.54 16.27
CA VAL A 85 -0.44 -4.16 15.96
C VAL A 85 0.36 -3.96 17.24
N THR A 86 1.67 -4.12 17.14
CA THR A 86 2.54 -3.95 18.30
C THR A 86 4.00 -4.00 17.87
N HIS A 87 4.23 -4.25 16.58
CA HIS A 87 5.60 -4.33 16.06
C HIS A 87 5.66 -3.79 14.63
N LYS A 88 6.86 -3.46 14.19
CA LYS A 88 7.06 -2.93 12.84
C LYS A 88 7.34 -4.08 11.87
N ILE A 89 6.42 -4.29 10.94
CA ILE A 89 6.58 -5.36 9.96
C ILE A 89 8.01 -5.38 9.43
N THR A 90 8.52 -6.58 9.18
CA THR A 90 9.87 -6.76 8.67
C THR A 90 9.84 -7.51 7.35
N GLU A 91 11.01 -7.66 6.74
CA GLU A 91 11.13 -8.37 5.47
C GLU A 91 10.64 -9.80 5.63
N ALA A 92 10.82 -10.32 6.84
CA ALA A 92 10.40 -11.69 7.14
C ALA A 92 8.89 -11.76 7.31
N GLU A 93 8.32 -10.68 7.81
CA GLU A 93 6.88 -10.63 8.02
C GLU A 93 6.15 -10.45 6.69
N ILE A 94 6.73 -9.63 5.81
CA ILE A 94 6.11 -9.37 4.52
C ILE A 94 6.15 -10.63 3.65
N VAL A 95 7.31 -11.28 3.60
CA VAL A 95 7.46 -12.49 2.81
C VAL A 95 6.64 -13.62 3.43
N SER A 96 6.67 -13.67 4.76
CA SER A 96 5.96 -14.71 5.50
C SER A 96 4.46 -14.67 5.19
N ILE A 97 3.88 -13.48 5.20
CA ILE A 97 2.46 -13.33 4.91
C ILE A 97 2.21 -13.57 3.42
N LEU A 98 3.14 -13.09 2.59
CA LEU A 98 3.02 -13.26 1.15
C LEU A 98 2.84 -14.73 0.80
N ASN A 99 3.68 -15.58 1.38
CA ASN A 99 3.60 -17.01 1.14
C ASN A 99 2.30 -17.58 1.67
N GLY A 100 1.80 -17.01 2.76
CA GLY A 100 0.55 -17.47 3.36
C GLY A 100 -0.64 -17.09 2.49
N ILE A 101 -0.55 -15.94 1.82
CA ILE A 101 -1.62 -15.47 0.96
C ILE A 101 -1.64 -16.26 -0.36
N ALA A 102 -0.45 -16.62 -0.83
CA ALA A 102 -0.34 -17.36 -2.08
C ALA A 102 -1.06 -18.71 -1.95
N LYS A 103 -1.11 -19.24 -0.73
CA LYS A 103 -1.77 -20.51 -0.48
C LYS A 103 -3.28 -20.33 -0.45
N GLN A 104 -3.73 -19.28 0.23
CA GLN A 104 -5.16 -19.01 0.34
C GLN A 104 -5.77 -18.76 -1.04
N GLN A 105 -5.23 -17.77 -1.75
CA GLN A 105 -5.73 -17.45 -3.08
C GLN A 105 -4.57 -17.03 -3.99
N ASN A 106 -4.74 -17.26 -5.28
CA ASN A 106 -3.70 -16.91 -6.25
C ASN A 106 -4.34 -16.37 -7.53
N SER A 107 -5.62 -16.04 -7.46
CA SER A 107 -6.34 -15.52 -8.62
C SER A 107 -6.18 -14.01 -8.71
N GLN A 108 -7.03 -13.38 -9.51
CA GLN A 108 -6.96 -11.92 -9.68
C GLN A 108 -5.64 -11.51 -10.33
N ASN A 109 -5.74 -10.97 -11.55
CA ASN A 109 -4.55 -10.53 -12.27
C ASN A 109 -4.74 -9.11 -12.79
N ASN A 110 -3.71 -8.59 -13.46
CA ASN A 110 -3.77 -7.24 -14.00
C ASN A 110 -4.21 -7.28 -15.47
N SER A 111 -3.40 -7.90 -16.32
CA SER A 111 -3.73 -7.99 -17.73
C SER A 111 -3.90 -6.61 -18.33
N LYS A 112 -3.27 -5.61 -17.71
CA LYS A 112 -3.38 -4.24 -18.20
C LYS A 112 -2.39 -3.35 -17.46
N ILE A 113 -2.50 -3.29 -16.13
CA ILE A 113 -1.61 -2.47 -15.32
C ILE A 113 -0.27 -3.16 -15.15
N ILE A 114 0.01 -4.14 -16.01
CA ILE A 114 1.27 -4.86 -15.94
C ILE A 114 2.44 -3.96 -16.33
N PHE A 115 2.14 -2.92 -17.10
CA PHE A 115 3.17 -1.99 -17.55
C PHE A 115 3.72 -1.20 -16.36
N GLU A 116 2.87 -0.95 -15.37
CA GLU A 116 3.28 -0.20 -14.19
C GLU A 116 2.70 -0.82 -12.93
N MET A 1 -18.10 -9.03 -0.63
CA MET A 1 -16.80 -8.46 -0.18
C MET A 1 -16.22 -7.61 -1.30
N ASP A 2 -16.63 -6.35 -1.36
CA ASP A 2 -16.14 -5.44 -2.40
C ASP A 2 -15.99 -4.02 -1.84
N PRO A 3 -15.18 -3.86 -0.84
CA PRO A 3 -14.94 -2.52 -0.21
C PRO A 3 -14.09 -1.61 -1.08
N GLU A 4 -13.40 -2.20 -2.05
CA GLU A 4 -12.55 -1.43 -2.95
C GLU A 4 -13.32 -0.25 -3.54
N LEU A 5 -14.63 -0.42 -3.70
CA LEU A 5 -15.47 0.63 -4.24
C LEU A 5 -15.31 1.92 -3.44
N GLN A 6 -15.37 1.80 -2.11
CA GLN A 6 -15.24 2.95 -1.23
C GLN A 6 -13.83 3.54 -1.34
N CYS A 7 -12.82 2.68 -1.18
CA CYS A 7 -11.44 3.12 -1.27
C CYS A 7 -11.16 3.75 -2.63
N ILE A 8 -11.83 3.23 -3.65
CA ILE A 8 -11.66 3.76 -5.01
C ILE A 8 -12.28 5.14 -5.13
N ARG A 9 -13.44 5.32 -4.52
CA ARG A 9 -14.13 6.59 -4.57
C ARG A 9 -13.33 7.67 -3.84
N GLU A 10 -12.65 7.28 -2.77
CA GLU A 10 -11.86 8.22 -1.99
C GLU A 10 -10.65 8.69 -2.81
N CYS A 11 -10.10 7.79 -3.60
CA CYS A 11 -8.93 8.13 -4.43
C CYS A 11 -9.37 8.83 -5.71
N ARG A 12 -10.54 8.43 -6.23
CA ARG A 12 -11.05 9.02 -7.46
C ARG A 12 -11.17 10.54 -7.32
N LEU A 13 -11.51 10.99 -6.11
CA LEU A 13 -11.65 12.42 -5.87
C LEU A 13 -10.30 13.12 -5.92
N ALA A 14 -9.33 12.59 -5.17
CA ALA A 14 -8.00 13.18 -5.14
C ALA A 14 -7.33 13.05 -6.51
N GLN A 15 -7.62 11.96 -7.20
CA GLN A 15 -7.04 11.73 -8.52
C GLN A 15 -7.58 12.74 -9.53
N LEU A 16 -8.76 13.28 -9.24
CA LEU A 16 -9.39 14.25 -10.13
C LEU A 16 -8.70 15.61 -10.01
N LYS A 17 -8.64 16.35 -11.12
CA LYS A 17 -8.01 17.66 -11.13
C LYS A 17 -6.58 17.57 -10.62
N ASN A 18 -5.72 16.95 -11.41
CA ASN A 18 -4.31 16.80 -11.04
C ASN A 18 -3.44 17.76 -11.87
N ASN A 19 -2.15 17.45 -11.94
CA ASN A 19 -1.22 18.28 -12.70
C ASN A 19 -0.10 17.42 -13.28
N SER A 20 0.56 16.65 -12.42
CA SER A 20 1.66 15.80 -12.86
C SER A 20 2.89 16.63 -13.19
N GLY A 21 3.87 16.60 -12.28
CA GLY A 21 5.10 17.37 -12.48
C GLY A 21 5.05 18.69 -11.73
N GLY A 22 6.13 18.99 -11.00
CA GLY A 22 6.19 20.23 -10.24
C GLY A 22 5.23 20.20 -9.07
N THR A 23 5.54 21.01 -8.05
CA THR A 23 4.70 21.07 -6.86
C THR A 23 4.52 19.69 -6.26
N ASN A 24 3.52 19.54 -5.39
CA ASN A 24 3.25 18.27 -4.75
C ASN A 24 4.55 17.60 -4.33
N GLY A 25 4.64 16.30 -4.57
CA GLY A 25 5.84 15.54 -4.21
C GLY A 25 6.21 14.55 -5.32
N ASP A 26 6.50 15.08 -6.50
CA ASP A 26 6.87 14.23 -7.63
C ASP A 26 7.57 15.05 -8.71
N ARG A 27 8.74 15.58 -8.37
CA ARG A 27 9.50 16.38 -9.32
C ARG A 27 10.22 15.48 -10.33
N ASN A 28 11.41 15.02 -9.96
CA ASN A 28 12.19 14.15 -10.84
C ASN A 28 12.98 13.14 -10.03
N SER A 29 13.65 12.22 -10.73
CA SER A 29 14.44 11.20 -10.06
C SER A 29 13.75 10.70 -8.81
N GLY A 30 12.94 9.66 -8.95
CA GLY A 30 12.22 9.09 -7.81
C GLY A 30 13.15 8.89 -6.63
N ALA A 31 12.57 8.57 -5.47
CA ALA A 31 13.36 8.35 -4.27
C ALA A 31 14.39 7.26 -4.50
N ASN A 32 15.67 7.65 -4.52
CA ASN A 32 16.75 6.70 -4.74
C ASN A 32 17.11 6.00 -3.43
N ASN A 33 18.10 6.55 -2.73
CA ASN A 33 18.54 5.98 -1.47
C ASN A 33 17.83 6.64 -0.29
N GLY A 34 18.08 6.15 0.91
CA GLY A 34 17.45 6.71 2.10
C GLY A 34 18.43 7.61 2.86
N GLY A 35 18.37 7.54 4.19
CA GLY A 35 19.25 8.35 5.03
C GLY A 35 18.54 9.61 5.50
N GLY A 36 18.01 9.55 6.71
CA GLY A 36 17.31 10.70 7.28
C GLY A 36 16.03 10.99 6.51
N GLU A 37 16.07 12.05 5.71
CA GLU A 37 14.92 12.45 4.90
C GLU A 37 13.61 12.15 5.63
N ASN A 38 13.11 13.15 6.37
CA ASN A 38 11.86 12.97 7.11
C ASN A 38 10.67 13.11 6.18
N SER A 39 9.47 13.03 6.76
CA SER A 39 8.24 13.15 5.97
C SER A 39 7.23 14.04 6.69
N ALA A 40 6.17 13.42 7.21
CA ALA A 40 5.12 14.17 7.91
C ALA A 40 4.00 13.22 8.34
N PRO A 41 3.04 13.69 9.09
CA PRO A 41 1.89 12.85 9.55
C PRO A 41 1.16 12.17 8.40
N VAL A 42 -0.16 12.03 8.53
CA VAL A 42 -0.98 11.40 7.50
C VAL A 42 -0.24 10.26 6.81
N GLY A 43 0.41 9.42 7.62
CA GLY A 43 1.16 8.29 7.06
C GLY A 43 2.23 7.82 8.02
N ALA A 44 2.90 8.76 8.68
CA ALA A 44 3.95 8.42 9.63
C ALA A 44 3.45 7.37 10.61
N ALA A 45 2.14 7.34 10.81
CA ALA A 45 1.54 6.38 11.74
C ALA A 45 1.72 4.95 11.25
N ILE A 46 1.81 4.77 9.92
CA ILE A 46 1.98 3.44 9.34
C ILE A 46 3.32 3.31 8.63
N ALA A 47 3.86 4.44 8.18
CA ALA A 47 5.14 4.43 7.49
C ALA A 47 6.27 4.00 8.43
N ASN A 48 6.06 4.25 9.73
CA ASN A 48 7.05 3.88 10.72
C ASN A 48 6.89 2.42 11.10
N PHE A 49 5.84 1.80 10.58
CA PHE A 49 5.57 0.40 10.86
C PHE A 49 6.11 -0.49 9.72
N LEU A 50 6.82 0.14 8.79
CA LEU A 50 7.38 -0.58 7.66
C LEU A 50 8.88 -0.29 7.57
N GLU A 51 9.70 -1.22 8.06
CA GLU A 51 11.15 -1.06 8.05
C GLU A 51 11.63 -0.63 6.66
N PRO A 52 12.74 0.08 6.59
CA PRO A 52 13.32 0.58 5.30
C PRO A 52 13.72 -0.57 4.37
N GLN A 53 14.57 -1.47 4.85
CA GLN A 53 15.02 -2.59 4.04
C GLN A 53 13.83 -3.46 3.63
N ALA A 54 12.97 -3.74 4.59
CA ALA A 54 11.79 -4.55 4.33
C ALA A 54 10.91 -3.85 3.30
N LEU A 55 10.98 -2.53 3.27
CA LEU A 55 10.19 -1.75 2.33
C LEU A 55 10.56 -2.12 0.89
N GLU A 56 11.84 -2.40 0.68
CA GLU A 56 12.33 -2.77 -0.64
C GLU A 56 11.76 -4.13 -1.05
N ARG A 57 11.63 -5.02 -0.07
CA ARG A 57 11.11 -6.35 -0.34
C ARG A 57 9.72 -6.28 -0.96
N LEU A 58 8.79 -5.62 -0.28
CA LEU A 58 7.43 -5.50 -0.79
C LEU A 58 7.44 -4.82 -2.15
N SER A 59 8.39 -3.91 -2.34
CA SER A 59 8.51 -3.20 -3.60
C SER A 59 8.94 -4.15 -4.72
N ARG A 60 9.88 -5.04 -4.40
CA ARG A 60 10.41 -6.00 -5.38
C ARG A 60 9.36 -7.03 -5.81
N VAL A 61 8.64 -7.60 -4.85
CA VAL A 61 7.63 -8.61 -5.17
C VAL A 61 6.47 -7.99 -5.94
N ALA A 62 6.04 -6.81 -5.50
CA ALA A 62 4.93 -6.13 -6.14
C ALA A 62 5.17 -5.98 -7.64
N LEU A 63 6.44 -5.76 -8.02
CA LEU A 63 6.78 -5.59 -9.44
C LEU A 63 6.44 -6.84 -10.22
N VAL A 64 6.30 -7.96 -9.51
CA VAL A 64 5.99 -9.23 -10.15
C VAL A 64 4.57 -9.69 -9.83
N ARG A 65 4.18 -9.60 -8.56
CA ARG A 65 2.82 -10.02 -8.16
C ARG A 65 2.21 -9.01 -7.19
N ARG A 66 1.65 -7.95 -7.75
CA ARG A 66 1.02 -6.90 -6.95
C ARG A 66 -0.15 -7.46 -6.14
N ASP A 67 -0.81 -8.48 -6.66
CA ASP A 67 -1.96 -9.07 -5.98
C ASP A 67 -1.60 -9.50 -4.56
N ARG A 68 -0.48 -10.19 -4.40
CA ARG A 68 -0.06 -10.65 -3.08
C ARG A 68 0.44 -9.48 -2.23
N ALA A 69 1.11 -8.53 -2.89
CA ALA A 69 1.65 -7.37 -2.20
C ALA A 69 0.56 -6.52 -1.55
N GLN A 70 -0.59 -6.41 -2.21
CA GLN A 70 -1.68 -5.61 -1.69
C GLN A 70 -2.31 -6.28 -0.47
N ALA A 71 -2.34 -7.61 -0.48
CA ALA A 71 -2.91 -8.35 0.63
C ALA A 71 -2.11 -8.10 1.90
N VAL A 72 -0.79 -7.99 1.75
CA VAL A 72 0.08 -7.73 2.89
C VAL A 72 -0.23 -6.37 3.49
N GLU A 73 -0.33 -5.38 2.62
CA GLU A 73 -0.64 -4.02 3.05
C GLU A 73 -1.94 -3.98 3.84
N THR A 74 -2.88 -4.85 3.45
CA THR A 74 -4.18 -4.91 4.11
C THR A 74 -4.05 -5.60 5.47
N TYR A 75 -3.10 -6.51 5.60
CA TYR A 75 -2.89 -7.23 6.85
C TYR A 75 -2.53 -6.26 7.97
N LEU A 76 -1.57 -5.38 7.69
CA LEU A 76 -1.12 -4.40 8.67
C LEU A 76 -2.21 -3.36 8.95
N LYS A 77 -2.86 -2.89 7.89
CA LYS A 77 -3.90 -1.88 8.04
C LYS A 77 -5.00 -2.40 8.95
N LYS A 78 -5.37 -3.67 8.78
CA LYS A 78 -6.41 -4.26 9.61
C LYS A 78 -5.94 -4.42 11.05
N LEU A 79 -4.67 -4.79 11.21
CA LEU A 79 -4.10 -4.96 12.54
C LEU A 79 -3.97 -3.62 13.26
N ILE A 80 -3.43 -2.62 12.57
CA ILE A 80 -3.27 -1.31 13.17
C ILE A 80 -4.62 -0.64 13.38
N ALA A 81 -5.48 -0.73 12.38
CA ALA A 81 -6.81 -0.14 12.46
C ALA A 81 -7.65 -0.83 13.53
N THR A 82 -7.33 -2.08 13.82
CA THR A 82 -8.07 -2.83 14.83
C THR A 82 -7.62 -2.43 16.23
N ASN A 83 -6.51 -2.99 16.69
CA ASN A 83 -5.99 -2.68 18.02
C ASN A 83 -4.85 -3.63 18.40
N ASN A 84 -4.84 -4.80 17.79
CA ASN A 84 -3.81 -5.79 18.09
C ASN A 84 -2.43 -5.27 17.75
N VAL A 85 -2.37 -4.43 16.72
CA VAL A 85 -1.10 -3.83 16.27
C VAL A 85 0.06 -4.79 16.52
N THR A 86 0.12 -5.85 15.72
CA THR A 86 1.19 -6.84 15.87
C THR A 86 2.52 -6.16 16.16
N HIS A 87 2.98 -5.33 15.22
CA HIS A 87 4.25 -4.62 15.38
C HIS A 87 4.66 -3.97 14.05
N LYS A 88 5.83 -3.34 14.05
CA LYS A 88 6.34 -2.70 12.85
C LYS A 88 6.75 -3.75 11.82
N ILE A 89 5.97 -3.88 10.76
CA ILE A 89 6.26 -4.86 9.72
C ILE A 89 7.75 -4.88 9.41
N THR A 90 8.24 -6.05 9.01
CA THR A 90 9.65 -6.22 8.67
C THR A 90 9.77 -7.11 7.43
N GLU A 91 11.00 -7.30 6.96
CA GLU A 91 11.24 -8.13 5.80
C GLU A 91 10.71 -9.54 6.04
N ALA A 92 10.74 -9.95 7.31
CA ALA A 92 10.28 -11.28 7.69
C ALA A 92 8.76 -11.32 7.79
N GLU A 93 8.17 -10.19 8.19
CA GLU A 93 6.73 -10.12 8.33
C GLU A 93 6.05 -10.05 6.95
N ILE A 94 6.60 -9.22 6.07
CA ILE A 94 6.04 -9.06 4.73
C ILE A 94 6.13 -10.37 3.96
N VAL A 95 7.29 -11.00 4.01
CA VAL A 95 7.50 -12.26 3.33
C VAL A 95 6.66 -13.37 3.98
N SER A 96 6.61 -13.32 5.31
CA SER A 96 5.86 -14.32 6.06
C SER A 96 4.38 -14.33 5.66
N ILE A 97 3.79 -13.16 5.56
CA ILE A 97 2.38 -13.06 5.18
C ILE A 97 2.23 -13.44 3.71
N LEU A 98 3.19 -13.02 2.90
CA LEU A 98 3.16 -13.32 1.47
C LEU A 98 3.06 -14.83 1.24
N ASN A 99 3.91 -15.58 1.92
CA ASN A 99 3.91 -17.03 1.79
C ASN A 99 2.54 -17.59 2.15
N GLY A 100 1.87 -16.95 3.10
CA GLY A 100 0.55 -17.39 3.53
C GLY A 100 -0.51 -16.97 2.53
N ILE A 101 -0.28 -15.84 1.87
CA ILE A 101 -1.23 -15.32 0.89
C ILE A 101 -1.15 -16.12 -0.41
N ALA A 102 0.05 -16.55 -0.76
CA ALA A 102 0.25 -17.32 -1.99
C ALA A 102 -0.40 -18.70 -1.86
N LYS A 103 -0.57 -19.17 -0.63
CA LYS A 103 -1.18 -20.47 -0.39
C LYS A 103 -2.71 -20.39 -0.55
N GLN A 104 -3.31 -19.37 0.05
CA GLN A 104 -4.75 -19.19 -0.03
C GLN A 104 -5.15 -18.55 -1.35
N GLN A 105 -4.36 -17.58 -1.80
CA GLN A 105 -4.64 -16.88 -3.05
C GLN A 105 -3.67 -17.35 -4.13
N ASN A 106 -4.15 -18.21 -5.02
CA ASN A 106 -3.32 -18.72 -6.11
C ASN A 106 -3.55 -17.92 -7.38
N SER A 107 -4.78 -17.44 -7.56
CA SER A 107 -5.12 -16.65 -8.74
C SER A 107 -6.39 -15.83 -8.49
N GLN A 108 -6.41 -14.61 -9.03
CA GLN A 108 -7.56 -13.74 -8.87
C GLN A 108 -7.71 -12.81 -10.07
N ASN A 109 -8.96 -12.60 -10.49
CA ASN A 109 -9.22 -11.74 -11.64
C ASN A 109 -8.63 -10.35 -11.41
N ASN A 110 -8.23 -9.69 -12.49
CA ASN A 110 -7.65 -8.36 -12.40
C ASN A 110 -8.04 -7.52 -13.60
N SER A 111 -8.92 -8.06 -14.44
CA SER A 111 -9.39 -7.34 -15.62
C SER A 111 -10.37 -6.24 -15.24
N LYS A 112 -10.19 -5.06 -15.84
CA LYS A 112 -11.06 -3.92 -15.57
C LYS A 112 -10.57 -3.16 -14.34
N ILE A 113 -9.32 -3.39 -13.96
CA ILE A 113 -8.75 -2.71 -12.80
C ILE A 113 -7.31 -2.28 -13.10
N ILE A 114 -6.74 -2.82 -14.17
CA ILE A 114 -5.37 -2.48 -14.56
C ILE A 114 -5.31 -1.04 -15.05
N PHE A 115 -6.44 -0.51 -15.48
CA PHE A 115 -6.50 0.86 -15.99
C PHE A 115 -5.81 1.81 -15.01
N GLU A 116 -4.55 2.14 -15.29
CA GLU A 116 -3.79 3.04 -14.43
C GLU A 116 -4.60 4.29 -14.13
N MET A 1 -16.72 -3.04 9.62
CA MET A 1 -17.66 -1.89 9.79
C MET A 1 -17.42 -0.86 8.68
N ASP A 2 -18.04 -1.10 7.53
CA ASP A 2 -17.89 -0.19 6.39
C ASP A 2 -16.42 0.13 6.16
N PRO A 3 -15.63 -0.88 5.89
CA PRO A 3 -14.17 -0.70 5.63
C PRO A 3 -13.89 -0.09 4.26
N GLU A 4 -14.69 -0.47 3.27
CA GLU A 4 -14.52 0.06 1.92
C GLU A 4 -14.67 1.57 1.92
N LEU A 5 -15.76 2.05 2.51
CA LEU A 5 -16.01 3.49 2.56
C LEU A 5 -14.95 4.20 3.39
N GLN A 6 -14.37 3.48 4.34
CA GLN A 6 -13.33 4.04 5.20
C GLN A 6 -12.09 4.36 4.38
N CYS A 7 -11.85 3.58 3.33
CA CYS A 7 -10.68 3.79 2.48
C CYS A 7 -10.93 4.90 1.46
N ILE A 8 -12.03 4.78 0.72
CA ILE A 8 -12.37 5.78 -0.29
C ILE A 8 -12.52 7.16 0.34
N ARG A 9 -13.00 7.19 1.57
CA ARG A 9 -13.19 8.45 2.28
C ARG A 9 -11.85 9.10 2.60
N GLU A 10 -10.83 8.27 2.83
CA GLU A 10 -9.50 8.77 3.14
C GLU A 10 -8.86 9.39 1.90
N CYS A 11 -8.99 8.70 0.77
CA CYS A 11 -8.42 9.19 -0.48
C CYS A 11 -9.25 10.34 -1.04
N ARG A 12 -10.56 10.27 -0.84
CA ARG A 12 -11.46 11.32 -1.32
C ARG A 12 -11.17 12.64 -0.61
N LEU A 13 -10.80 12.55 0.66
CA LEU A 13 -10.49 13.74 1.44
C LEU A 13 -9.23 14.41 0.92
N ALA A 14 -8.20 13.61 0.67
CA ALA A 14 -6.94 14.13 0.17
C ALA A 14 -7.05 14.50 -1.30
N GLN A 15 -7.89 13.76 -2.03
CA GLN A 15 -8.08 14.03 -3.45
C GLN A 15 -9.01 15.23 -3.65
N LEU A 16 -10.07 15.29 -2.86
CA LEU A 16 -11.02 16.39 -2.96
C LEU A 16 -11.58 16.49 -4.37
N LYS A 17 -12.88 16.19 -4.52
CA LYS A 17 -13.52 16.25 -5.82
C LYS A 17 -13.77 17.69 -6.24
N ASN A 18 -13.91 17.91 -7.54
CA ASN A 18 -14.15 19.26 -8.06
C ASN A 18 -14.83 19.20 -9.42
N ASN A 19 -14.11 19.66 -10.44
CA ASN A 19 -14.65 19.66 -11.80
C ASN A 19 -15.06 18.24 -12.21
N SER A 20 -14.16 17.53 -12.86
CA SER A 20 -14.45 16.16 -13.30
C SER A 20 -13.18 15.50 -13.84
N GLY A 21 -13.15 15.29 -15.16
CA GLY A 21 -12.00 14.67 -15.79
C GLY A 21 -10.81 15.63 -15.83
N GLY A 22 -11.02 16.84 -15.33
CA GLY A 22 -9.96 17.84 -15.31
C GLY A 22 -9.29 17.88 -13.95
N THR A 23 -8.04 18.34 -13.94
CA THR A 23 -7.28 18.43 -12.71
C THR A 23 -6.93 17.04 -12.18
N ASN A 24 -5.65 16.84 -11.86
CA ASN A 24 -5.20 15.56 -11.35
C ASN A 24 -5.87 14.42 -12.11
N GLY A 25 -6.14 14.63 -13.39
CA GLY A 25 -6.77 13.61 -14.20
C GLY A 25 -5.91 12.36 -14.28
N ASP A 26 -6.00 11.65 -15.40
CA ASP A 26 -5.22 10.42 -15.58
C ASP A 26 -5.15 10.05 -17.06
N ARG A 27 -4.76 11.00 -17.89
CA ARG A 27 -4.64 10.76 -19.32
C ARG A 27 -3.77 11.82 -19.98
N ASN A 28 -3.17 12.68 -19.15
CA ASN A 28 -2.30 13.74 -19.67
C ASN A 28 -0.83 13.35 -19.51
N SER A 29 -0.53 12.09 -19.80
CA SER A 29 0.85 11.60 -19.69
C SER A 29 1.55 12.20 -18.48
N GLY A 30 1.18 11.74 -17.29
CA GLY A 30 1.78 12.24 -16.06
C GLY A 30 0.86 13.24 -15.37
N ALA A 31 1.44 14.24 -14.72
CA ALA A 31 0.66 15.24 -14.02
C ALA A 31 1.53 16.46 -13.68
N ASN A 32 1.00 17.34 -12.84
CA ASN A 32 1.73 18.54 -12.45
C ASN A 32 2.70 18.22 -11.31
N ASN A 33 3.98 18.47 -11.54
CA ASN A 33 5.00 18.20 -10.53
C ASN A 33 4.77 19.07 -9.30
N GLY A 34 5.81 19.21 -8.48
CA GLY A 34 5.71 20.02 -7.27
C GLY A 34 6.84 19.70 -6.31
N GLY A 35 6.49 19.26 -5.11
CA GLY A 35 7.50 18.93 -4.10
C GLY A 35 6.85 18.76 -2.73
N GLY A 36 6.45 19.88 -2.13
CA GLY A 36 5.83 19.84 -0.81
C GLY A 36 4.33 19.57 -0.93
N GLU A 37 3.69 20.27 -1.87
CA GLU A 37 2.25 20.12 -2.09
C GLU A 37 1.51 19.84 -0.78
N ASN A 38 1.76 20.68 0.21
CA ASN A 38 1.11 20.52 1.52
C ASN A 38 1.81 19.43 2.32
N SER A 39 1.81 19.58 3.64
CA SER A 39 2.44 18.60 4.52
C SER A 39 1.57 18.34 5.74
N ALA A 40 1.55 17.08 6.18
CA ALA A 40 0.76 16.70 7.35
C ALA A 40 0.77 15.18 7.51
N PRO A 41 0.47 14.70 8.70
CA PRO A 41 0.43 13.24 8.99
C PRO A 41 -0.72 12.54 8.28
N VAL A 42 -0.41 11.81 7.21
CA VAL A 42 -1.43 11.10 6.46
C VAL A 42 -0.85 9.82 5.87
N GLY A 43 -0.30 8.98 6.73
CA GLY A 43 0.27 7.71 6.29
C GLY A 43 1.51 7.36 7.12
N ALA A 44 2.26 8.37 7.51
CA ALA A 44 3.47 8.15 8.30
C ALA A 44 3.17 7.26 9.49
N ALA A 45 1.91 7.26 9.92
CA ALA A 45 1.50 6.44 11.06
C ALA A 45 1.64 4.96 10.71
N ILE A 46 1.38 4.61 9.46
CA ILE A 46 1.47 3.23 9.02
C ILE A 46 2.77 2.99 8.25
N ALA A 47 3.28 4.06 7.65
CA ALA A 47 4.53 3.96 6.88
C ALA A 47 5.70 3.61 7.79
N ASN A 48 5.55 3.94 9.07
CA ASN A 48 6.61 3.65 10.04
C ASN A 48 6.51 2.21 10.52
N PHE A 49 5.34 1.61 10.31
CA PHE A 49 5.12 0.24 10.73
C PHE A 49 5.82 -0.73 9.78
N LEU A 50 6.59 -0.18 8.85
CA LEU A 50 7.33 -1.00 7.89
C LEU A 50 8.81 -0.60 7.89
N GLU A 51 9.66 -1.52 8.35
CA GLU A 51 11.09 -1.27 8.40
C GLU A 51 11.61 -0.81 7.03
N PRO A 52 12.68 -0.03 7.00
CA PRO A 52 13.27 0.46 5.71
C PRO A 52 13.69 -0.68 4.78
N GLN A 53 14.48 -1.61 5.32
CA GLN A 53 14.93 -2.75 4.52
C GLN A 53 13.74 -3.55 4.03
N ALA A 54 12.82 -3.85 4.95
CA ALA A 54 11.62 -4.60 4.60
C ALA A 54 10.81 -3.83 3.56
N LEU A 55 10.93 -2.51 3.60
CA LEU A 55 10.22 -1.65 2.67
C LEU A 55 10.68 -1.95 1.24
N GLU A 56 11.99 -2.05 1.06
CA GLU A 56 12.55 -2.34 -0.25
C GLU A 56 11.99 -3.65 -0.80
N ARG A 57 11.77 -4.61 0.10
CA ARG A 57 11.25 -5.90 -0.30
C ARG A 57 9.90 -5.73 -0.99
N LEU A 58 9.00 -4.98 -0.37
CA LEU A 58 7.68 -4.75 -0.95
C LEU A 58 7.82 -4.16 -2.34
N SER A 59 8.86 -3.37 -2.53
CA SER A 59 9.11 -2.75 -3.83
C SER A 59 9.48 -3.82 -4.85
N ARG A 60 10.31 -4.78 -4.42
CA ARG A 60 10.77 -5.85 -5.30
C ARG A 60 9.64 -6.80 -5.71
N VAL A 61 8.82 -7.22 -4.76
CA VAL A 61 7.73 -8.15 -5.06
C VAL A 61 6.66 -7.46 -5.90
N ALA A 62 6.24 -6.26 -5.47
CA ALA A 62 5.20 -5.52 -6.17
C ALA A 62 5.47 -5.48 -7.68
N LEU A 63 6.75 -5.54 -8.06
CA LEU A 63 7.11 -5.49 -9.46
C LEU A 63 6.72 -6.78 -10.18
N VAL A 64 6.58 -7.85 -9.42
CA VAL A 64 6.24 -9.15 -10.00
C VAL A 64 4.75 -9.46 -9.81
N ARG A 65 4.27 -9.37 -8.58
CA ARG A 65 2.87 -9.66 -8.29
C ARG A 65 2.30 -8.72 -7.25
N ARG A 66 1.77 -7.59 -7.71
CA ARG A 66 1.18 -6.59 -6.82
C ARG A 66 0.00 -7.19 -6.06
N ASP A 67 -0.69 -8.13 -6.68
CA ASP A 67 -1.84 -8.77 -6.05
C ASP A 67 -1.47 -9.36 -4.69
N ARG A 68 -0.34 -10.07 -4.65
CA ARG A 68 0.11 -10.67 -3.40
C ARG A 68 0.65 -9.60 -2.45
N ALA A 69 1.34 -8.62 -3.02
CA ALA A 69 1.93 -7.53 -2.23
C ALA A 69 0.86 -6.64 -1.59
N GLN A 70 -0.26 -6.46 -2.29
CA GLN A 70 -1.32 -5.60 -1.77
C GLN A 70 -2.06 -6.28 -0.63
N ALA A 71 -2.20 -7.60 -0.72
CA ALA A 71 -2.88 -8.35 0.32
C ALA A 71 -2.10 -8.28 1.62
N VAL A 72 -0.77 -8.27 1.52
CA VAL A 72 0.07 -8.18 2.71
C VAL A 72 -0.16 -6.85 3.40
N GLU A 73 -0.12 -5.78 2.62
CA GLU A 73 -0.33 -4.45 3.17
C GLU A 73 -1.70 -4.37 3.86
N THR A 74 -2.66 -5.11 3.31
CA THR A 74 -4.01 -5.13 3.87
C THR A 74 -4.03 -5.85 5.22
N TYR A 75 -3.26 -6.92 5.31
CA TYR A 75 -3.19 -7.71 6.54
C TYR A 75 -2.78 -6.82 7.70
N LEU A 76 -1.79 -5.96 7.47
CA LEU A 76 -1.30 -5.06 8.51
C LEU A 76 -2.37 -4.03 8.88
N LYS A 77 -3.11 -3.58 7.88
CA LYS A 77 -4.15 -2.59 8.10
C LYS A 77 -5.16 -3.12 9.11
N LYS A 78 -5.47 -4.41 9.03
CA LYS A 78 -6.41 -5.02 9.96
C LYS A 78 -5.81 -5.07 11.36
N LEU A 79 -4.50 -5.31 11.43
CA LEU A 79 -3.82 -5.38 12.71
C LEU A 79 -3.78 -4.00 13.37
N ILE A 80 -3.41 -2.99 12.59
CA ILE A 80 -3.34 -1.62 13.10
C ILE A 80 -4.73 -1.08 13.40
N ALA A 81 -5.69 -1.41 12.53
CA ALA A 81 -7.05 -0.95 12.72
C ALA A 81 -7.71 -1.65 13.90
N THR A 82 -7.22 -2.84 14.23
CA THR A 82 -7.76 -3.60 15.35
C THR A 82 -7.26 -3.06 16.67
N ASN A 83 -5.97 -3.29 16.94
CA ASN A 83 -5.37 -2.82 18.20
C ASN A 83 -3.97 -3.40 18.40
N ASN A 84 -3.58 -4.36 17.58
CA ASN A 84 -2.26 -4.97 17.69
C ASN A 84 -1.16 -3.91 17.66
N VAL A 85 -1.49 -2.73 17.14
CA VAL A 85 -0.52 -1.63 17.06
C VAL A 85 0.46 -1.65 18.22
N THR A 86 1.63 -2.23 18.00
CA THR A 86 2.65 -2.32 19.04
C THR A 86 3.94 -2.90 18.45
N HIS A 87 3.94 -3.13 17.14
CA HIS A 87 5.11 -3.67 16.48
C HIS A 87 5.30 -3.05 15.09
N LYS A 88 6.39 -3.41 14.43
CA LYS A 88 6.68 -2.88 13.09
C LYS A 88 6.96 -4.02 12.12
N ILE A 89 6.09 -4.19 11.14
CA ILE A 89 6.25 -5.25 10.15
C ILE A 89 7.70 -5.31 9.67
N THR A 90 8.11 -6.49 9.21
CA THR A 90 9.47 -6.69 8.71
C THR A 90 9.44 -7.55 7.46
N GLU A 91 10.61 -7.76 6.85
CA GLU A 91 10.70 -8.57 5.65
C GLU A 91 10.18 -9.98 5.90
N ALA A 92 10.31 -10.43 7.13
CA ALA A 92 9.88 -11.77 7.51
C ALA A 92 8.36 -11.83 7.69
N GLU A 93 7.78 -10.75 8.22
CA GLU A 93 6.34 -10.70 8.43
C GLU A 93 5.61 -10.49 7.12
N ILE A 94 6.21 -9.71 6.22
CA ILE A 94 5.59 -9.45 4.92
C ILE A 94 5.59 -10.70 4.07
N VAL A 95 6.73 -11.38 4.02
CA VAL A 95 6.87 -12.60 3.24
C VAL A 95 6.01 -13.71 3.83
N SER A 96 5.99 -13.77 5.16
CA SER A 96 5.23 -14.80 5.85
C SER A 96 3.76 -14.77 5.44
N ILE A 97 3.19 -13.58 5.40
CA ILE A 97 1.81 -13.43 5.01
C ILE A 97 1.68 -13.68 3.50
N LEU A 98 2.66 -13.20 2.75
CA LEU A 98 2.67 -13.37 1.30
C LEU A 98 2.55 -14.85 0.95
N ASN A 99 3.39 -15.67 1.58
CA ASN A 99 3.36 -17.11 1.33
C ASN A 99 1.98 -17.68 1.63
N GLY A 100 1.32 -17.10 2.63
CA GLY A 100 -0.02 -17.54 3.02
C GLY A 100 -1.05 -17.10 2.00
N ILE A 101 -0.83 -15.93 1.39
CA ILE A 101 -1.75 -15.41 0.40
C ILE A 101 -1.60 -16.15 -0.93
N ALA A 102 -0.35 -16.40 -1.31
CA ALA A 102 -0.08 -17.11 -2.55
C ALA A 102 -0.63 -18.53 -2.50
N LYS A 103 -0.57 -19.13 -1.31
CA LYS A 103 -1.07 -20.49 -1.14
C LYS A 103 -2.60 -20.51 -1.10
N GLN A 104 -3.18 -19.43 -0.59
CA GLN A 104 -4.64 -19.33 -0.51
C GLN A 104 -5.24 -19.06 -1.88
N GLN A 105 -4.80 -17.96 -2.49
CA GLN A 105 -5.30 -17.58 -3.82
C GLN A 105 -4.16 -17.62 -4.84
N ASN A 106 -4.53 -17.66 -6.13
CA ASN A 106 -3.54 -17.69 -7.19
C ASN A 106 -4.04 -16.91 -8.40
N SER A 107 -3.62 -15.65 -8.50
CA SER A 107 -4.02 -14.80 -9.61
C SER A 107 -2.90 -14.71 -10.65
N GLN A 108 -3.06 -13.80 -11.61
CA GLN A 108 -2.06 -13.63 -12.64
C GLN A 108 -1.17 -12.43 -12.33
N ASN A 109 -1.09 -11.49 -13.26
CA ASN A 109 -0.26 -10.30 -13.06
C ASN A 109 -0.99 -9.06 -13.57
N ASN A 110 -1.11 -8.93 -14.88
CA ASN A 110 -1.78 -7.78 -15.47
C ASN A 110 -1.33 -6.49 -14.81
N SER A 111 -0.15 -6.02 -15.20
CA SER A 111 0.40 -4.78 -14.63
C SER A 111 0.87 -3.85 -15.75
N LYS A 112 0.56 -2.56 -15.60
CA LYS A 112 0.93 -1.55 -16.59
C LYS A 112 0.03 -1.64 -17.81
N ILE A 113 -0.89 -2.60 -17.80
CA ILE A 113 -1.81 -2.77 -18.92
C ILE A 113 -3.06 -1.91 -18.71
N ILE A 114 -3.36 -1.60 -17.46
CA ILE A 114 -4.54 -0.79 -17.14
C ILE A 114 -4.32 0.64 -17.61
N PHE A 115 -3.10 0.95 -18.03
CA PHE A 115 -2.78 2.30 -18.49
C PHE A 115 -3.79 2.75 -19.55
N GLU A 116 -4.24 1.81 -20.37
CA GLU A 116 -5.21 2.13 -21.42
C GLU A 116 -6.63 2.04 -20.87
N MET A 1 -20.76 -2.70 10.29
CA MET A 1 -19.36 -2.17 10.30
C MET A 1 -18.75 -2.33 8.90
N ASP A 2 -18.10 -1.27 8.44
CA ASP A 2 -17.48 -1.29 7.12
C ASP A 2 -16.19 -0.49 7.13
N PRO A 3 -15.18 -0.98 7.79
CA PRO A 3 -13.86 -0.30 7.88
C PRO A 3 -13.30 0.04 6.50
N GLU A 4 -13.84 -0.61 5.48
CA GLU A 4 -13.39 -0.37 4.11
C GLU A 4 -13.65 1.08 3.71
N LEU A 5 -14.75 1.64 4.20
CA LEU A 5 -15.10 3.02 3.88
C LEU A 5 -14.20 3.99 4.65
N GLN A 6 -13.68 3.52 5.78
CA GLN A 6 -12.81 4.36 6.61
C GLN A 6 -11.52 4.69 5.86
N CYS A 7 -11.04 3.75 5.06
CA CYS A 7 -9.82 3.95 4.29
C CYS A 7 -10.07 4.90 3.13
N ILE A 8 -11.13 4.65 2.37
CA ILE A 8 -11.47 5.48 1.23
C ILE A 8 -11.77 6.91 1.69
N ARG A 9 -12.34 7.04 2.88
CA ARG A 9 -12.68 8.36 3.42
C ARG A 9 -11.41 9.12 3.77
N GLU A 10 -10.38 8.40 4.18
CA GLU A 10 -9.12 9.03 4.56
C GLU A 10 -8.40 9.57 3.31
N CYS A 11 -8.49 8.83 2.22
CA CYS A 11 -7.84 9.25 0.97
C CYS A 11 -8.72 10.24 0.22
N ARG A 12 -10.04 10.07 0.34
CA ARG A 12 -10.98 10.96 -0.33
C ARG A 12 -10.86 12.37 0.22
N LEU A 13 -10.84 12.49 1.55
CA LEU A 13 -10.73 13.80 2.19
C LEU A 13 -9.46 14.50 1.73
N ALA A 14 -8.34 13.79 1.80
CA ALA A 14 -7.06 14.35 1.38
C ALA A 14 -7.09 14.74 -0.09
N GLN A 15 -7.93 14.06 -0.86
CA GLN A 15 -8.04 14.34 -2.29
C GLN A 15 -8.89 15.59 -2.52
N LEU A 16 -9.52 16.08 -1.45
CA LEU A 16 -10.35 17.26 -1.56
C LEU A 16 -11.23 17.20 -2.80
N LYS A 17 -11.87 16.06 -3.02
CA LYS A 17 -12.73 15.88 -4.18
C LYS A 17 -11.98 16.23 -5.46
N ASN A 18 -12.72 16.41 -6.55
CA ASN A 18 -12.12 16.74 -7.83
C ASN A 18 -13.09 17.54 -8.69
N ASN A 19 -13.02 18.85 -8.59
CA ASN A 19 -13.91 19.72 -9.36
C ASN A 19 -13.28 20.07 -10.70
N SER A 20 -12.20 20.85 -10.67
CA SER A 20 -11.51 21.24 -11.88
C SER A 20 -10.74 20.07 -12.47
N GLY A 21 -11.25 19.55 -13.58
CA GLY A 21 -10.61 18.42 -14.25
C GLY A 21 -11.65 17.40 -14.72
N GLY A 22 -11.38 16.78 -15.86
CA GLY A 22 -12.29 15.79 -16.42
C GLY A 22 -11.71 14.39 -16.31
N THR A 23 -12.60 13.40 -16.21
CA THR A 23 -12.18 12.02 -16.10
C THR A 23 -11.13 11.86 -15.00
N ASN A 24 -11.32 12.58 -13.90
CA ASN A 24 -10.38 12.51 -12.78
C ASN A 24 -8.95 12.49 -13.29
N GLY A 25 -8.47 13.63 -13.78
CA GLY A 25 -7.10 13.72 -14.29
C GLY A 25 -6.89 15.03 -15.04
N ASP A 26 -5.95 15.84 -14.57
CA ASP A 26 -5.66 17.11 -15.20
C ASP A 26 -4.81 16.91 -16.46
N ARG A 27 -5.43 17.11 -17.62
CA ARG A 27 -4.73 16.95 -18.89
C ARG A 27 -3.85 18.16 -19.16
N ASN A 28 -2.60 17.90 -19.56
CA ASN A 28 -1.67 18.97 -19.86
C ASN A 28 -1.62 19.98 -18.71
N SER A 29 -1.00 21.13 -18.96
CA SER A 29 -0.88 22.17 -17.95
C SER A 29 0.28 21.87 -17.00
N GLY A 30 0.18 20.75 -16.29
CA GLY A 30 1.23 20.36 -15.35
C GLY A 30 1.39 21.40 -14.25
N ALA A 31 0.68 21.20 -13.14
CA ALA A 31 0.75 22.12 -12.01
C ALA A 31 0.83 21.37 -10.70
N ASN A 32 2.03 21.34 -10.11
CA ASN A 32 2.23 20.64 -8.85
C ASN A 32 3.46 21.18 -8.14
N ASN A 33 4.59 21.21 -8.84
CA ASN A 33 5.83 21.71 -8.25
C ASN A 33 6.10 21.05 -6.90
N GLY A 34 5.60 19.82 -6.75
CA GLY A 34 5.79 19.09 -5.51
C GLY A 34 4.66 19.37 -4.52
N GLY A 35 5.02 19.60 -3.27
CA GLY A 35 4.02 19.89 -2.24
C GLY A 35 4.34 19.12 -0.95
N GLY A 36 3.48 19.28 0.05
CA GLY A 36 3.67 18.61 1.32
C GLY A 36 3.05 19.40 2.46
N GLU A 37 3.80 20.36 2.99
CA GLU A 37 3.33 21.20 4.09
C GLU A 37 2.37 20.45 4.99
N ASN A 38 2.70 19.20 5.32
CA ASN A 38 1.85 18.39 6.18
C ASN A 38 0.38 18.59 5.83
N SER A 39 0.02 18.25 4.59
CA SER A 39 -1.36 18.38 4.14
C SER A 39 -2.01 17.02 3.96
N ALA A 40 -1.57 16.05 4.76
CA ALA A 40 -2.11 14.70 4.69
C ALA A 40 -1.29 13.75 5.53
N PRO A 41 -1.39 13.86 6.83
CA PRO A 41 -0.64 12.98 7.77
C PRO A 41 -0.80 11.50 7.45
N VAL A 42 -2.05 11.07 7.27
CA VAL A 42 -2.36 9.67 6.96
C VAL A 42 -1.24 9.02 6.17
N GLY A 43 -0.29 8.44 6.89
CA GLY A 43 0.84 7.76 6.25
C GLY A 43 1.98 7.54 7.25
N ALA A 44 2.55 8.63 7.73
CA ALA A 44 3.66 8.54 8.69
C ALA A 44 3.30 7.61 9.84
N ALA A 45 2.00 7.45 10.09
CA ALA A 45 1.54 6.58 11.18
C ALA A 45 1.75 5.11 10.83
N ILE A 46 1.51 4.76 9.57
CA ILE A 46 1.67 3.37 9.14
C ILE A 46 3.05 3.14 8.52
N ALA A 47 3.65 4.20 8.00
CA ALA A 47 4.96 4.11 7.39
C ALA A 47 6.02 3.73 8.42
N ASN A 48 5.71 3.99 9.69
CA ASN A 48 6.64 3.67 10.77
C ASN A 48 6.51 2.21 11.17
N PHE A 49 5.55 1.53 10.56
CA PHE A 49 5.30 0.13 10.85
C PHE A 49 5.97 -0.77 9.80
N LEU A 50 6.77 -0.15 8.94
CA LEU A 50 7.47 -0.88 7.89
C LEU A 50 8.92 -0.42 7.79
N GLU A 51 9.84 -1.24 8.32
CA GLU A 51 11.26 -0.90 8.29
C GLU A 51 11.69 -0.51 6.87
N PRO A 52 12.74 0.25 6.74
CA PRO A 52 13.25 0.71 5.39
C PRO A 52 13.67 -0.45 4.51
N GLN A 53 14.51 -1.34 5.04
CA GLN A 53 14.99 -2.48 4.27
C GLN A 53 13.82 -3.36 3.85
N ALA A 54 12.94 -3.66 4.80
CA ALA A 54 11.77 -4.47 4.53
C ALA A 54 10.89 -3.78 3.51
N LEU A 55 10.94 -2.45 3.52
CA LEU A 55 10.14 -1.68 2.58
C LEU A 55 10.50 -2.01 1.15
N GLU A 56 11.77 -2.34 0.93
CA GLU A 56 12.25 -2.68 -0.42
C GLU A 56 11.73 -4.06 -0.84
N ARG A 57 11.67 -4.99 0.11
CA ARG A 57 11.21 -6.33 -0.19
C ARG A 57 9.79 -6.30 -0.75
N LEU A 58 8.86 -5.71 0.01
CA LEU A 58 7.48 -5.64 -0.43
C LEU A 58 7.39 -4.90 -1.77
N SER A 59 8.23 -3.88 -1.93
CA SER A 59 8.26 -3.11 -3.16
C SER A 59 8.76 -3.96 -4.33
N ARG A 60 9.77 -4.79 -4.04
CA ARG A 60 10.39 -5.64 -5.06
C ARG A 60 9.42 -6.71 -5.57
N VAL A 61 8.72 -7.37 -4.65
CA VAL A 61 7.78 -8.43 -5.02
C VAL A 61 6.58 -7.83 -5.76
N ALA A 62 6.09 -6.70 -5.28
CA ALA A 62 4.95 -6.04 -5.89
C ALA A 62 5.17 -5.85 -7.39
N LEU A 63 6.41 -5.57 -7.77
CA LEU A 63 6.74 -5.36 -9.19
C LEU A 63 6.46 -6.62 -9.99
N VAL A 64 6.37 -7.75 -9.29
CA VAL A 64 6.10 -9.03 -9.95
C VAL A 64 4.68 -9.51 -9.65
N ARG A 65 4.28 -9.44 -8.39
CA ARG A 65 2.95 -9.86 -7.99
C ARG A 65 2.31 -8.84 -7.05
N ARG A 66 1.74 -7.79 -7.64
CA ARG A 66 1.09 -6.76 -6.85
C ARG A 66 -0.07 -7.34 -6.05
N ASP A 67 -0.70 -8.38 -6.59
CA ASP A 67 -1.83 -9.01 -5.92
C ASP A 67 -1.44 -9.51 -4.53
N ARG A 68 -0.29 -10.17 -4.43
CA ARG A 68 0.17 -10.69 -3.16
C ARG A 68 0.62 -9.56 -2.23
N ALA A 69 1.29 -8.56 -2.82
CA ALA A 69 1.76 -7.41 -2.05
C ALA A 69 0.58 -6.60 -1.53
N GLN A 70 -0.50 -6.58 -2.30
CA GLN A 70 -1.69 -5.82 -1.92
C GLN A 70 -2.38 -6.42 -0.70
N ALA A 71 -2.42 -7.75 -0.63
CA ALA A 71 -3.07 -8.42 0.48
C ALA A 71 -2.29 -8.21 1.78
N VAL A 72 -0.96 -8.21 1.68
CA VAL A 72 -0.13 -8.01 2.88
C VAL A 72 -0.42 -6.64 3.47
N GLU A 73 -0.43 -5.63 2.63
CA GLU A 73 -0.71 -4.27 3.07
C GLU A 73 -2.05 -4.23 3.79
N THR A 74 -2.99 -5.06 3.34
CA THR A 74 -4.31 -5.12 3.94
C THR A 74 -4.24 -5.83 5.29
N TYR A 75 -3.36 -6.81 5.40
CA TYR A 75 -3.20 -7.55 6.64
C TYR A 75 -2.77 -6.63 7.77
N LEU A 76 -1.75 -5.82 7.51
CA LEU A 76 -1.24 -4.89 8.50
C LEU A 76 -2.27 -3.82 8.83
N LYS A 77 -2.96 -3.32 7.80
CA LYS A 77 -3.96 -2.28 8.00
C LYS A 77 -5.03 -2.78 8.98
N LYS A 78 -5.38 -4.05 8.88
CA LYS A 78 -6.39 -4.62 9.77
C LYS A 78 -5.86 -4.69 11.20
N LEU A 79 -4.56 -4.97 11.33
CA LEU A 79 -3.94 -5.06 12.65
C LEU A 79 -3.88 -3.68 13.31
N ILE A 80 -3.42 -2.69 12.55
CA ILE A 80 -3.32 -1.33 13.07
C ILE A 80 -4.71 -0.74 13.28
N ALA A 81 -5.61 -1.02 12.35
CA ALA A 81 -6.98 -0.51 12.44
C ALA A 81 -7.74 -1.19 13.57
N THR A 82 -7.36 -2.43 13.88
CA THR A 82 -8.01 -3.17 14.95
C THR A 82 -7.52 -2.71 16.31
N ASN A 83 -6.35 -3.19 16.70
CA ASN A 83 -5.77 -2.82 18.00
C ASN A 83 -4.51 -3.64 18.28
N ASN A 84 -3.81 -4.04 17.22
CA ASN A 84 -2.59 -4.83 17.38
C ASN A 84 -1.37 -3.92 17.48
N VAL A 85 -1.50 -2.70 16.94
CA VAL A 85 -0.42 -1.72 16.95
C VAL A 85 0.51 -1.94 18.14
N THR A 86 1.59 -2.68 17.88
CA THR A 86 2.56 -2.98 18.93
C THR A 86 3.81 -3.61 18.31
N HIS A 87 3.79 -3.77 16.99
CA HIS A 87 4.92 -4.36 16.29
C HIS A 87 5.08 -3.75 14.90
N LYS A 88 6.32 -3.63 14.45
CA LYS A 88 6.61 -3.06 13.14
C LYS A 88 6.92 -4.17 12.14
N ILE A 89 6.08 -4.28 11.11
CA ILE A 89 6.27 -5.30 10.08
C ILE A 89 7.74 -5.36 9.65
N THR A 90 8.19 -6.57 9.34
CA THR A 90 9.57 -6.77 8.89
C THR A 90 9.59 -7.48 7.53
N GLU A 91 10.76 -7.49 6.89
CA GLU A 91 10.91 -8.13 5.58
C GLU A 91 10.44 -9.58 5.65
N ALA A 92 10.63 -10.19 6.81
CA ALA A 92 10.26 -11.57 7.02
C ALA A 92 8.77 -11.68 7.31
N GLU A 93 8.23 -10.66 7.95
CA GLU A 93 6.81 -10.66 8.28
C GLU A 93 5.97 -10.63 7.01
N ILE A 94 6.32 -9.73 6.09
CA ILE A 94 5.59 -9.60 4.83
C ILE A 94 5.71 -10.88 4.02
N VAL A 95 6.92 -11.41 3.92
CA VAL A 95 7.12 -12.64 3.17
C VAL A 95 6.21 -13.73 3.72
N SER A 96 6.07 -13.77 5.04
CA SER A 96 5.22 -14.78 5.68
C SER A 96 3.79 -14.69 5.16
N ILE A 97 3.25 -13.48 5.07
CA ILE A 97 1.89 -13.31 4.56
C ILE A 97 1.87 -13.68 3.08
N LEU A 98 2.88 -13.19 2.36
CA LEU A 98 3.01 -13.45 0.93
C LEU A 98 2.98 -14.96 0.67
N ASN A 99 3.65 -15.71 1.52
CA ASN A 99 3.69 -17.17 1.38
C ASN A 99 2.32 -17.76 1.66
N GLY A 100 1.59 -17.12 2.57
CA GLY A 100 0.25 -17.59 2.94
C GLY A 100 -0.78 -17.17 1.90
N ILE A 101 -0.59 -15.98 1.32
CA ILE A 101 -1.51 -15.47 0.31
C ILE A 101 -1.29 -16.18 -1.02
N ALA A 102 -0.03 -16.47 -1.34
CA ALA A 102 0.29 -17.15 -2.58
C ALA A 102 -0.24 -18.57 -2.57
N LYS A 103 -0.34 -19.15 -1.39
CA LYS A 103 -0.84 -20.52 -1.25
C LYS A 103 -2.36 -20.55 -1.37
N GLN A 104 -3.02 -19.59 -0.72
CA GLN A 104 -4.48 -19.52 -0.76
C GLN A 104 -4.95 -19.02 -2.12
N GLN A 105 -4.40 -17.91 -2.57
CA GLN A 105 -4.77 -17.34 -3.86
C GLN A 105 -3.72 -17.66 -4.91
N ASN A 106 -4.14 -17.69 -6.18
CA ASN A 106 -3.22 -17.98 -7.27
C ASN A 106 -3.61 -17.19 -8.52
N SER A 107 -3.18 -17.69 -9.68
CA SER A 107 -3.48 -17.02 -10.94
C SER A 107 -2.93 -15.59 -10.95
N GLN A 108 -2.16 -15.28 -11.98
CA GLN A 108 -1.57 -13.96 -12.11
C GLN A 108 -1.81 -13.39 -13.51
N ASN A 109 -1.92 -12.07 -13.59
CA ASN A 109 -2.15 -11.41 -14.87
C ASN A 109 -1.32 -10.15 -14.99
N ASN A 110 -0.34 -10.16 -15.89
CA ASN A 110 0.52 -9.01 -16.08
C ASN A 110 0.02 -8.16 -17.25
N SER A 111 -1.11 -7.50 -17.06
CA SER A 111 -1.69 -6.66 -18.11
C SER A 111 -2.18 -5.34 -17.52
N LYS A 112 -1.48 -4.86 -16.51
CA LYS A 112 -1.86 -3.60 -15.86
C LYS A 112 -0.77 -3.15 -14.89
N ILE A 113 0.40 -3.76 -15.00
CA ILE A 113 1.52 -3.42 -14.13
C ILE A 113 2.73 -3.00 -14.95
N ILE A 114 2.69 -3.31 -16.24
CA ILE A 114 3.78 -2.97 -17.14
C ILE A 114 3.86 -1.46 -17.34
N PHE A 115 2.77 -0.77 -17.03
CA PHE A 115 2.72 0.68 -17.18
C PHE A 115 4.05 1.32 -16.76
N GLU A 116 4.79 0.64 -15.90
CA GLU A 116 6.07 1.14 -15.44
C GLU A 116 7.06 0.00 -15.26
N MET A 1 -18.43 -1.02 -11.80
CA MET A 1 -18.00 -2.37 -12.27
C MET A 1 -16.50 -2.52 -12.07
N ASP A 2 -16.11 -3.41 -11.16
CA ASP A 2 -14.69 -3.64 -10.89
C ASP A 2 -13.99 -2.32 -10.58
N PRO A 3 -14.44 -1.62 -9.59
CA PRO A 3 -13.85 -0.32 -9.18
C PRO A 3 -12.48 -0.49 -8.53
N GLU A 4 -12.30 -1.58 -7.80
CA GLU A 4 -11.04 -1.86 -7.14
C GLU A 4 -9.88 -1.71 -8.11
N LEU A 5 -10.10 -2.11 -9.36
CA LEU A 5 -9.06 -2.01 -10.38
C LEU A 5 -8.90 -0.57 -10.84
N GLN A 6 -10.02 0.09 -11.11
CA GLN A 6 -9.99 1.48 -11.57
C GLN A 6 -9.44 2.38 -10.47
N CYS A 7 -9.67 2.00 -9.21
CA CYS A 7 -9.18 2.78 -8.09
C CYS A 7 -7.70 3.09 -8.25
N ILE A 8 -6.94 2.10 -8.70
CA ILE A 8 -5.51 2.27 -8.89
C ILE A 8 -5.24 3.20 -10.09
N ARG A 9 -5.98 2.97 -11.17
CA ARG A 9 -5.81 3.77 -12.39
C ARG A 9 -6.13 5.24 -12.10
N GLU A 10 -7.17 5.47 -11.30
CA GLU A 10 -7.57 6.83 -10.96
C GLU A 10 -6.44 7.56 -10.24
N CYS A 11 -5.83 6.88 -9.27
CA CYS A 11 -4.74 7.47 -8.51
C CYS A 11 -3.48 7.57 -9.38
N ARG A 12 -3.37 6.70 -10.36
CA ARG A 12 -2.22 6.70 -11.25
C ARG A 12 -2.15 8.00 -12.05
N LEU A 13 -3.26 8.37 -12.67
CA LEU A 13 -3.32 9.60 -13.46
C LEU A 13 -3.28 10.82 -12.55
N ALA A 14 -4.16 10.84 -11.56
CA ALA A 14 -4.23 11.96 -10.63
C ALA A 14 -2.87 12.22 -10.01
N GLN A 15 -2.04 11.19 -9.92
CA GLN A 15 -0.71 11.32 -9.34
C GLN A 15 0.18 12.18 -10.25
N LEU A 16 0.01 12.02 -11.55
CA LEU A 16 0.80 12.77 -12.52
C LEU A 16 0.07 14.05 -12.92
N LYS A 17 0.82 15.13 -13.08
CA LYS A 17 0.23 16.40 -13.47
C LYS A 17 0.26 16.58 -14.98
N ASN A 18 -0.53 15.77 -15.68
CA ASN A 18 -0.60 15.83 -17.13
C ASN A 18 -1.56 16.92 -17.59
N ASN A 19 -2.81 16.82 -17.14
CA ASN A 19 -3.83 17.80 -17.50
C ASN A 19 -3.30 19.21 -17.29
N SER A 20 -2.88 19.49 -16.06
CA SER A 20 -2.35 20.82 -15.74
C SER A 20 -0.83 20.81 -15.69
N GLY A 21 -0.26 21.34 -14.62
CA GLY A 21 1.19 21.38 -14.47
C GLY A 21 1.58 21.92 -13.11
N GLY A 22 2.22 21.08 -12.30
CA GLY A 22 2.65 21.49 -10.96
C GLY A 22 1.55 22.27 -10.26
N THR A 23 1.97 23.21 -9.43
CA THR A 23 1.01 24.04 -8.68
C THR A 23 0.30 23.21 -7.63
N ASN A 24 0.41 23.63 -6.37
CA ASN A 24 -0.23 22.92 -5.28
C ASN A 24 0.58 21.69 -4.89
N GLY A 25 1.09 21.69 -3.67
CA GLY A 25 1.88 20.57 -3.18
C GLY A 25 3.34 20.72 -3.58
N ASP A 26 4.08 19.61 -3.56
CA ASP A 26 5.49 19.63 -3.93
C ASP A 26 5.99 18.22 -4.26
N ARG A 27 7.21 18.13 -4.77
CA ARG A 27 7.78 16.85 -5.12
C ARG A 27 9.30 16.96 -5.25
N ASN A 28 9.78 18.15 -5.60
CA ASN A 28 11.20 18.38 -5.76
C ASN A 28 11.90 18.41 -4.40
N SER A 29 11.65 19.46 -3.63
CA SER A 29 12.24 19.61 -2.30
C SER A 29 13.69 19.11 -2.30
N GLY A 30 14.13 18.59 -1.16
CA GLY A 30 15.49 18.08 -1.05
C GLY A 30 15.50 16.56 -1.11
N ALA A 31 14.41 15.97 -1.58
CA ALA A 31 14.32 14.52 -1.69
C ALA A 31 14.45 13.87 -0.32
N ASN A 32 14.01 12.63 -0.22
CA ASN A 32 14.08 11.90 1.05
C ASN A 32 13.45 12.71 2.18
N ASN A 33 12.14 12.56 2.34
CA ASN A 33 11.43 13.29 3.39
C ASN A 33 11.54 14.79 3.17
N GLY A 34 10.48 15.52 3.48
CA GLY A 34 10.46 16.97 3.31
C GLY A 34 9.42 17.61 4.21
N GLY A 35 9.68 18.84 4.62
CA GLY A 35 8.75 19.57 5.48
C GLY A 35 7.52 20.00 4.71
N GLY A 36 6.41 20.18 5.43
CA GLY A 36 5.16 20.59 4.80
C GLY A 36 4.44 21.64 5.65
N GLU A 37 5.03 22.84 5.72
CA GLU A 37 4.45 23.93 6.49
C GLU A 37 3.75 23.41 7.75
N ASN A 38 4.51 23.31 8.84
CA ASN A 38 3.95 22.82 10.09
C ASN A 38 3.79 21.30 10.06
N SER A 39 2.97 20.77 10.96
CA SER A 39 2.73 19.33 11.02
C SER A 39 1.68 18.92 10.01
N ALA A 40 1.55 17.61 9.80
CA ALA A 40 0.57 17.09 8.85
C ALA A 40 0.77 15.59 8.64
N PRO A 41 0.54 14.81 9.66
CA PRO A 41 0.69 13.34 9.60
C PRO A 41 -0.49 12.66 8.92
N VAL A 42 -0.23 11.99 7.81
CA VAL A 42 -1.29 11.31 7.07
C VAL A 42 -0.74 10.05 6.40
N GLY A 43 -0.27 9.10 7.21
CA GLY A 43 0.28 7.86 6.67
C GLY A 43 1.56 7.48 7.40
N ALA A 44 2.30 8.48 7.86
CA ALA A 44 3.56 8.23 8.57
C ALA A 44 3.32 7.30 9.75
N ALA A 45 2.09 7.29 10.25
CA ALA A 45 1.75 6.43 11.39
C ALA A 45 1.85 4.97 11.00
N ILE A 46 1.55 4.67 9.74
CA ILE A 46 1.60 3.29 9.25
C ILE A 46 2.85 3.08 8.39
N ALA A 47 3.36 4.16 7.80
CA ALA A 47 4.55 4.08 6.97
C ALA A 47 5.77 3.68 7.80
N ASN A 48 5.71 3.98 9.09
CA ASN A 48 6.81 3.64 9.99
C ASN A 48 6.69 2.20 10.44
N PHE A 49 5.46 1.67 10.37
CA PHE A 49 5.21 0.30 10.77
C PHE A 49 5.89 -0.68 9.82
N LEU A 50 6.67 -0.13 8.89
CA LEU A 50 7.39 -0.95 7.92
C LEU A 50 8.88 -0.61 7.94
N GLU A 51 9.67 -1.52 8.50
CA GLU A 51 11.12 -1.31 8.59
C GLU A 51 11.72 -0.97 7.22
N PRO A 52 12.86 -0.31 7.18
CA PRO A 52 13.52 0.05 5.89
C PRO A 52 13.72 -1.15 4.98
N GLN A 53 14.31 -2.22 5.52
CA GLN A 53 14.56 -3.42 4.74
C GLN A 53 13.24 -4.00 4.23
N ALA A 54 12.24 -3.98 5.08
CA ALA A 54 10.92 -4.49 4.71
C ALA A 54 10.37 -3.70 3.53
N LEU A 55 10.78 -2.44 3.46
CA LEU A 55 10.33 -1.57 2.37
C LEU A 55 10.76 -2.15 1.03
N GLU A 56 12.00 -2.64 1.00
CA GLU A 56 12.54 -3.23 -0.23
C GLU A 56 11.72 -4.44 -0.64
N ARG A 57 11.22 -5.18 0.34
CA ARG A 57 10.42 -6.37 0.06
C ARG A 57 9.20 -6.03 -0.77
N LEU A 58 8.41 -5.05 -0.31
CA LEU A 58 7.22 -4.65 -1.04
C LEU A 58 7.58 -4.26 -2.46
N SER A 59 8.76 -3.67 -2.61
CA SER A 59 9.24 -3.26 -3.91
C SER A 59 9.48 -4.48 -4.80
N ARG A 60 10.10 -5.50 -4.22
CA ARG A 60 10.41 -6.72 -4.97
C ARG A 60 9.16 -7.49 -5.39
N VAL A 61 8.23 -7.68 -4.45
CA VAL A 61 7.00 -8.43 -4.77
C VAL A 61 6.11 -7.63 -5.72
N ALA A 62 5.91 -6.35 -5.43
CA ALA A 62 5.07 -5.50 -6.25
C ALA A 62 5.53 -5.51 -7.71
N LEU A 63 6.74 -5.99 -7.94
CA LEU A 63 7.28 -6.04 -9.31
C LEU A 63 6.85 -7.32 -10.01
N VAL A 64 6.62 -8.38 -9.24
CA VAL A 64 6.23 -9.67 -9.82
C VAL A 64 4.74 -9.93 -9.65
N ARG A 65 4.24 -9.73 -8.43
CA ARG A 65 2.82 -9.95 -8.15
C ARG A 65 2.23 -8.79 -7.37
N ARG A 66 1.73 -7.79 -8.09
CA ARG A 66 1.14 -6.62 -7.47
C ARG A 66 -0.07 -7.00 -6.61
N ASP A 67 -0.78 -8.04 -7.02
CA ASP A 67 -1.95 -8.50 -6.27
C ASP A 67 -1.55 -8.98 -4.88
N ARG A 68 -0.44 -9.68 -4.81
CA ARG A 68 0.05 -10.22 -3.54
C ARG A 68 0.45 -9.10 -2.58
N ALA A 69 1.08 -8.06 -3.12
CA ALA A 69 1.52 -6.93 -2.30
C ALA A 69 0.33 -6.22 -1.67
N GLN A 70 -0.83 -6.32 -2.30
CA GLN A 70 -2.03 -5.67 -1.79
C GLN A 70 -2.54 -6.37 -0.54
N ALA A 71 -2.47 -7.69 -0.55
CA ALA A 71 -2.92 -8.47 0.60
C ALA A 71 -2.07 -8.19 1.83
N VAL A 72 -0.76 -8.03 1.61
CA VAL A 72 0.16 -7.76 2.72
C VAL A 72 -0.20 -6.44 3.38
N GLU A 73 -0.39 -5.42 2.57
CA GLU A 73 -0.74 -4.10 3.07
C GLU A 73 -2.07 -4.14 3.79
N THR A 74 -3.02 -4.91 3.26
CA THR A 74 -4.34 -5.03 3.87
C THR A 74 -4.26 -5.81 5.17
N TYR A 75 -3.35 -6.78 5.21
CA TYR A 75 -3.17 -7.60 6.40
C TYR A 75 -2.80 -6.73 7.61
N LEU A 76 -1.82 -5.85 7.41
CA LEU A 76 -1.38 -4.96 8.48
C LEU A 76 -2.48 -3.99 8.89
N LYS A 77 -3.25 -3.52 7.92
CA LYS A 77 -4.32 -2.58 8.20
C LYS A 77 -5.31 -3.20 9.18
N LYS A 78 -5.53 -4.50 9.03
CA LYS A 78 -6.45 -5.21 9.93
C LYS A 78 -5.88 -5.23 11.35
N LEU A 79 -4.58 -5.48 11.43
CA LEU A 79 -3.91 -5.52 12.73
C LEU A 79 -3.87 -4.12 13.35
N ILE A 80 -3.47 -3.14 12.55
CA ILE A 80 -3.38 -1.77 13.04
C ILE A 80 -4.77 -1.21 13.32
N ALA A 81 -5.71 -1.47 12.41
CA ALA A 81 -7.08 -0.99 12.56
C ALA A 81 -7.72 -1.60 13.81
N THR A 82 -7.26 -2.80 14.18
CA THR A 82 -7.80 -3.47 15.35
C THR A 82 -7.22 -2.88 16.63
N ASN A 83 -5.93 -3.14 16.87
CA ASN A 83 -5.28 -2.63 18.07
C ASN A 83 -3.89 -3.25 18.24
N ASN A 84 -3.62 -4.34 17.53
CA ASN A 84 -2.34 -5.03 17.63
C ASN A 84 -1.19 -4.03 17.73
N VAL A 85 -1.44 -2.81 17.25
CA VAL A 85 -0.43 -1.74 17.28
C VAL A 85 0.51 -1.91 18.47
N THR A 86 1.65 -2.54 18.24
CA THR A 86 2.63 -2.76 19.29
C THR A 86 3.96 -3.20 18.69
N HIS A 87 4.10 -2.97 17.38
CA HIS A 87 5.33 -3.35 16.69
C HIS A 87 5.39 -2.71 15.31
N LYS A 88 6.25 -3.24 14.46
CA LYS A 88 6.41 -2.72 13.10
C LYS A 88 6.73 -3.84 12.12
N ILE A 89 5.90 -4.00 11.09
CA ILE A 89 6.14 -5.05 10.10
C ILE A 89 7.61 -5.09 9.72
N THR A 90 8.07 -6.28 9.32
CA THR A 90 9.46 -6.45 8.91
C THR A 90 9.52 -7.24 7.60
N GLU A 91 10.72 -7.35 7.04
CA GLU A 91 10.90 -8.10 5.80
C GLU A 91 10.41 -9.53 6.00
N ALA A 92 10.52 -10.01 7.22
CA ALA A 92 10.09 -11.36 7.56
C ALA A 92 8.58 -11.45 7.58
N GLU A 93 7.94 -10.35 7.98
CA GLU A 93 6.49 -10.32 8.04
C GLU A 93 5.89 -10.21 6.64
N ILE A 94 6.51 -9.39 5.78
CA ILE A 94 6.01 -9.22 4.42
C ILE A 94 6.10 -10.53 3.65
N VAL A 95 7.24 -11.19 3.75
CA VAL A 95 7.45 -12.46 3.07
C VAL A 95 6.56 -13.54 3.68
N SER A 96 6.44 -13.50 5.00
CA SER A 96 5.65 -14.50 5.72
C SER A 96 4.19 -14.48 5.28
N ILE A 97 3.61 -13.29 5.18
CA ILE A 97 2.23 -13.18 4.74
C ILE A 97 2.13 -13.59 3.28
N LEU A 98 3.15 -13.22 2.50
CA LEU A 98 3.17 -13.57 1.09
C LEU A 98 3.01 -15.07 0.91
N ASN A 99 3.75 -15.83 1.72
CA ASN A 99 3.69 -17.28 1.66
C ASN A 99 2.26 -17.77 1.89
N GLY A 100 1.53 -17.04 2.72
CA GLY A 100 0.14 -17.41 3.02
C GLY A 100 -0.80 -16.94 1.92
N ILE A 101 -0.46 -15.81 1.30
CA ILE A 101 -1.27 -15.26 0.23
C ILE A 101 -1.05 -16.04 -1.06
N ALA A 102 0.18 -16.45 -1.29
CA ALA A 102 0.52 -17.22 -2.49
C ALA A 102 -0.17 -18.58 -2.47
N LYS A 103 -0.40 -19.10 -1.27
CA LYS A 103 -1.04 -20.40 -1.12
C LYS A 103 -2.52 -20.30 -1.48
N GLN A 104 -3.17 -19.23 -1.02
CA GLN A 104 -4.59 -19.03 -1.31
C GLN A 104 -4.78 -18.53 -2.74
N GLN A 105 -4.14 -17.41 -3.06
CA GLN A 105 -4.25 -16.84 -4.39
C GLN A 105 -5.71 -16.62 -4.76
N ASN A 106 -6.59 -16.72 -3.77
CA ASN A 106 -8.01 -16.53 -4.00
C ASN A 106 -8.39 -15.05 -3.87
N SER A 107 -9.02 -14.51 -4.90
CA SER A 107 -9.43 -13.11 -4.88
C SER A 107 -10.49 -12.85 -5.95
N GLN A 108 -11.75 -13.06 -5.59
CA GLN A 108 -12.85 -12.84 -6.52
C GLN A 108 -13.45 -11.45 -6.34
N ASN A 109 -14.78 -11.37 -6.40
CA ASN A 109 -15.46 -10.09 -6.23
C ASN A 109 -15.84 -9.88 -4.77
N ASN A 110 -16.38 -10.92 -4.14
CA ASN A 110 -16.79 -10.83 -2.74
C ASN A 110 -15.66 -11.31 -1.83
N SER A 111 -14.98 -10.36 -1.20
CA SER A 111 -13.88 -10.70 -0.30
C SER A 111 -13.75 -9.65 0.80
N LYS A 112 -13.77 -8.38 0.41
CA LYS A 112 -13.65 -7.29 1.37
C LYS A 112 -13.94 -5.95 0.70
N ILE A 113 -14.66 -6.00 -0.42
CA ILE A 113 -14.99 -4.78 -1.14
C ILE A 113 -16.42 -4.35 -0.82
N ILE A 114 -17.15 -5.20 -0.10
CA ILE A 114 -18.52 -4.88 0.28
C ILE A 114 -18.53 -3.76 1.32
N PHE A 115 -17.36 -3.26 1.67
CA PHE A 115 -17.26 -2.18 2.65
C PHE A 115 -17.65 -0.85 2.02
N GLU A 116 -17.29 -0.66 0.75
CA GLU A 116 -17.62 0.58 0.05
C GLU A 116 -17.19 1.79 0.88
N MET A 1 -20.09 1.55 4.43
CA MET A 1 -20.36 0.43 3.48
C MET A 1 -19.73 0.74 2.13
N ASP A 2 -18.96 1.82 2.08
CA ASP A 2 -18.30 2.22 0.84
C ASP A 2 -17.02 3.00 1.14
N PRO A 3 -16.08 2.37 1.80
CA PRO A 3 -14.78 3.02 2.16
C PRO A 3 -13.85 3.13 0.95
N GLU A 4 -14.16 2.39 -0.10
CA GLU A 4 -13.36 2.41 -1.31
C GLU A 4 -13.45 3.78 -2.00
N LEU A 5 -14.68 4.24 -2.19
CA LEU A 5 -14.90 5.53 -2.84
C LEU A 5 -14.37 6.66 -1.96
N GLN A 6 -14.38 6.45 -0.65
CA GLN A 6 -13.91 7.46 0.29
C GLN A 6 -12.42 7.70 0.09
N CYS A 7 -11.68 6.63 -0.18
CA CYS A 7 -10.23 6.74 -0.39
C CYS A 7 -9.93 7.53 -1.66
N ILE A 8 -10.65 7.21 -2.73
CA ILE A 8 -10.45 7.90 -4.00
C ILE A 8 -10.82 9.37 -3.87
N ARG A 9 -11.82 9.65 -3.05
CA ARG A 9 -12.27 11.03 -2.84
C ARG A 9 -11.22 11.83 -2.08
N GLU A 10 -10.49 11.15 -1.20
CA GLU A 10 -9.44 11.81 -0.41
C GLU A 10 -8.25 12.17 -1.30
N CYS A 11 -7.82 11.21 -2.12
CA CYS A 11 -6.69 11.44 -3.00
C CYS A 11 -6.96 12.60 -3.95
N ARG A 12 -8.20 12.70 -4.42
CA ARG A 12 -8.58 13.77 -5.33
C ARG A 12 -8.61 15.11 -4.60
N LEU A 13 -9.09 15.09 -3.36
CA LEU A 13 -9.16 16.31 -2.56
C LEU A 13 -7.77 16.73 -2.12
N ALA A 14 -6.90 15.76 -1.88
CA ALA A 14 -5.54 16.05 -1.45
C ALA A 14 -4.76 16.74 -2.56
N GLN A 15 -5.16 16.48 -3.80
CA GLN A 15 -4.48 17.10 -4.94
C GLN A 15 -4.62 18.62 -4.91
N LEU A 16 -5.58 19.09 -4.11
CA LEU A 16 -5.81 20.52 -3.99
C LEU A 16 -5.81 21.19 -5.36
N LYS A 17 -4.71 21.85 -5.70
CA LYS A 17 -4.60 22.52 -6.98
C LYS A 17 -4.74 21.52 -8.13
N ASN A 18 -3.68 20.75 -8.37
CA ASN A 18 -3.70 19.76 -9.44
C ASN A 18 -2.67 18.67 -9.18
N ASN A 19 -1.40 19.04 -9.19
CA ASN A 19 -0.33 18.08 -8.95
C ASN A 19 -0.56 16.81 -9.77
N SER A 20 -0.46 16.94 -11.08
CA SER A 20 -0.66 15.79 -11.97
C SER A 20 0.31 15.84 -13.14
N GLY A 21 1.39 15.08 -13.05
CA GLY A 21 2.39 15.04 -14.11
C GLY A 21 2.07 13.95 -15.12
N GLY A 22 0.78 13.80 -15.45
CA GLY A 22 0.37 12.79 -16.41
C GLY A 22 0.96 11.43 -16.07
N THR A 23 1.00 10.54 -17.05
CA THR A 23 1.53 9.22 -16.85
C THR A 23 0.63 8.39 -15.95
N ASN A 24 0.53 7.10 -16.24
CA ASN A 24 -0.32 6.20 -15.45
C ASN A 24 -1.76 6.68 -15.47
N GLY A 25 -2.02 7.75 -16.22
CA GLY A 25 -3.37 8.29 -16.32
C GLY A 25 -3.56 9.07 -17.62
N ASP A 26 -4.23 10.21 -17.54
CA ASP A 26 -4.46 11.03 -18.71
C ASP A 26 -3.20 11.82 -19.08
N ARG A 27 -3.08 12.17 -20.36
CA ARG A 27 -1.92 12.91 -20.82
C ARG A 27 -2.06 14.40 -20.46
N ASN A 28 -1.74 14.73 -19.22
CA ASN A 28 -1.83 16.11 -18.77
C ASN A 28 -0.47 16.80 -18.85
N SER A 29 0.32 16.66 -17.80
CA SER A 29 1.66 17.28 -17.76
C SER A 29 1.63 18.65 -18.43
N GLY A 30 1.16 19.66 -17.69
CA GLY A 30 1.09 21.01 -18.23
C GLY A 30 1.63 22.02 -17.21
N ALA A 31 2.96 22.06 -17.09
CA ALA A 31 3.59 22.98 -16.15
C ALA A 31 2.95 22.87 -14.77
N ASN A 32 3.38 21.88 -14.01
CA ASN A 32 2.85 21.66 -12.66
C ASN A 32 3.54 22.58 -11.66
N ASN A 33 2.81 22.95 -10.61
CA ASN A 33 3.36 23.82 -9.58
C ASN A 33 4.29 23.04 -8.65
N GLY A 34 5.35 23.70 -8.20
CA GLY A 34 6.30 23.06 -7.29
C GLY A 34 5.92 23.28 -5.84
N GLY A 35 6.85 23.82 -5.06
CA GLY A 35 6.59 24.07 -3.65
C GLY A 35 6.71 22.79 -2.84
N GLY A 36 6.92 22.94 -1.53
CA GLY A 36 7.05 21.79 -0.65
C GLY A 36 6.63 22.14 0.77
N GLU A 37 7.62 22.17 1.68
CA GLU A 37 7.37 22.49 3.09
C GLU A 37 6.00 21.97 3.53
N ASN A 38 4.99 22.82 3.41
CA ASN A 38 3.64 22.44 3.81
C ASN A 38 3.66 21.67 5.13
N SER A 39 2.54 21.03 5.45
CA SER A 39 2.44 20.26 6.69
C SER A 39 1.07 19.63 6.81
N ALA A 40 1.05 18.34 7.13
CA ALA A 40 -0.22 17.61 7.27
C ALA A 40 0.03 16.11 7.39
N PRO A 41 0.52 15.68 8.52
CA PRO A 41 0.82 14.24 8.77
C PRO A 41 -0.36 13.34 8.43
N VAL A 42 -0.12 12.32 7.61
CA VAL A 42 -1.17 11.40 7.22
C VAL A 42 -0.58 10.24 6.41
N GLY A 43 -0.47 9.07 7.05
CA GLY A 43 0.07 7.89 6.39
C GLY A 43 1.47 7.57 6.92
N ALA A 44 2.21 8.61 7.30
CA ALA A 44 3.55 8.42 7.83
C ALA A 44 3.51 7.57 9.09
N ALA A 45 2.37 7.58 9.77
CA ALA A 45 2.21 6.81 10.99
C ALA A 45 2.28 5.32 10.70
N ILE A 46 1.77 4.91 9.54
CA ILE A 46 1.79 3.50 9.17
C ILE A 46 2.99 3.21 8.26
N ALA A 47 3.47 4.23 7.56
CA ALA A 47 4.60 4.07 6.66
C ALA A 47 5.85 3.72 7.45
N ASN A 48 5.88 4.10 8.72
CA ASN A 48 7.02 3.83 9.57
C ASN A 48 6.94 2.42 10.16
N PHE A 49 5.72 1.88 10.19
CA PHE A 49 5.51 0.54 10.71
C PHE A 49 6.15 -0.50 9.80
N LEU A 50 6.91 -0.04 8.82
CA LEU A 50 7.59 -0.92 7.89
C LEU A 50 9.08 -0.59 7.87
N GLU A 51 9.89 -1.48 8.45
CA GLU A 51 11.33 -1.28 8.51
C GLU A 51 11.86 -0.79 7.15
N PRO A 52 12.94 -0.04 7.14
CA PRO A 52 13.53 0.49 5.88
C PRO A 52 13.90 -0.62 4.90
N GLN A 53 14.69 -1.59 5.37
CA GLN A 53 15.09 -2.71 4.52
C GLN A 53 13.87 -3.48 4.05
N ALA A 54 12.97 -3.76 4.98
CA ALA A 54 11.74 -4.48 4.66
C ALA A 54 10.89 -3.66 3.71
N LEU A 55 11.03 -2.34 3.79
CA LEU A 55 10.25 -1.46 2.92
C LEU A 55 10.54 -1.76 1.46
N GLU A 56 11.80 -2.09 1.17
CA GLU A 56 12.20 -2.40 -0.20
C GLU A 56 11.61 -3.75 -0.63
N ARG A 57 11.52 -4.68 0.32
CA ARG A 57 10.99 -6.01 0.02
C ARG A 57 9.58 -5.92 -0.53
N LEU A 58 8.68 -5.30 0.23
CA LEU A 58 7.29 -5.16 -0.21
C LEU A 58 7.24 -4.45 -1.57
N SER A 59 8.13 -3.49 -1.74
CA SER A 59 8.19 -2.74 -2.99
C SER A 59 8.64 -3.64 -4.14
N ARG A 60 9.61 -4.51 -3.87
CA ARG A 60 10.15 -5.42 -4.88
C ARG A 60 9.11 -6.40 -5.39
N VAL A 61 8.36 -7.00 -4.48
CA VAL A 61 7.36 -7.98 -4.86
C VAL A 61 6.27 -7.35 -5.74
N ALA A 62 5.86 -6.13 -5.38
CA ALA A 62 4.83 -5.44 -6.13
C ALA A 62 5.05 -5.55 -7.64
N LEU A 63 6.30 -5.36 -8.06
CA LEU A 63 6.62 -5.44 -9.49
C LEU A 63 6.34 -6.82 -10.06
N VAL A 64 6.32 -7.83 -9.20
CA VAL A 64 6.08 -9.20 -9.64
C VAL A 64 4.66 -9.66 -9.32
N ARG A 65 4.24 -9.47 -8.07
CA ARG A 65 2.90 -9.88 -7.65
C ARG A 65 2.21 -8.77 -6.88
N ARG A 66 1.63 -7.82 -7.60
CA ARG A 66 0.92 -6.72 -6.98
C ARG A 66 -0.25 -7.24 -6.14
N ASP A 67 -0.82 -8.37 -6.58
CA ASP A 67 -1.94 -8.96 -5.86
C ASP A 67 -1.54 -9.37 -4.46
N ARG A 68 -0.38 -10.03 -4.34
CA ARG A 68 0.11 -10.48 -3.05
C ARG A 68 0.49 -9.27 -2.18
N ALA A 69 1.15 -8.30 -2.79
CA ALA A 69 1.56 -7.10 -2.07
C ALA A 69 0.36 -6.34 -1.53
N GLN A 70 -0.76 -6.48 -2.21
CA GLN A 70 -1.98 -5.79 -1.79
C GLN A 70 -2.58 -6.43 -0.55
N ALA A 71 -2.46 -7.74 -0.44
CA ALA A 71 -3.00 -8.46 0.71
C ALA A 71 -2.10 -8.30 1.94
N VAL A 72 -0.79 -8.14 1.72
CA VAL A 72 0.14 -7.98 2.83
C VAL A 72 -0.08 -6.64 3.52
N GLU A 73 -0.15 -5.58 2.73
CA GLU A 73 -0.37 -4.25 3.27
C GLU A 73 -1.75 -4.16 3.91
N THR A 74 -2.71 -4.88 3.33
CA THR A 74 -4.07 -4.88 3.86
C THR A 74 -4.13 -5.60 5.20
N TYR A 75 -3.27 -6.61 5.35
CA TYR A 75 -3.22 -7.38 6.59
C TYR A 75 -2.77 -6.49 7.76
N LEU A 76 -1.70 -5.74 7.53
CA LEU A 76 -1.17 -4.85 8.57
C LEU A 76 -2.15 -3.71 8.87
N LYS A 77 -2.69 -3.11 7.81
CA LYS A 77 -3.62 -2.00 7.97
C LYS A 77 -4.85 -2.43 8.77
N LYS A 78 -5.37 -3.61 8.46
CA LYS A 78 -6.55 -4.11 9.16
C LYS A 78 -6.26 -4.32 10.64
N LEU A 79 -5.13 -4.95 10.94
CA LEU A 79 -4.75 -5.20 12.32
C LEU A 79 -4.40 -3.89 13.03
N ILE A 80 -3.60 -3.06 12.37
CA ILE A 80 -3.21 -1.77 12.96
C ILE A 80 -4.46 -0.94 13.23
N ALA A 81 -5.38 -0.94 12.27
CA ALA A 81 -6.61 -0.17 12.40
C ALA A 81 -7.52 -0.79 13.47
N THR A 82 -7.50 -2.10 13.58
CA THR A 82 -8.33 -2.78 14.57
C THR A 82 -7.68 -2.70 15.95
N ASN A 83 -6.75 -3.62 16.23
CA ASN A 83 -6.06 -3.65 17.52
C ASN A 83 -5.34 -4.98 17.73
N ASN A 84 -4.18 -5.13 17.09
CA ASN A 84 -3.42 -6.39 17.24
C ASN A 84 -1.94 -6.14 17.00
N VAL A 85 -1.63 -5.38 15.96
CA VAL A 85 -0.24 -5.08 15.63
C VAL A 85 0.38 -4.21 16.72
N THR A 86 1.65 -4.47 17.01
CA THR A 86 2.37 -3.70 18.02
C THR A 86 3.80 -3.43 17.59
N HIS A 87 4.29 -4.24 16.64
CA HIS A 87 5.65 -4.08 16.13
C HIS A 87 5.63 -3.53 14.71
N LYS A 88 6.82 -3.34 14.14
CA LYS A 88 6.93 -2.83 12.78
C LYS A 88 7.23 -3.96 11.80
N ILE A 89 6.33 -4.15 10.84
CA ILE A 89 6.51 -5.20 9.85
C ILE A 89 7.95 -5.22 9.35
N THR A 90 8.50 -6.44 9.24
CA THR A 90 9.87 -6.60 8.76
C THR A 90 9.87 -7.42 7.46
N GLU A 91 11.03 -7.51 6.83
CA GLU A 91 11.16 -8.26 5.57
C GLU A 91 10.66 -9.68 5.75
N ALA A 92 10.80 -10.20 6.96
CA ALA A 92 10.38 -11.57 7.26
C ALA A 92 8.88 -11.61 7.51
N GLU A 93 8.33 -10.55 8.07
CA GLU A 93 6.90 -10.49 8.36
C GLU A 93 6.11 -10.48 7.07
N ILE A 94 6.52 -9.64 6.11
CA ILE A 94 5.83 -9.57 4.83
C ILE A 94 5.91 -10.90 4.11
N VAL A 95 7.10 -11.48 4.10
CA VAL A 95 7.30 -12.78 3.47
C VAL A 95 6.33 -13.79 4.08
N SER A 96 6.14 -13.67 5.40
CA SER A 96 5.25 -14.59 6.11
C SER A 96 3.81 -14.49 5.57
N ILE A 97 3.32 -13.27 5.38
CA ILE A 97 1.96 -13.11 4.86
C ILE A 97 1.94 -13.54 3.40
N LEU A 98 2.96 -13.13 2.65
CA LEU A 98 3.06 -13.47 1.24
C LEU A 98 3.01 -14.99 1.06
N ASN A 99 3.72 -15.71 1.91
CA ASN A 99 3.75 -17.17 1.83
C ASN A 99 2.38 -17.75 2.20
N GLY A 100 1.68 -17.08 3.11
CA GLY A 100 0.36 -17.53 3.52
C GLY A 100 -0.71 -17.11 2.53
N ILE A 101 -0.51 -15.97 1.89
CA ILE A 101 -1.45 -15.47 0.91
C ILE A 101 -1.36 -16.24 -0.40
N ALA A 102 -0.14 -16.63 -0.76
CA ALA A 102 0.09 -17.37 -1.99
C ALA A 102 -0.69 -18.69 -1.96
N LYS A 103 -0.82 -19.26 -0.78
CA LYS A 103 -1.55 -20.52 -0.63
C LYS A 103 -3.05 -20.28 -0.66
N GLN A 104 -3.46 -19.09 -0.22
CA GLN A 104 -4.88 -18.74 -0.19
C GLN A 104 -5.34 -18.30 -1.58
N GLN A 105 -4.60 -17.37 -2.19
CA GLN A 105 -4.96 -16.87 -3.51
C GLN A 105 -6.08 -15.85 -3.40
N ASN A 106 -6.92 -15.77 -4.44
CA ASN A 106 -8.03 -14.82 -4.45
C ASN A 106 -8.93 -15.05 -3.24
N SER A 107 -10.03 -15.76 -3.46
CA SER A 107 -10.98 -16.05 -2.39
C SER A 107 -11.38 -14.76 -1.67
N GLN A 108 -12.47 -14.16 -2.12
CA GLN A 108 -12.95 -12.92 -1.50
C GLN A 108 -14.15 -13.20 -0.60
N ASN A 109 -15.31 -13.40 -1.21
CA ASN A 109 -16.53 -13.68 -0.45
C ASN A 109 -16.98 -12.44 0.31
N ASN A 110 -16.16 -12.01 1.26
CA ASN A 110 -16.49 -10.83 2.06
C ASN A 110 -15.27 -9.93 2.22
N SER A 111 -14.58 -10.08 3.35
CA SER A 111 -13.39 -9.27 3.62
C SER A 111 -13.65 -7.81 3.26
N LYS A 112 -12.58 -7.02 3.23
CA LYS A 112 -12.68 -5.61 2.90
C LYS A 112 -13.98 -5.00 3.41
N ILE A 113 -15.02 -5.06 2.59
CA ILE A 113 -16.32 -4.52 2.96
C ILE A 113 -16.78 -5.11 4.29
N ILE A 114 -16.03 -6.07 4.80
CA ILE A 114 -16.37 -6.72 6.07
C ILE A 114 -16.19 -5.73 7.23
N PHE A 115 -15.50 -4.63 6.95
CA PHE A 115 -15.27 -3.62 7.98
C PHE A 115 -16.56 -3.32 8.75
N GLU A 116 -17.69 -3.45 8.06
CA GLU A 116 -18.98 -3.19 8.69
C GLU A 116 -19.56 -4.47 9.27
N MET A 1 -18.75 -9.67 -9.89
CA MET A 1 -18.02 -9.30 -8.65
C MET A 1 -16.83 -8.41 -9.00
N ASP A 2 -15.65 -8.83 -8.55
CA ASP A 2 -14.43 -8.06 -8.82
C ASP A 2 -14.52 -6.67 -8.18
N PRO A 3 -14.76 -6.62 -6.90
CA PRO A 3 -14.87 -5.32 -6.15
C PRO A 3 -13.53 -4.60 -6.07
N GLU A 4 -12.45 -5.32 -6.37
CA GLU A 4 -11.11 -4.72 -6.33
C GLU A 4 -10.91 -3.76 -7.49
N LEU A 5 -11.50 -4.10 -8.64
CA LEU A 5 -11.39 -3.25 -9.83
C LEU A 5 -12.02 -1.89 -9.58
N GLN A 6 -13.12 -1.88 -8.83
CA GLN A 6 -13.82 -0.63 -8.53
C GLN A 6 -12.94 0.26 -7.66
N CYS A 7 -12.13 -0.35 -6.80
CA CYS A 7 -11.25 0.42 -5.92
C CYS A 7 -10.16 1.12 -6.73
N ILE A 8 -9.44 0.35 -7.54
CA ILE A 8 -8.37 0.90 -8.36
C ILE A 8 -8.88 2.04 -9.24
N ARG A 9 -10.14 1.96 -9.65
CA ARG A 9 -10.73 2.98 -10.50
C ARG A 9 -10.67 4.36 -9.84
N GLU A 10 -10.85 4.40 -8.52
CA GLU A 10 -10.80 5.68 -7.81
C GLU A 10 -9.36 6.20 -7.75
N CYS A 11 -8.41 5.29 -7.63
CA CYS A 11 -7.00 5.67 -7.57
C CYS A 11 -6.53 6.21 -8.92
N ARG A 12 -7.09 5.67 -9.99
CA ARG A 12 -6.73 6.11 -11.33
C ARG A 12 -6.88 7.62 -11.46
N LEU A 13 -7.96 8.14 -10.92
CA LEU A 13 -8.23 9.58 -10.97
C LEU A 13 -7.12 10.34 -10.25
N ALA A 14 -6.77 9.90 -9.05
CA ALA A 14 -5.73 10.54 -8.26
C ALA A 14 -4.36 10.33 -8.91
N GLN A 15 -4.21 9.21 -9.60
CA GLN A 15 -2.95 8.90 -10.26
C GLN A 15 -2.80 9.71 -11.54
N LEU A 16 -3.94 10.12 -12.10
CA LEU A 16 -3.93 10.91 -13.33
C LEU A 16 -3.48 10.05 -14.51
N LYS A 17 -4.43 9.68 -15.36
CA LYS A 17 -4.11 8.85 -16.52
C LYS A 17 -4.99 9.26 -17.71
N ASN A 18 -4.52 8.94 -18.91
CA ASN A 18 -5.26 9.26 -20.13
C ASN A 18 -5.55 7.99 -20.94
N ASN A 19 -6.04 8.19 -22.16
CA ASN A 19 -6.35 7.06 -23.03
C ASN A 19 -5.07 6.32 -23.44
N SER A 20 -3.95 6.74 -22.85
CA SER A 20 -2.67 6.11 -23.16
C SER A 20 -2.27 5.13 -22.06
N GLY A 21 -1.43 4.17 -22.41
CA GLY A 21 -0.97 3.17 -21.44
C GLY A 21 0.42 3.51 -20.92
N GLY A 22 0.46 4.34 -19.88
CA GLY A 22 1.74 4.74 -19.29
C GLY A 22 2.17 6.11 -19.81
N THR A 23 3.46 6.21 -20.14
CA THR A 23 4.00 7.46 -20.64
C THR A 23 3.60 8.62 -19.74
N ASN A 24 3.39 9.79 -20.35
CA ASN A 24 3.00 10.98 -19.59
C ASN A 24 3.81 11.07 -18.29
N GLY A 25 3.20 10.61 -17.20
CA GLY A 25 3.87 10.65 -15.91
C GLY A 25 5.01 9.63 -15.85
N ASP A 26 5.57 9.44 -14.66
CA ASP A 26 6.67 8.50 -14.49
C ASP A 26 6.14 7.07 -14.44
N ARG A 27 7.05 6.12 -14.28
CA ARG A 27 6.66 4.71 -14.22
C ARG A 27 7.78 3.87 -13.60
N ASN A 28 9.02 4.23 -13.91
CA ASN A 28 10.17 3.50 -13.38
C ASN A 28 10.28 3.70 -11.88
N SER A 29 9.58 4.71 -11.37
CA SER A 29 9.61 5.01 -9.93
C SER A 29 10.85 5.81 -9.56
N GLY A 30 11.48 6.42 -10.57
CA GLY A 30 12.68 7.21 -10.34
C GLY A 30 12.34 8.71 -10.29
N ALA A 31 13.07 9.44 -9.46
CA ALA A 31 12.85 10.87 -9.32
C ALA A 31 11.56 11.13 -8.54
N ASN A 32 11.69 11.78 -7.40
CA ASN A 32 10.53 12.09 -6.57
C ASN A 32 10.83 13.26 -5.64
N ASN A 33 9.79 14.03 -5.29
CA ASN A 33 9.96 15.17 -4.41
C ASN A 33 10.32 14.72 -3.00
N GLY A 34 9.95 15.53 -2.01
CA GLY A 34 10.25 15.19 -0.62
C GLY A 34 11.44 15.98 -0.12
N GLY A 35 11.25 16.71 0.98
CA GLY A 35 12.33 17.51 1.56
C GLY A 35 12.06 17.83 3.03
N GLY A 36 11.46 18.99 3.26
CA GLY A 36 11.14 19.41 4.62
C GLY A 36 9.98 18.59 5.20
N GLU A 37 10.16 17.27 5.23
CA GLU A 37 9.14 16.36 5.74
C GLU A 37 7.74 16.90 5.51
N ASN A 38 7.43 17.20 4.25
CA ASN A 38 6.11 17.73 3.90
C ASN A 38 5.66 18.76 4.93
N SER A 39 4.60 18.45 5.65
CA SER A 39 4.07 19.37 6.66
C SER A 39 2.98 18.69 7.49
N ALA A 40 3.10 17.37 7.64
CA ALA A 40 2.12 16.61 8.41
C ALA A 40 2.38 15.11 8.27
N PRO A 41 1.88 14.31 9.18
CA PRO A 41 2.06 12.84 9.13
C PRO A 41 1.32 12.19 7.96
N VAL A 42 -0.01 12.07 8.12
CA VAL A 42 -0.84 11.47 7.09
C VAL A 42 -0.10 10.39 6.32
N GLY A 43 0.55 9.49 7.05
CA GLY A 43 1.30 8.41 6.41
C GLY A 43 2.27 7.78 7.40
N ALA A 44 3.10 8.61 8.02
CA ALA A 44 4.08 8.12 8.98
C ALA A 44 3.41 7.20 10.01
N ALA A 45 2.11 7.40 10.22
CA ALA A 45 1.38 6.58 11.18
C ALA A 45 1.49 5.10 10.82
N ILE A 46 1.64 4.82 9.53
CA ILE A 46 1.75 3.44 9.07
C ILE A 46 3.07 3.23 8.32
N ALA A 47 3.64 4.32 7.81
CA ALA A 47 4.90 4.24 7.08
C ALA A 47 6.02 3.80 8.01
N ASN A 48 5.86 4.08 9.30
CA ASN A 48 6.87 3.72 10.29
C ASN A 48 6.68 2.26 10.71
N PHE A 49 5.54 1.70 10.36
CA PHE A 49 5.22 0.32 10.71
C PHE A 49 5.90 -0.65 9.75
N LEU A 50 6.58 -0.09 8.74
CA LEU A 50 7.28 -0.91 7.75
C LEU A 50 8.77 -0.57 7.78
N GLU A 51 9.59 -1.49 8.28
CA GLU A 51 11.03 -1.28 8.37
C GLU A 51 11.61 -0.87 7.01
N PRO A 52 12.70 -0.15 6.98
CA PRO A 52 13.34 0.28 5.70
C PRO A 52 13.62 -0.90 4.76
N GLN A 53 14.37 -1.87 5.26
CA GLN A 53 14.71 -3.05 4.46
C GLN A 53 13.45 -3.80 4.04
N ALA A 54 12.53 -3.96 4.98
CA ALA A 54 11.28 -4.65 4.69
C ALA A 54 10.51 -3.92 3.61
N LEU A 55 10.72 -2.60 3.55
CA LEU A 55 10.04 -1.77 2.55
C LEU A 55 10.53 -2.09 1.15
N GLU A 56 11.84 -2.27 1.01
CA GLU A 56 12.42 -2.57 -0.29
C GLU A 56 11.93 -3.92 -0.81
N ARG A 57 11.82 -4.90 0.08
CA ARG A 57 11.37 -6.23 -0.31
C ARG A 57 9.98 -6.18 -0.93
N LEU A 58 9.02 -5.62 -0.21
CA LEU A 58 7.65 -5.53 -0.72
C LEU A 58 7.64 -4.81 -2.07
N SER A 59 8.56 -3.87 -2.24
CA SER A 59 8.64 -3.11 -3.47
C SER A 59 9.07 -4.03 -4.62
N ARG A 60 10.03 -4.91 -4.34
CA ARG A 60 10.56 -5.83 -5.34
C ARG A 60 9.54 -6.86 -5.81
N VAL A 61 8.81 -7.47 -4.88
CA VAL A 61 7.81 -8.49 -5.25
C VAL A 61 6.65 -7.86 -6.00
N ALA A 62 6.17 -6.72 -5.52
CA ALA A 62 5.06 -6.03 -6.16
C ALA A 62 5.29 -5.88 -7.66
N LEU A 63 6.56 -5.71 -8.04
CA LEU A 63 6.90 -5.55 -9.45
C LEU A 63 6.57 -6.82 -10.23
N VAL A 64 6.48 -7.94 -9.52
CA VAL A 64 6.18 -9.23 -10.16
C VAL A 64 4.74 -9.66 -9.87
N ARG A 65 4.35 -9.60 -8.59
CA ARG A 65 2.99 -9.99 -8.21
C ARG A 65 2.36 -8.95 -7.29
N ARG A 66 1.81 -7.90 -7.90
CA ARG A 66 1.16 -6.84 -7.14
C ARG A 66 0.01 -7.39 -6.32
N ASP A 67 -0.64 -8.43 -6.83
CA ASP A 67 -1.77 -9.03 -6.15
C ASP A 67 -1.39 -9.52 -4.75
N ARG A 68 -0.27 -10.22 -4.67
CA ARG A 68 0.20 -10.73 -3.39
C ARG A 68 0.71 -9.59 -2.51
N ALA A 69 1.34 -8.62 -3.14
CA ALA A 69 1.87 -7.45 -2.43
C ALA A 69 0.74 -6.61 -1.85
N GLN A 70 -0.37 -6.56 -2.57
CA GLN A 70 -1.51 -5.77 -2.16
C GLN A 70 -2.21 -6.40 -0.96
N ALA A 71 -2.28 -7.73 -0.98
CA ALA A 71 -2.93 -8.45 0.10
C ALA A 71 -2.16 -8.29 1.40
N VAL A 72 -0.83 -8.17 1.30
CA VAL A 72 -0.01 -8.01 2.50
C VAL A 72 -0.30 -6.68 3.16
N GLU A 73 -0.30 -5.62 2.36
CA GLU A 73 -0.57 -4.29 2.87
C GLU A 73 -1.92 -4.25 3.56
N THR A 74 -2.87 -5.03 3.04
CA THR A 74 -4.21 -5.09 3.60
C THR A 74 -4.20 -5.77 4.96
N TYR A 75 -3.39 -6.80 5.08
CA TYR A 75 -3.29 -7.55 6.33
C TYR A 75 -2.86 -6.65 7.48
N LEU A 76 -1.94 -5.74 7.21
CA LEU A 76 -1.44 -4.83 8.23
C LEU A 76 -2.54 -3.91 8.76
N LYS A 77 -3.35 -3.35 7.86
CA LYS A 77 -4.42 -2.45 8.30
C LYS A 77 -5.36 -3.17 9.26
N LYS A 78 -5.57 -4.45 9.02
CA LYS A 78 -6.43 -5.25 9.87
C LYS A 78 -5.85 -5.33 11.28
N LEU A 79 -4.54 -5.58 11.35
CA LEU A 79 -3.86 -5.67 12.63
C LEU A 79 -3.81 -4.30 13.31
N ILE A 80 -3.45 -3.28 12.54
CA ILE A 80 -3.36 -1.93 13.07
C ILE A 80 -4.75 -1.40 13.44
N ALA A 81 -5.73 -1.70 12.60
CA ALA A 81 -7.10 -1.24 12.83
C ALA A 81 -7.70 -1.93 14.05
N THR A 82 -7.18 -3.11 14.37
CA THR A 82 -7.69 -3.87 15.51
C THR A 82 -7.14 -3.30 16.81
N ASN A 83 -5.84 -3.47 17.03
CA ASN A 83 -5.20 -2.97 18.24
C ASN A 83 -3.77 -3.49 18.37
N ASN A 84 -3.46 -4.57 17.64
CA ASN A 84 -2.13 -5.17 17.69
C ASN A 84 -1.06 -4.08 17.73
N VAL A 85 -1.40 -2.88 17.26
CA VAL A 85 -0.47 -1.75 17.24
C VAL A 85 0.50 -1.83 18.41
N THR A 86 1.62 -2.48 18.18
CA THR A 86 2.64 -2.63 19.22
C THR A 86 3.95 -3.07 18.60
N HIS A 87 4.03 -2.95 17.28
CA HIS A 87 5.23 -3.34 16.56
C HIS A 87 5.25 -2.75 15.15
N LYS A 88 6.20 -3.20 14.34
CA LYS A 88 6.32 -2.70 12.97
C LYS A 88 6.64 -3.84 12.01
N ILE A 89 5.82 -4.01 10.99
CA ILE A 89 6.04 -5.07 10.01
C ILE A 89 7.51 -5.16 9.65
N THR A 90 8.02 -6.39 9.61
CA THR A 90 9.42 -6.62 9.26
C THR A 90 9.49 -7.33 7.92
N GLU A 91 10.70 -7.43 7.36
CA GLU A 91 10.89 -8.07 6.08
C GLU A 91 10.30 -9.48 6.09
N ALA A 92 10.31 -10.08 7.26
CA ALA A 92 9.78 -11.44 7.41
C ALA A 92 8.27 -11.42 7.54
N GLU A 93 7.74 -10.40 8.20
CA GLU A 93 6.30 -10.29 8.39
C GLU A 93 5.60 -10.16 7.03
N ILE A 94 6.21 -9.43 6.11
CA ILE A 94 5.61 -9.24 4.80
C ILE A 94 5.75 -10.52 3.98
N VAL A 95 6.91 -11.15 4.05
CA VAL A 95 7.16 -12.38 3.33
C VAL A 95 6.29 -13.50 3.89
N SER A 96 6.16 -13.52 5.21
CA SER A 96 5.37 -14.54 5.88
C SER A 96 3.92 -14.50 5.42
N ILE A 97 3.35 -13.30 5.36
CA ILE A 97 1.98 -13.16 4.93
C ILE A 97 1.89 -13.39 3.42
N LEU A 98 2.87 -12.85 2.70
CA LEU A 98 2.90 -13.01 1.25
C LEU A 98 2.87 -14.49 0.90
N ASN A 99 3.63 -15.29 1.65
CA ASN A 99 3.68 -16.73 1.42
C ASN A 99 2.35 -17.38 1.74
N GLY A 100 1.65 -16.82 2.72
CA GLY A 100 0.35 -17.36 3.11
C GLY A 100 -0.72 -16.99 2.09
N ILE A 101 -0.57 -15.83 1.48
CA ILE A 101 -1.53 -15.36 0.48
C ILE A 101 -1.33 -16.09 -0.84
N ALA A 102 -0.08 -16.40 -1.17
CA ALA A 102 0.22 -17.09 -2.41
C ALA A 102 -0.49 -18.44 -2.44
N LYS A 103 -0.76 -18.99 -1.25
CA LYS A 103 -1.44 -20.28 -1.16
C LYS A 103 -2.94 -20.12 -1.40
N GLN A 104 -3.54 -19.13 -0.74
CA GLN A 104 -4.98 -18.89 -0.88
C GLN A 104 -5.29 -18.11 -2.16
N GLN A 105 -4.28 -17.44 -2.71
CA GLN A 105 -4.46 -16.66 -3.93
C GLN A 105 -5.44 -17.35 -4.88
N ASN A 106 -5.30 -18.66 -5.02
CA ASN A 106 -6.18 -19.43 -5.88
C ASN A 106 -6.39 -18.70 -7.21
N SER A 107 -5.29 -18.39 -7.89
CA SER A 107 -5.36 -17.69 -9.16
C SER A 107 -6.25 -16.46 -9.04
N GLN A 108 -5.86 -15.52 -8.18
CA GLN A 108 -6.63 -14.31 -7.98
C GLN A 108 -8.07 -14.64 -7.62
N ASN A 109 -8.44 -14.43 -6.36
CA ASN A 109 -9.79 -14.71 -5.90
C ASN A 109 -10.33 -13.56 -5.06
N ASN A 110 -11.60 -13.63 -4.70
CA ASN A 110 -12.23 -12.59 -3.90
C ASN A 110 -12.33 -13.02 -2.44
N SER A 111 -11.47 -12.45 -1.59
CA SER A 111 -11.48 -12.79 -0.17
C SER A 111 -10.70 -11.75 0.63
N LYS A 112 -11.02 -11.66 1.92
CA LYS A 112 -10.35 -10.70 2.81
C LYS A 112 -10.04 -9.41 2.07
N ILE A 113 -10.85 -9.08 1.08
CA ILE A 113 -10.65 -7.85 0.30
C ILE A 113 -11.97 -7.12 0.11
N ILE A 114 -13.08 -7.84 0.30
CA ILE A 114 -14.40 -7.25 0.14
C ILE A 114 -14.68 -6.26 1.27
N PHE A 115 -13.85 -6.30 2.31
CA PHE A 115 -14.01 -5.40 3.44
C PHE A 115 -13.91 -3.95 2.99
N GLU A 116 -12.84 -3.64 2.26
CA GLU A 116 -12.63 -2.28 1.77
C GLU A 116 -11.50 -2.25 0.74
N MET A 1 -13.54 -10.71 -8.99
CA MET A 1 -14.50 -9.68 -8.51
C MET A 1 -14.23 -9.36 -7.05
N ASP A 2 -13.10 -8.72 -6.79
CA ASP A 2 -12.73 -8.36 -5.43
C ASP A 2 -13.02 -6.88 -5.17
N PRO A 3 -13.10 -6.48 -3.92
CA PRO A 3 -13.37 -5.06 -3.55
C PRO A 3 -12.20 -4.14 -3.89
N GLU A 4 -11.12 -4.74 -4.39
CA GLU A 4 -9.93 -3.97 -4.74
C GLU A 4 -10.17 -3.19 -6.04
N LEU A 5 -10.99 -3.76 -6.92
CA LEU A 5 -11.29 -3.12 -8.19
C LEU A 5 -12.02 -1.80 -7.96
N GLN A 6 -13.07 -1.84 -7.16
CA GLN A 6 -13.85 -0.63 -6.88
C GLN A 6 -12.98 0.40 -6.17
N CYS A 7 -12.02 -0.09 -5.39
CA CYS A 7 -11.12 0.81 -4.66
C CYS A 7 -10.23 1.59 -5.62
N ILE A 8 -9.80 0.93 -6.70
CA ILE A 8 -8.96 1.57 -7.69
C ILE A 8 -9.72 2.62 -8.50
N ARG A 9 -11.01 2.36 -8.73
CA ARG A 9 -11.83 3.28 -9.50
C ARG A 9 -11.86 4.67 -8.86
N GLU A 10 -12.02 4.71 -7.55
CA GLU A 10 -12.07 5.99 -6.84
C GLU A 10 -10.67 6.60 -6.77
N CYS A 11 -9.67 5.74 -6.60
CA CYS A 11 -8.29 6.20 -6.53
C CYS A 11 -7.81 6.69 -7.89
N ARG A 12 -8.31 6.06 -8.95
CA ARG A 12 -7.91 6.44 -10.30
C ARG A 12 -8.15 7.93 -10.52
N LEU A 13 -9.34 8.39 -10.19
CA LEU A 13 -9.68 9.81 -10.36
C LEU A 13 -8.66 10.69 -9.64
N ALA A 14 -8.33 10.30 -8.40
CA ALA A 14 -7.38 11.07 -7.61
C ALA A 14 -5.97 10.94 -8.19
N GLN A 15 -5.73 9.82 -8.88
CA GLN A 15 -4.43 9.58 -9.49
C GLN A 15 -4.29 10.37 -10.79
N LEU A 16 -5.36 10.39 -11.57
CA LEU A 16 -5.34 11.11 -12.85
C LEU A 16 -4.01 10.91 -13.56
N LYS A 17 -3.70 9.65 -13.87
CA LYS A 17 -2.46 9.33 -14.56
C LYS A 17 -2.64 9.44 -16.07
N ASN A 18 -2.25 10.57 -16.63
CA ASN A 18 -2.38 10.78 -18.07
C ASN A 18 -1.05 10.50 -18.77
N ASN A 19 0.05 10.74 -18.07
CA ASN A 19 1.37 10.52 -18.63
C ASN A 19 1.73 9.03 -18.57
N SER A 20 2.88 8.69 -19.12
CA SER A 20 3.33 7.30 -19.12
C SER A 20 4.38 7.08 -18.03
N GLY A 21 5.53 7.74 -18.19
CA GLY A 21 6.60 7.60 -17.21
C GLY A 21 6.43 8.58 -16.05
N GLY A 22 6.05 8.07 -14.89
CA GLY A 22 5.83 8.91 -13.72
C GLY A 22 7.13 9.61 -13.32
N THR A 23 7.02 10.88 -12.99
CA THR A 23 8.18 11.66 -12.58
C THR A 23 9.09 11.92 -13.77
N ASN A 24 8.84 11.22 -14.87
CA ASN A 24 9.65 11.38 -16.07
C ASN A 24 10.99 10.68 -15.91
N GLY A 25 11.31 10.30 -14.68
CA GLY A 25 12.58 9.62 -14.40
C GLY A 25 12.51 8.16 -14.81
N ASP A 26 12.65 7.26 -13.84
CA ASP A 26 12.60 5.84 -14.11
C ASP A 26 12.35 5.05 -12.84
N ARG A 27 11.39 4.12 -12.89
CA ARG A 27 11.06 3.31 -11.73
C ARG A 27 12.09 2.20 -11.54
N ASN A 28 13.27 2.40 -12.10
CA ASN A 28 14.34 1.42 -11.98
C ASN A 28 15.33 1.81 -10.89
N SER A 29 16.55 1.32 -11.00
CA SER A 29 17.59 1.62 -10.02
C SER A 29 17.01 1.67 -8.61
N GLY A 30 16.92 2.86 -8.04
CA GLY A 30 16.37 3.03 -6.70
C GLY A 30 16.11 4.49 -6.40
N ALA A 31 16.75 5.38 -7.15
CA ALA A 31 16.57 6.81 -6.95
C ALA A 31 17.11 7.23 -5.59
N ASN A 32 17.40 8.52 -5.45
CA ASN A 32 17.92 9.04 -4.18
C ASN A 32 16.78 9.30 -3.20
N ASN A 33 17.15 9.60 -1.96
CA ASN A 33 16.15 9.87 -0.93
C ASN A 33 16.70 10.85 0.11
N GLY A 34 16.04 11.99 0.25
CA GLY A 34 16.47 12.98 1.22
C GLY A 34 15.85 14.35 0.90
N GLY A 35 16.62 15.41 1.14
CA GLY A 35 16.14 16.75 0.87
C GLY A 35 15.54 17.38 2.13
N GLY A 36 15.61 18.70 2.22
CA GLY A 36 15.07 19.41 3.38
C GLY A 36 13.59 19.14 3.54
N GLU A 37 13.05 19.52 4.69
CA GLU A 37 11.62 19.31 4.99
C GLU A 37 11.39 17.92 5.57
N ASN A 38 12.31 17.49 6.43
CA ASN A 38 12.19 16.17 7.05
C ASN A 38 11.73 15.14 6.02
N SER A 39 11.01 14.11 6.50
CA SER A 39 10.53 13.08 5.61
C SER A 39 9.13 13.41 5.11
N ALA A 40 8.14 13.32 6.00
CA ALA A 40 6.76 13.61 5.65
C ALA A 40 5.81 13.19 6.76
N PRO A 41 5.82 13.92 7.85
CA PRO A 41 4.95 13.62 9.03
C PRO A 41 3.47 13.59 8.67
N VAL A 42 3.07 12.57 7.90
CA VAL A 42 1.68 12.44 7.49
C VAL A 42 1.30 10.97 7.38
N GLY A 43 2.21 10.16 6.85
CA GLY A 43 1.97 8.73 6.70
C GLY A 43 2.85 7.94 7.65
N ALA A 44 3.76 8.64 8.33
CA ALA A 44 4.66 8.02 9.28
C ALA A 44 3.87 7.14 10.25
N ALA A 45 2.60 7.47 10.42
CA ALA A 45 1.74 6.71 11.32
C ALA A 45 1.72 5.24 10.92
N ILE A 46 1.85 4.96 9.63
CA ILE A 46 1.86 3.58 9.14
C ILE A 46 3.16 3.28 8.41
N ALA A 47 3.79 4.33 7.87
CA ALA A 47 5.04 4.17 7.15
C ALA A 47 6.15 3.70 8.09
N ASN A 48 5.96 3.94 9.39
CA ASN A 48 6.95 3.54 10.37
C ASN A 48 6.77 2.07 10.75
N PHE A 49 5.57 1.56 10.48
CA PHE A 49 5.27 0.16 10.79
C PHE A 49 5.95 -0.76 9.78
N LEU A 50 6.60 -0.16 8.79
CA LEU A 50 7.30 -0.92 7.77
C LEU A 50 8.79 -0.60 7.82
N GLU A 51 9.58 -1.55 8.31
CA GLU A 51 11.03 -1.36 8.42
C GLU A 51 11.61 -0.92 7.06
N PRO A 52 12.71 -0.21 7.05
CA PRO A 52 13.35 0.26 5.79
C PRO A 52 13.69 -0.89 4.85
N GLN A 53 14.41 -1.87 5.37
CA GLN A 53 14.79 -3.03 4.56
C GLN A 53 13.54 -3.75 4.07
N ALA A 54 12.60 -3.98 4.98
CA ALA A 54 11.36 -4.65 4.64
C ALA A 54 10.59 -3.85 3.59
N LEU A 55 10.80 -2.53 3.62
CA LEU A 55 10.13 -1.65 2.67
C LEU A 55 10.52 -2.00 1.24
N GLU A 56 11.80 -2.30 1.04
CA GLU A 56 12.29 -2.65 -0.29
C GLU A 56 11.73 -3.99 -0.75
N ARG A 57 11.56 -4.92 0.19
CA ARG A 57 11.05 -6.23 -0.13
C ARG A 57 9.67 -6.15 -0.79
N LEU A 58 8.73 -5.50 -0.10
CA LEU A 58 7.38 -5.37 -0.64
C LEU A 58 7.41 -4.64 -1.98
N SER A 59 8.35 -3.72 -2.12
CA SER A 59 8.48 -2.97 -3.36
C SER A 59 8.92 -3.88 -4.50
N ARG A 60 9.85 -4.79 -4.20
CA ARG A 60 10.38 -5.71 -5.20
C ARG A 60 9.35 -6.70 -5.73
N VAL A 61 8.58 -7.30 -4.82
CA VAL A 61 7.57 -8.27 -5.23
C VAL A 61 6.47 -7.62 -6.06
N ALA A 62 6.07 -6.42 -5.64
CA ALA A 62 5.01 -5.69 -6.33
C ALA A 62 5.22 -5.69 -7.85
N LEU A 63 6.47 -5.55 -8.28
CA LEU A 63 6.77 -5.52 -9.71
C LEU A 63 6.48 -6.87 -10.36
N VAL A 64 6.44 -7.92 -9.55
CA VAL A 64 6.20 -9.26 -10.07
C VAL A 64 4.77 -9.72 -9.79
N ARG A 65 4.35 -9.61 -8.53
CA ARG A 65 2.99 -10.03 -8.16
C ARG A 65 2.33 -9.00 -7.25
N ARG A 66 1.74 -7.98 -7.87
CA ARG A 66 1.05 -6.94 -7.10
C ARG A 66 -0.09 -7.53 -6.28
N ASP A 67 -0.70 -8.58 -6.81
CA ASP A 67 -1.82 -9.23 -6.12
C ASP A 67 -1.42 -9.64 -4.71
N ARG A 68 -0.26 -10.25 -4.58
CA ARG A 68 0.22 -10.69 -3.27
C ARG A 68 0.65 -9.49 -2.43
N ALA A 69 1.22 -8.48 -3.10
CA ALA A 69 1.68 -7.28 -2.42
C ALA A 69 0.52 -6.46 -1.83
N GLN A 70 -0.64 -6.51 -2.47
CA GLN A 70 -1.79 -5.75 -1.99
C GLN A 70 -2.40 -6.40 -0.75
N ALA A 71 -2.36 -7.73 -0.69
CA ALA A 71 -2.93 -8.46 0.44
C ALA A 71 -2.10 -8.22 1.71
N VAL A 72 -0.78 -8.28 1.57
CA VAL A 72 0.11 -8.07 2.71
C VAL A 72 -0.11 -6.68 3.29
N GLU A 73 -0.24 -5.70 2.41
CA GLU A 73 -0.47 -4.33 2.85
C GLU A 73 -1.85 -4.22 3.49
N THR A 74 -2.79 -5.00 2.95
CA THR A 74 -4.17 -5.00 3.47
C THR A 74 -4.22 -5.69 4.83
N TYR A 75 -3.32 -6.64 5.02
CA TYR A 75 -3.27 -7.39 6.27
C TYR A 75 -2.86 -6.48 7.44
N LEU A 76 -1.92 -5.59 7.17
CA LEU A 76 -1.43 -4.67 8.19
C LEU A 76 -2.52 -3.72 8.69
N LYS A 77 -3.28 -3.13 7.76
CA LYS A 77 -4.35 -2.21 8.16
C LYS A 77 -5.33 -2.90 9.07
N LYS A 78 -5.59 -4.18 8.80
CA LYS A 78 -6.51 -4.95 9.62
C LYS A 78 -5.97 -5.06 11.05
N LEU A 79 -4.68 -5.35 11.17
CA LEU A 79 -4.05 -5.46 12.48
C LEU A 79 -4.00 -4.10 13.16
N ILE A 80 -3.56 -3.09 12.43
CA ILE A 80 -3.47 -1.75 12.97
C ILE A 80 -4.85 -1.22 13.32
N ALA A 81 -5.85 -1.60 12.52
CA ALA A 81 -7.22 -1.15 12.77
C ALA A 81 -7.83 -1.88 13.96
N THR A 82 -7.28 -3.05 14.29
CA THR A 82 -7.78 -3.84 15.40
C THR A 82 -7.30 -3.26 16.74
N ASN A 83 -6.02 -3.43 17.02
CA ASN A 83 -5.45 -2.92 18.27
C ASN A 83 -4.01 -3.42 18.46
N ASN A 84 -3.66 -4.48 17.74
CA ASN A 84 -2.32 -5.04 17.84
C ASN A 84 -1.25 -3.95 17.81
N VAL A 85 -1.61 -2.78 17.25
CA VAL A 85 -0.66 -1.66 17.15
C VAL A 85 0.34 -1.68 18.30
N THR A 86 1.48 -2.32 18.05
CA THR A 86 2.53 -2.42 19.06
C THR A 86 3.80 -2.99 18.45
N HIS A 87 3.76 -3.20 17.13
CA HIS A 87 4.91 -3.75 16.42
C HIS A 87 5.14 -3.00 15.11
N LYS A 88 5.98 -3.59 14.26
CA LYS A 88 6.30 -2.98 12.97
C LYS A 88 6.64 -4.05 11.95
N ILE A 89 5.82 -4.18 10.92
CA ILE A 89 6.04 -5.17 9.89
C ILE A 89 7.52 -5.26 9.53
N THR A 90 7.95 -6.45 9.11
CA THR A 90 9.33 -6.68 8.75
C THR A 90 9.41 -7.44 7.43
N GLU A 91 10.61 -7.51 6.85
CA GLU A 91 10.80 -8.20 5.60
C GLU A 91 10.29 -9.64 5.70
N ALA A 92 10.35 -10.17 6.91
CA ALA A 92 9.90 -11.54 7.15
C ALA A 92 8.38 -11.56 7.35
N GLU A 93 7.85 -10.50 7.95
CA GLU A 93 6.42 -10.40 8.18
C GLU A 93 5.67 -10.31 6.86
N ILE A 94 6.15 -9.44 5.97
CA ILE A 94 5.53 -9.27 4.66
C ILE A 94 5.65 -10.56 3.87
N VAL A 95 6.85 -11.13 3.88
CA VAL A 95 7.10 -12.38 3.17
C VAL A 95 6.33 -13.52 3.82
N SER A 96 6.29 -13.51 5.15
CA SER A 96 5.58 -14.56 5.89
C SER A 96 4.11 -14.56 5.52
N ILE A 97 3.50 -13.39 5.49
CA ILE A 97 2.09 -13.28 5.14
C ILE A 97 1.93 -13.58 3.65
N LEU A 98 2.85 -13.05 2.84
CA LEU A 98 2.81 -13.29 1.40
C LEU A 98 2.80 -14.79 1.13
N ASN A 99 3.62 -15.50 1.88
CA ASN A 99 3.70 -16.95 1.73
C ASN A 99 2.35 -17.60 2.00
N GLY A 100 1.58 -16.98 2.90
CA GLY A 100 0.26 -17.48 3.25
C GLY A 100 -0.77 -17.09 2.19
N ILE A 101 -0.58 -15.90 1.61
CA ILE A 101 -1.49 -15.40 0.60
C ILE A 101 -1.25 -16.12 -0.73
N ALA A 102 0.01 -16.22 -1.12
CA ALA A 102 0.37 -16.88 -2.37
C ALA A 102 -0.09 -18.34 -2.36
N LYS A 103 -0.19 -18.91 -1.16
CA LYS A 103 -0.62 -20.30 -1.02
C LYS A 103 -2.13 -20.42 -1.23
N GLN A 104 -2.86 -19.40 -0.82
CA GLN A 104 -4.31 -19.40 -0.98
C GLN A 104 -4.71 -19.01 -2.40
N GLN A 105 -4.27 -17.83 -2.83
CA GLN A 105 -4.58 -17.36 -4.17
C GLN A 105 -3.59 -17.91 -5.18
N ASN A 106 -3.85 -17.67 -6.47
CA ASN A 106 -2.98 -18.15 -7.53
C ASN A 106 -3.04 -17.23 -8.73
N SER A 107 -2.42 -17.64 -9.83
CA SER A 107 -2.42 -16.84 -11.04
C SER A 107 -1.88 -15.45 -10.76
N GLN A 108 -1.80 -14.62 -11.80
CA GLN A 108 -1.30 -13.26 -11.67
C GLN A 108 -2.36 -12.26 -12.10
N ASN A 109 -3.18 -12.65 -13.08
CA ASN A 109 -4.23 -11.77 -13.58
C ASN A 109 -3.64 -10.45 -14.07
N ASN A 110 -4.39 -9.76 -14.93
CA ASN A 110 -3.93 -8.48 -15.46
C ASN A 110 -4.59 -7.32 -14.71
N SER A 111 -4.99 -7.57 -13.47
CA SER A 111 -5.62 -6.55 -12.66
C SER A 111 -4.83 -5.24 -12.72
N LYS A 112 -5.20 -4.37 -13.66
CA LYS A 112 -4.52 -3.08 -13.81
C LYS A 112 -3.26 -3.26 -14.66
N ILE A 113 -2.33 -2.32 -14.52
CA ILE A 113 -1.08 -2.38 -15.28
C ILE A 113 -1.37 -2.47 -16.78
N ILE A 114 -2.65 -2.38 -17.15
CA ILE A 114 -3.03 -2.45 -18.55
C ILE A 114 -2.60 -1.18 -19.29
N PHE A 115 -2.82 -0.04 -18.65
CA PHE A 115 -2.44 1.24 -19.25
C PHE A 115 -0.99 1.19 -19.75
N GLU A 116 -0.08 0.88 -18.84
CA GLU A 116 1.34 0.81 -19.20
C GLU A 116 1.57 -0.26 -20.26
N MET A 1 -14.72 -13.54 -9.70
CA MET A 1 -14.67 -12.35 -8.80
C MET A 1 -13.22 -11.99 -8.52
N ASP A 2 -12.97 -10.71 -8.25
CA ASP A 2 -11.62 -10.24 -7.97
C ASP A 2 -11.66 -8.93 -7.20
N PRO A 3 -12.09 -8.97 -5.97
CA PRO A 3 -12.17 -7.75 -5.11
C PRO A 3 -10.89 -6.93 -5.12
N GLU A 4 -9.78 -7.60 -5.41
CA GLU A 4 -8.48 -6.93 -5.45
C GLU A 4 -8.40 -5.98 -6.65
N LEU A 5 -8.90 -6.44 -7.79
CA LEU A 5 -8.87 -5.62 -9.00
C LEU A 5 -9.67 -4.34 -8.81
N GLN A 6 -10.75 -4.43 -8.04
CA GLN A 6 -11.60 -3.27 -7.78
C GLN A 6 -10.78 -2.14 -7.17
N CYS A 7 -9.88 -2.49 -6.26
CA CYS A 7 -9.05 -1.48 -5.60
C CYS A 7 -8.15 -0.79 -6.62
N ILE A 8 -7.46 -1.59 -7.44
CA ILE A 8 -6.58 -1.04 -8.46
C ILE A 8 -7.32 -0.08 -9.36
N ARG A 9 -8.61 -0.36 -9.60
CA ARG A 9 -9.42 0.50 -10.45
C ARG A 9 -9.48 1.92 -9.89
N GLU A 10 -9.62 2.03 -8.57
CA GLU A 10 -9.67 3.33 -7.92
C GLU A 10 -8.30 4.00 -7.94
N CYS A 11 -7.27 3.21 -7.63
CA CYS A 11 -5.91 3.73 -7.61
C CYS A 11 -5.51 4.27 -8.99
N ARG A 12 -6.08 3.67 -10.02
CA ARG A 12 -5.79 4.09 -11.40
C ARG A 12 -6.09 5.57 -11.56
N LEU A 13 -7.25 5.99 -11.07
CA LEU A 13 -7.65 7.39 -11.17
C LEU A 13 -6.61 8.29 -10.51
N ALA A 14 -6.26 7.97 -9.28
CA ALA A 14 -5.28 8.77 -8.54
C ALA A 14 -3.90 8.65 -9.18
N GLN A 15 -3.66 7.53 -9.85
CA GLN A 15 -2.37 7.30 -10.50
C GLN A 15 -2.27 8.14 -11.77
N LEU A 16 -3.38 8.28 -12.48
CA LEU A 16 -3.39 9.06 -13.71
C LEU A 16 -2.46 8.45 -14.74
N LYS A 17 -2.75 8.68 -16.02
CA LYS A 17 -1.92 8.15 -17.09
C LYS A 17 -2.07 9.00 -18.35
N ASN A 18 -3.29 9.12 -18.85
CA ASN A 18 -3.55 9.91 -20.04
C ASN A 18 -3.82 11.37 -19.68
N ASN A 19 -4.23 12.15 -20.67
CA ASN A 19 -4.52 13.56 -20.43
C ASN A 19 -3.22 14.33 -20.20
N SER A 20 -2.52 13.99 -19.13
CA SER A 20 -1.27 14.66 -18.80
C SER A 20 -0.39 13.75 -17.95
N GLY A 21 0.48 14.36 -17.16
CA GLY A 21 1.39 13.60 -16.30
C GLY A 21 2.59 13.09 -17.08
N GLY A 22 3.78 13.42 -16.61
CA GLY A 22 5.01 12.99 -17.28
C GLY A 22 6.20 13.83 -16.83
N THR A 23 7.35 13.18 -16.69
CA THR A 23 8.55 13.86 -16.28
C THR A 23 8.46 14.29 -14.81
N ASN A 24 9.57 14.79 -14.27
CA ASN A 24 9.59 15.23 -12.88
C ASN A 24 8.82 14.25 -11.99
N GLY A 25 9.13 12.97 -12.12
CA GLY A 25 8.47 11.95 -11.33
C GLY A 25 9.26 10.65 -11.32
N ASP A 26 8.57 9.53 -11.55
CA ASP A 26 9.23 8.24 -11.57
C ASP A 26 9.96 8.02 -12.89
N ARG A 27 9.43 8.60 -13.95
CA ARG A 27 10.03 8.47 -15.28
C ARG A 27 11.24 9.40 -15.40
N ASN A 28 11.87 9.70 -14.27
CA ASN A 28 13.03 10.57 -14.27
C ASN A 28 13.96 10.24 -13.11
N SER A 29 15.10 9.63 -13.42
CA SER A 29 16.07 9.25 -12.40
C SER A 29 15.69 7.93 -11.75
N GLY A 30 14.39 7.64 -11.76
CA GLY A 30 13.90 6.39 -11.18
C GLY A 30 14.39 6.23 -9.74
N ALA A 31 13.78 6.99 -8.82
CA ALA A 31 14.16 6.93 -7.41
C ALA A 31 13.08 7.54 -6.54
N ASN A 32 13.14 7.24 -5.24
CA ASN A 32 12.16 7.76 -4.30
C ASN A 32 12.72 7.76 -2.89
N ASN A 33 13.99 8.14 -2.76
CA ASN A 33 14.64 8.18 -1.45
C ASN A 33 15.91 9.01 -1.51
N GLY A 34 15.86 10.21 -0.91
CA GLY A 34 17.00 11.09 -0.90
C GLY A 34 16.57 12.56 -0.87
N GLY A 35 15.26 12.78 -1.06
CA GLY A 35 14.73 14.13 -1.06
C GLY A 35 14.09 14.46 0.29
N GLY A 36 12.92 13.90 0.54
CA GLY A 36 12.22 14.14 1.79
C GLY A 36 11.36 15.41 1.71
N GLU A 37 11.57 16.17 0.62
CA GLU A 37 10.81 17.41 0.41
C GLU A 37 10.49 18.10 1.73
N ASN A 38 11.50 18.78 2.30
CA ASN A 38 11.32 19.49 3.57
C ASN A 38 10.49 18.64 4.54
N SER A 39 10.55 17.32 4.37
CA SER A 39 9.81 16.42 5.24
C SER A 39 8.34 16.79 5.25
N ALA A 40 7.53 15.97 5.92
CA ALA A 40 6.10 16.23 6.01
C ALA A 40 5.38 15.02 6.63
N PRO A 41 5.55 14.83 7.90
CA PRO A 41 4.91 13.69 8.64
C PRO A 41 3.40 13.62 8.37
N VAL A 42 2.97 12.54 7.72
CA VAL A 42 1.56 12.36 7.41
C VAL A 42 1.20 10.89 7.34
N GLY A 43 2.14 10.08 6.85
CA GLY A 43 1.91 8.64 6.74
C GLY A 43 2.85 7.89 7.68
N ALA A 44 3.76 8.63 8.30
CA ALA A 44 4.72 8.04 9.22
C ALA A 44 4.00 7.17 10.23
N ALA A 45 2.72 7.45 10.42
CA ALA A 45 1.91 6.69 11.36
C ALA A 45 1.92 5.20 11.01
N ILE A 46 1.97 4.90 9.71
CA ILE A 46 2.00 3.51 9.26
C ILE A 46 3.26 3.25 8.42
N ALA A 47 3.79 4.30 7.82
CA ALA A 47 4.99 4.18 7.00
C ALA A 47 6.18 3.79 7.86
N ASN A 48 6.14 4.16 9.13
CA ASN A 48 7.21 3.83 10.06
C ASN A 48 7.08 2.39 10.52
N PHE A 49 5.87 1.85 10.38
CA PHE A 49 5.61 0.48 10.77
C PHE A 49 6.25 -0.48 9.77
N LEU A 50 6.84 0.09 8.73
CA LEU A 50 7.50 -0.72 7.70
C LEU A 50 8.98 -0.34 7.63
N GLU A 51 9.82 -1.22 8.16
CA GLU A 51 11.27 -0.98 8.16
C GLU A 51 11.76 -0.64 6.75
N PRO A 52 12.84 0.10 6.63
CA PRO A 52 13.39 0.49 5.30
C PRO A 52 13.73 -0.72 4.44
N GLN A 53 14.45 -1.68 5.02
CA GLN A 53 14.82 -2.89 4.30
C GLN A 53 13.56 -3.65 3.87
N ALA A 54 12.59 -3.70 4.77
CA ALA A 54 11.33 -4.37 4.48
C ALA A 54 10.57 -3.62 3.40
N LEU A 55 10.78 -2.32 3.34
CA LEU A 55 10.11 -1.49 2.34
C LEU A 55 10.52 -1.91 0.94
N GLU A 56 11.77 -2.29 0.78
CA GLU A 56 12.29 -2.73 -0.51
C GLU A 56 11.72 -4.09 -0.88
N ARG A 57 11.54 -4.94 0.13
CA ARG A 57 11.03 -6.29 -0.10
C ARG A 57 9.66 -6.24 -0.76
N LEU A 58 8.72 -5.52 -0.15
CA LEU A 58 7.38 -5.41 -0.71
C LEU A 58 7.43 -4.72 -2.08
N SER A 59 8.37 -3.81 -2.24
CA SER A 59 8.52 -3.10 -3.50
C SER A 59 8.96 -4.07 -4.61
N ARG A 60 9.88 -4.96 -4.25
CA ARG A 60 10.42 -5.94 -5.21
C ARG A 60 9.37 -6.95 -5.68
N VAL A 61 8.60 -7.51 -4.75
CA VAL A 61 7.59 -8.50 -5.12
C VAL A 61 6.46 -7.85 -5.91
N ALA A 62 6.04 -6.67 -5.49
CA ALA A 62 4.96 -5.96 -6.16
C ALA A 62 5.19 -5.93 -7.67
N LEU A 63 6.44 -5.73 -8.07
CA LEU A 63 6.78 -5.67 -9.49
C LEU A 63 6.45 -6.99 -10.17
N VAL A 64 6.34 -8.07 -9.39
CA VAL A 64 6.04 -9.38 -9.95
C VAL A 64 4.59 -9.79 -9.65
N ARG A 65 4.15 -9.56 -8.41
CA ARG A 65 2.79 -9.90 -8.02
C ARG A 65 2.17 -8.81 -7.15
N ARG A 66 1.67 -7.77 -7.79
CA ARG A 66 1.03 -6.67 -7.08
C ARG A 66 -0.15 -7.17 -6.26
N ASP A 67 -0.79 -8.22 -6.75
CA ASP A 67 -1.94 -8.80 -6.07
C ASP A 67 -1.56 -9.27 -4.67
N ARG A 68 -0.40 -9.89 -4.55
CA ARG A 68 0.06 -10.39 -3.27
C ARG A 68 0.50 -9.24 -2.37
N ALA A 69 1.11 -8.23 -2.97
CA ALA A 69 1.59 -7.07 -2.22
C ALA A 69 0.45 -6.28 -1.58
N GLN A 70 -0.71 -6.26 -2.23
CA GLN A 70 -1.84 -5.51 -1.71
C GLN A 70 -2.46 -6.24 -0.53
N ALA A 71 -2.43 -7.57 -0.56
CA ALA A 71 -2.98 -8.37 0.52
C ALA A 71 -2.21 -8.12 1.81
N VAL A 72 -0.89 -7.98 1.69
CA VAL A 72 -0.06 -7.74 2.86
C VAL A 72 -0.38 -6.39 3.48
N GLU A 73 -0.44 -5.37 2.63
CA GLU A 73 -0.76 -4.03 3.09
C GLU A 73 -2.10 -4.03 3.82
N THR A 74 -3.01 -4.89 3.37
CA THR A 74 -4.32 -4.99 3.99
C THR A 74 -4.25 -5.74 5.32
N TYR A 75 -3.31 -6.69 5.40
CA TYR A 75 -3.14 -7.47 6.61
C TYR A 75 -2.72 -6.57 7.77
N LEU A 76 -1.73 -5.73 7.52
CA LEU A 76 -1.23 -4.81 8.54
C LEU A 76 -2.31 -3.80 8.94
N LYS A 77 -3.04 -3.29 7.96
CA LYS A 77 -4.08 -2.31 8.21
C LYS A 77 -5.11 -2.88 9.17
N LYS A 78 -5.41 -4.17 9.03
CA LYS A 78 -6.38 -4.81 9.90
C LYS A 78 -5.89 -4.85 11.34
N LEU A 79 -4.60 -5.13 11.50
CA LEU A 79 -4.01 -5.18 12.84
C LEU A 79 -3.94 -3.79 13.46
N ILE A 80 -3.44 -2.83 12.67
CA ILE A 80 -3.31 -1.46 13.16
C ILE A 80 -4.69 -0.80 13.32
N ALA A 81 -5.55 -1.00 12.32
CA ALA A 81 -6.89 -0.42 12.38
C ALA A 81 -7.69 -0.98 13.54
N THR A 82 -7.45 -2.24 13.86
CA THR A 82 -8.15 -2.89 14.95
C THR A 82 -7.57 -2.46 16.29
N ASN A 83 -6.41 -3.03 16.64
CA ASN A 83 -5.75 -2.70 17.90
C ASN A 83 -4.60 -3.66 18.16
N ASN A 84 -4.68 -4.85 17.56
CA ASN A 84 -3.66 -5.86 17.75
C ASN A 84 -2.27 -5.26 17.55
N VAL A 85 -2.18 -4.30 16.63
CA VAL A 85 -0.92 -3.61 16.32
C VAL A 85 0.28 -4.49 16.65
N THR A 86 0.37 -5.63 15.96
CA THR A 86 1.47 -6.57 16.18
C THR A 86 2.77 -5.82 16.46
N HIS A 87 3.23 -5.04 15.48
CA HIS A 87 4.47 -4.28 15.63
C HIS A 87 4.90 -3.72 14.27
N LYS A 88 6.05 -3.06 14.26
CA LYS A 88 6.58 -2.49 13.02
C LYS A 88 6.95 -3.60 12.04
N ILE A 89 6.09 -3.83 11.06
CA ILE A 89 6.33 -4.86 10.07
C ILE A 89 7.81 -4.85 9.64
N THR A 90 8.31 -6.03 9.29
CA THR A 90 9.69 -6.17 8.85
C THR A 90 9.73 -6.99 7.56
N GLU A 91 10.89 -7.03 6.92
CA GLU A 91 11.05 -7.78 5.68
C GLU A 91 10.59 -9.22 5.87
N ALA A 92 10.75 -9.71 7.08
CA ALA A 92 10.36 -11.08 7.40
C ALA A 92 8.86 -11.18 7.61
N GLU A 93 8.27 -10.14 8.18
CA GLU A 93 6.84 -10.13 8.43
C GLU A 93 6.06 -10.18 7.13
N ILE A 94 6.46 -9.36 6.16
CA ILE A 94 5.79 -9.33 4.86
C ILE A 94 5.94 -10.68 4.18
N VAL A 95 7.15 -11.22 4.23
CA VAL A 95 7.39 -12.52 3.65
C VAL A 95 6.44 -13.53 4.26
N SER A 96 6.21 -13.38 5.57
CA SER A 96 5.33 -14.28 6.29
C SER A 96 3.90 -14.24 5.74
N ILE A 97 3.38 -13.04 5.50
CA ILE A 97 2.04 -12.95 4.95
C ILE A 97 2.04 -13.49 3.53
N LEU A 98 3.08 -13.12 2.77
CA LEU A 98 3.20 -13.59 1.40
C LEU A 98 3.15 -15.11 1.34
N ASN A 99 3.77 -15.76 2.32
CA ASN A 99 3.79 -17.21 2.38
C ASN A 99 2.38 -17.74 2.58
N GLY A 100 1.56 -17.00 3.32
CA GLY A 100 0.19 -17.42 3.58
C GLY A 100 -0.72 -17.04 2.42
N ILE A 101 -0.53 -15.84 1.89
CA ILE A 101 -1.34 -15.36 0.78
C ILE A 101 -1.03 -16.15 -0.49
N ALA A 102 0.25 -16.48 -0.68
CA ALA A 102 0.66 -17.24 -1.85
C ALA A 102 -0.01 -18.61 -1.86
N LYS A 103 -0.35 -19.11 -0.68
CA LYS A 103 -0.99 -20.41 -0.56
C LYS A 103 -2.46 -20.32 -0.92
N GLN A 104 -3.13 -19.30 -0.39
CA GLN A 104 -4.55 -19.11 -0.66
C GLN A 104 -4.77 -18.53 -2.06
N GLN A 105 -4.16 -17.38 -2.32
CA GLN A 105 -4.29 -16.72 -3.61
C GLN A 105 -3.45 -17.44 -4.66
N ASN A 106 -4.01 -17.62 -5.85
CA ASN A 106 -3.30 -18.28 -6.93
C ASN A 106 -3.89 -17.89 -8.29
N SER A 107 -3.83 -16.61 -8.60
CA SER A 107 -4.36 -16.11 -9.87
C SER A 107 -3.56 -14.91 -10.35
N GLN A 108 -2.96 -15.03 -11.53
CA GLN A 108 -2.18 -13.94 -12.09
C GLN A 108 -3.00 -13.13 -13.08
N ASN A 109 -2.99 -11.81 -12.91
CA ASN A 109 -3.74 -10.93 -13.80
C ASN A 109 -3.07 -9.57 -13.91
N ASN A 110 -2.00 -9.50 -14.69
CA ASN A 110 -1.27 -8.25 -14.87
C ASN A 110 -2.07 -7.28 -15.73
N SER A 111 -1.71 -7.19 -17.01
CA SER A 111 -2.39 -6.29 -17.93
C SER A 111 -2.11 -4.84 -17.57
N LYS A 112 -2.64 -4.40 -16.44
CA LYS A 112 -2.42 -3.02 -16.00
C LYS A 112 -0.97 -2.81 -15.59
N ILE A 113 -0.30 -3.89 -15.20
CA ILE A 113 1.09 -3.80 -14.79
C ILE A 113 2.02 -4.16 -15.94
N ILE A 114 1.43 -4.39 -17.11
CA ILE A 114 2.20 -4.75 -18.29
C ILE A 114 3.04 -3.57 -18.77
N PHE A 115 2.66 -2.37 -18.33
CA PHE A 115 3.38 -1.17 -18.72
C PHE A 115 4.74 -1.12 -18.04
N GLU A 116 5.76 -1.62 -18.73
CA GLU A 116 7.11 -1.63 -18.19
C GLU A 116 7.85 -0.35 -18.57
N MET A 1 -17.42 -0.50 13.72
CA MET A 1 -16.44 0.45 13.14
C MET A 1 -16.40 0.27 11.62
N ASP A 2 -15.71 1.18 10.94
CA ASP A 2 -15.61 1.11 9.48
C ASP A 2 -14.26 1.66 9.02
N PRO A 3 -13.21 0.96 9.32
CA PRO A 3 -11.82 1.37 8.92
C PRO A 3 -11.74 1.76 7.44
N GLU A 4 -12.61 1.16 6.63
CA GLU A 4 -12.63 1.45 5.20
C GLU A 4 -12.89 2.94 4.96
N LEU A 5 -13.89 3.47 5.66
CA LEU A 5 -14.24 4.87 5.51
C LEU A 5 -13.20 5.77 6.20
N GLN A 6 -12.65 5.27 7.30
CA GLN A 6 -11.64 6.03 8.04
C GLN A 6 -10.45 6.35 7.14
N CYS A 7 -9.96 5.34 6.44
CA CYS A 7 -8.81 5.53 5.56
C CYS A 7 -9.16 6.47 4.42
N ILE A 8 -10.32 6.23 3.80
CA ILE A 8 -10.76 7.06 2.68
C ILE A 8 -11.03 8.49 3.16
N ARG A 9 -11.50 8.62 4.40
CA ARG A 9 -11.78 9.94 4.96
C ARG A 9 -10.50 10.67 5.31
N GLU A 10 -9.47 9.91 5.70
CA GLU A 10 -8.19 10.50 6.07
C GLU A 10 -7.47 11.02 4.82
N CYS A 11 -7.60 10.31 3.71
CA CYS A 11 -6.95 10.72 2.47
C CYS A 11 -7.75 11.83 1.80
N ARG A 12 -9.07 11.80 1.98
CA ARG A 12 -9.94 12.81 1.38
C ARG A 12 -9.62 14.19 1.94
N LEU A 13 -9.26 14.24 3.22
CA LEU A 13 -8.91 15.51 3.86
C LEU A 13 -7.68 16.12 3.21
N ALA A 14 -6.61 15.33 3.11
CA ALA A 14 -5.37 15.81 2.52
C ALA A 14 -5.62 16.34 1.11
N GLN A 15 -6.66 15.83 0.46
CA GLN A 15 -6.99 16.27 -0.89
C GLN A 15 -7.59 17.67 -0.86
N LEU A 16 -7.92 18.15 0.34
CA LEU A 16 -8.50 19.47 0.48
C LEU A 16 -9.59 19.70 -0.57
N LYS A 17 -10.70 19.01 -0.41
CA LYS A 17 -11.82 19.14 -1.36
C LYS A 17 -11.37 18.77 -2.76
N ASN A 18 -12.28 18.18 -3.53
CA ASN A 18 -11.97 17.77 -4.90
C ASN A 18 -12.21 18.92 -5.87
N ASN A 19 -12.38 20.13 -5.32
CA ASN A 19 -12.61 21.30 -6.14
C ASN A 19 -13.83 21.09 -7.04
N SER A 20 -14.90 20.59 -6.46
CA SER A 20 -16.13 20.35 -7.22
C SER A 20 -17.34 20.32 -6.31
N GLY A 21 -18.25 19.39 -6.55
CA GLY A 21 -19.45 19.26 -5.73
C GLY A 21 -19.24 18.26 -4.59
N GLY A 22 -18.73 17.08 -4.94
CA GLY A 22 -18.47 16.05 -3.94
C GLY A 22 -19.74 15.26 -3.64
N THR A 23 -19.84 14.76 -2.42
CA THR A 23 -21.00 13.99 -2.01
C THR A 23 -21.29 12.88 -3.02
N ASN A 24 -20.26 12.46 -3.74
CA ASN A 24 -20.41 11.41 -4.74
C ASN A 24 -19.06 10.81 -5.10
N GLY A 25 -19.02 10.06 -6.20
CA GLY A 25 -17.78 9.44 -6.65
C GLY A 25 -17.62 9.58 -8.16
N ASP A 26 -18.62 10.19 -8.81
CA ASP A 26 -18.58 10.37 -10.26
C ASP A 26 -17.67 11.54 -10.61
N ARG A 27 -16.43 11.49 -10.13
CA ARG A 27 -15.47 12.55 -10.41
C ARG A 27 -14.90 12.40 -11.82
N ASN A 28 -15.33 13.28 -12.72
CA ASN A 28 -14.86 13.24 -14.10
C ASN A 28 -13.46 13.84 -14.20
N SER A 29 -12.97 14.38 -13.09
CA SER A 29 -11.63 14.99 -13.07
C SER A 29 -11.35 15.73 -14.36
N GLY A 30 -12.01 16.87 -14.55
CA GLY A 30 -11.82 17.67 -15.75
C GLY A 30 -10.92 18.87 -15.47
N ALA A 31 -10.10 18.75 -14.44
CA ALA A 31 -9.20 19.84 -14.07
C ALA A 31 -7.82 19.30 -13.69
N ASN A 32 -6.99 20.16 -13.12
CA ASN A 32 -5.64 19.75 -12.71
C ASN A 32 -5.11 20.69 -11.63
N ASN A 33 -4.46 20.10 -10.63
CA ASN A 33 -3.90 20.89 -9.54
C ASN A 33 -3.34 19.98 -8.45
N GLY A 34 -2.31 20.46 -7.76
CA GLY A 34 -1.69 19.68 -6.68
C GLY A 34 -0.20 19.96 -6.61
N GLY A 35 0.21 20.71 -5.58
CA GLY A 35 1.62 21.04 -5.40
C GLY A 35 1.90 21.38 -3.94
N GLY A 36 2.98 20.80 -3.40
CA GLY A 36 3.36 21.04 -2.02
C GLY A 36 3.83 19.77 -1.34
N GLU A 37 5.07 19.37 -1.61
CA GLU A 37 5.62 18.17 -1.02
C GLU A 37 5.83 18.35 0.48
N ASN A 38 5.67 17.27 1.24
CA ASN A 38 5.84 17.32 2.68
C ASN A 38 4.63 17.95 3.35
N SER A 39 4.12 17.29 4.39
CA SER A 39 2.96 17.81 5.10
C SER A 39 2.74 17.02 6.39
N ALA A 40 1.55 17.14 6.96
CA ALA A 40 1.22 16.44 8.19
C ALA A 40 1.56 14.95 8.06
N PRO A 41 1.41 14.19 9.11
CA PRO A 41 1.72 12.72 9.07
C PRO A 41 0.98 12.01 7.94
N VAL A 42 -0.34 11.91 8.08
CA VAL A 42 -1.19 11.25 7.07
C VAL A 42 -0.45 10.13 6.35
N GLY A 43 0.13 9.21 7.12
CA GLY A 43 0.85 8.10 6.52
C GLY A 43 2.01 7.64 7.42
N ALA A 44 2.75 8.62 7.95
CA ALA A 44 3.87 8.31 8.83
C ALA A 44 3.44 7.34 9.92
N ALA A 45 2.16 7.34 10.24
CA ALA A 45 1.63 6.46 11.28
C ALA A 45 1.70 4.99 10.85
N ILE A 46 1.72 4.77 9.54
CA ILE A 46 1.78 3.42 9.00
C ILE A 46 3.09 3.19 8.24
N ALA A 47 3.66 4.28 7.75
CA ALA A 47 4.92 4.19 7.00
C ALA A 47 6.05 3.70 7.90
N ASN A 48 5.87 3.88 9.21
CA ASN A 48 6.89 3.45 10.16
C ASN A 48 6.73 1.97 10.48
N PHE A 49 5.50 1.50 10.38
CA PHE A 49 5.19 0.11 10.64
C PHE A 49 5.86 -0.79 9.61
N LEU A 50 6.66 -0.20 8.74
CA LEU A 50 7.37 -0.95 7.70
C LEU A 50 8.86 -0.59 7.73
N GLU A 51 9.66 -1.48 8.32
CA GLU A 51 11.10 -1.25 8.41
C GLU A 51 11.65 -0.79 7.06
N PRO A 52 12.74 -0.05 7.05
CA PRO A 52 13.35 0.46 5.78
C PRO A 52 13.75 -0.66 4.82
N GLN A 53 14.57 -1.58 5.30
CA GLN A 53 15.02 -2.69 4.46
C GLN A 53 13.82 -3.51 4.01
N ALA A 54 12.93 -3.81 4.96
CA ALA A 54 11.73 -4.57 4.65
C ALA A 54 10.89 -3.83 3.63
N LEU A 55 10.99 -2.50 3.65
CA LEU A 55 10.23 -1.67 2.72
C LEU A 55 10.57 -2.02 1.29
N GLU A 56 11.85 -2.28 1.04
CA GLU A 56 12.30 -2.62 -0.30
C GLU A 56 11.74 -3.96 -0.75
N ARG A 57 11.63 -4.90 0.19
CA ARG A 57 11.12 -6.22 -0.13
C ARG A 57 9.71 -6.14 -0.69
N LEU A 58 8.80 -5.51 0.06
CA LEU A 58 7.43 -5.39 -0.40
C LEU A 58 7.40 -4.71 -1.77
N SER A 59 8.32 -3.77 -1.97
CA SER A 59 8.41 -3.07 -3.24
C SER A 59 8.85 -4.01 -4.36
N ARG A 60 9.83 -4.86 -4.04
CA ARG A 60 10.38 -5.81 -5.01
C ARG A 60 9.35 -6.83 -5.47
N VAL A 61 8.61 -7.39 -4.52
CA VAL A 61 7.59 -8.40 -4.84
C VAL A 61 6.44 -7.77 -5.61
N ALA A 62 6.00 -6.60 -5.17
CA ALA A 62 4.89 -5.91 -5.84
C ALA A 62 5.17 -5.75 -7.32
N LEU A 63 6.42 -5.47 -7.66
CA LEU A 63 6.80 -5.29 -9.06
C LEU A 63 6.52 -6.56 -9.86
N VAL A 64 6.41 -7.69 -9.17
CA VAL A 64 6.15 -8.96 -9.83
C VAL A 64 4.71 -9.41 -9.61
N ARG A 65 4.24 -9.31 -8.37
CA ARG A 65 2.88 -9.70 -8.05
C ARG A 65 2.22 -8.70 -7.10
N ARG A 66 1.67 -7.64 -7.67
CA ARG A 66 1.00 -6.61 -6.88
C ARG A 66 -0.16 -7.21 -6.10
N ASP A 67 -0.79 -8.23 -6.66
CA ASP A 67 -1.92 -8.88 -6.01
C ASP A 67 -1.52 -9.43 -4.64
N ARG A 68 -0.38 -10.09 -4.58
CA ARG A 68 0.10 -10.65 -3.33
C ARG A 68 0.52 -9.54 -2.38
N ALA A 69 1.21 -8.54 -2.92
CA ALA A 69 1.65 -7.41 -2.12
C ALA A 69 0.46 -6.61 -1.61
N GLN A 70 -0.65 -6.69 -2.34
CA GLN A 70 -1.86 -5.95 -1.96
C GLN A 70 -2.46 -6.50 -0.67
N ALA A 71 -2.41 -7.81 -0.51
CA ALA A 71 -2.96 -8.43 0.68
C ALA A 71 -2.04 -8.22 1.88
N VAL A 72 -0.74 -8.12 1.62
CA VAL A 72 0.23 -7.90 2.69
C VAL A 72 -0.05 -6.59 3.41
N GLU A 73 -0.22 -5.54 2.63
CA GLU A 73 -0.50 -4.22 3.19
C GLU A 73 -1.85 -4.22 3.90
N THR A 74 -2.80 -4.98 3.35
CA THR A 74 -4.13 -5.06 3.94
C THR A 74 -4.09 -5.81 5.27
N TYR A 75 -3.14 -6.74 5.40
CA TYR A 75 -3.00 -7.51 6.62
C TYR A 75 -2.61 -6.61 7.78
N LEU A 76 -1.59 -5.79 7.55
CA LEU A 76 -1.11 -4.86 8.57
C LEU A 76 -2.19 -3.82 8.92
N LYS A 77 -2.90 -3.34 7.91
CA LYS A 77 -3.93 -2.35 8.12
C LYS A 77 -4.98 -2.88 9.09
N LYS A 78 -5.28 -4.17 8.99
CA LYS A 78 -6.27 -4.78 9.86
C LYS A 78 -5.77 -4.81 11.30
N LEU A 79 -4.48 -5.06 11.46
CA LEU A 79 -3.89 -5.11 12.79
C LEU A 79 -3.86 -3.72 13.43
N ILE A 80 -3.40 -2.73 12.67
CA ILE A 80 -3.33 -1.37 13.17
C ILE A 80 -4.73 -0.79 13.36
N ALA A 81 -5.60 -1.01 12.37
CA ALA A 81 -6.96 -0.50 12.43
C ALA A 81 -7.69 -1.07 13.64
N THR A 82 -7.36 -2.30 14.00
CA THR A 82 -7.99 -2.96 15.14
C THR A 82 -7.40 -2.44 16.45
N ASN A 83 -6.17 -2.84 16.74
CA ASN A 83 -5.51 -2.41 17.97
C ASN A 83 -4.24 -3.22 18.21
N ASN A 84 -4.14 -4.38 17.56
CA ASN A 84 -2.97 -5.25 17.71
C ASN A 84 -1.69 -4.44 17.74
N VAL A 85 -1.69 -3.31 17.02
CA VAL A 85 -0.53 -2.40 16.94
C VAL A 85 0.74 -3.04 17.51
N THR A 86 1.37 -2.32 18.44
CA THR A 86 2.60 -2.80 19.08
C THR A 86 3.40 -3.73 18.18
N HIS A 87 3.47 -3.38 16.90
CA HIS A 87 4.21 -4.21 15.95
C HIS A 87 4.46 -3.45 14.65
N LYS A 88 5.53 -3.80 13.96
CA LYS A 88 5.88 -3.16 12.70
C LYS A 88 6.32 -4.20 11.68
N ILE A 89 5.58 -4.30 10.58
CA ILE A 89 5.92 -5.27 9.54
C ILE A 89 7.43 -5.28 9.30
N THR A 90 7.94 -6.46 8.99
CA THR A 90 9.37 -6.61 8.71
C THR A 90 9.56 -7.38 7.41
N GLU A 91 10.80 -7.48 6.96
CA GLU A 91 11.10 -8.21 5.72
C GLU A 91 10.56 -9.62 5.80
N ALA A 92 10.49 -10.15 7.01
CA ALA A 92 10.00 -11.51 7.23
C ALA A 92 8.48 -11.55 7.21
N GLU A 93 7.86 -10.55 7.83
CA GLU A 93 6.40 -10.49 7.88
C GLU A 93 5.83 -10.36 6.47
N ILE A 94 6.46 -9.52 5.66
CA ILE A 94 5.99 -9.32 4.29
C ILE A 94 6.12 -10.61 3.50
N VAL A 95 7.29 -11.24 3.63
CA VAL A 95 7.55 -12.50 2.93
C VAL A 95 6.69 -13.61 3.51
N SER A 96 6.53 -13.61 4.82
CA SER A 96 5.75 -14.64 5.50
C SER A 96 4.29 -14.53 5.13
N ILE A 97 3.76 -13.32 5.13
CA ILE A 97 2.36 -13.10 4.79
C ILE A 97 2.13 -13.49 3.33
N LEU A 98 3.01 -13.03 2.45
CA LEU A 98 2.91 -13.34 1.02
C LEU A 98 2.85 -14.85 0.83
N ASN A 99 3.73 -15.55 1.52
CA ASN A 99 3.77 -17.01 1.42
C ASN A 99 2.42 -17.62 1.78
N GLY A 100 1.71 -16.97 2.70
CA GLY A 100 0.40 -17.45 3.12
C GLY A 100 -0.66 -17.15 2.06
N ILE A 101 -0.60 -15.96 1.50
CA ILE A 101 -1.56 -15.55 0.47
C ILE A 101 -1.36 -16.36 -0.81
N ALA A 102 -0.11 -16.67 -1.12
CA ALA A 102 0.21 -17.44 -2.31
C ALA A 102 -0.34 -18.86 -2.19
N LYS A 103 -0.51 -19.32 -0.97
CA LYS A 103 -1.02 -20.67 -0.72
C LYS A 103 -2.51 -20.75 -1.06
N GLN A 104 -3.27 -19.77 -0.60
CA GLN A 104 -4.71 -19.75 -0.84
C GLN A 104 -5.01 -19.22 -2.24
N GLN A 105 -4.21 -18.25 -2.68
CA GLN A 105 -4.41 -17.67 -4.01
C GLN A 105 -3.12 -16.99 -4.49
N ASN A 106 -2.69 -17.36 -5.69
CA ASN A 106 -1.47 -16.78 -6.25
C ASN A 106 -1.82 -15.69 -7.25
N SER A 107 -2.02 -16.07 -8.51
CA SER A 107 -2.36 -15.11 -9.56
C SER A 107 -3.86 -14.85 -9.58
N GLN A 108 -4.25 -13.75 -10.19
CA GLN A 108 -5.66 -13.39 -10.28
C GLN A 108 -5.85 -12.14 -11.14
N ASN A 109 -6.16 -12.34 -12.41
CA ASN A 109 -6.37 -11.23 -13.33
C ASN A 109 -5.30 -10.17 -13.12
N ASN A 110 -4.15 -10.57 -12.60
CA ASN A 110 -3.05 -9.65 -12.35
C ASN A 110 -2.19 -9.49 -13.60
N SER A 111 -2.66 -8.69 -14.54
CA SER A 111 -1.93 -8.46 -15.78
C SER A 111 -2.22 -7.07 -16.32
N LYS A 112 -1.43 -6.64 -17.31
CA LYS A 112 -1.60 -5.32 -17.91
C LYS A 112 -1.50 -4.22 -16.87
N ILE A 113 -2.53 -4.08 -16.04
CA ILE A 113 -2.55 -3.06 -15.00
C ILE A 113 -1.18 -2.93 -14.36
N ILE A 114 -0.57 -4.07 -14.03
CA ILE A 114 0.74 -4.07 -13.41
C ILE A 114 1.81 -3.58 -14.39
N PHE A 115 1.72 -4.06 -15.63
CA PHE A 115 2.68 -3.67 -16.65
C PHE A 115 4.11 -3.76 -16.13
N GLU A 116 4.42 -4.88 -15.48
CA GLU A 116 5.75 -5.10 -14.92
C GLU A 116 6.28 -3.81 -14.29
N MET A 1 -15.71 -10.17 -12.41
CA MET A 1 -16.06 -9.42 -11.16
C MET A 1 -14.79 -9.12 -10.38
N ASP A 2 -13.67 -9.67 -10.85
CA ASP A 2 -12.35 -9.48 -10.22
C ASP A 2 -12.29 -8.15 -9.46
N PRO A 3 -12.60 -8.14 -8.18
CA PRO A 3 -12.58 -6.89 -7.36
C PRO A 3 -11.22 -6.19 -7.44
N GLU A 4 -10.19 -6.92 -7.82
CA GLU A 4 -8.86 -6.35 -7.94
C GLU A 4 -8.83 -5.25 -9.00
N LEU A 5 -9.55 -5.48 -10.09
CA LEU A 5 -9.60 -4.49 -11.17
C LEU A 5 -10.34 -3.24 -10.72
N GLN A 6 -11.25 -3.40 -9.76
CA GLN A 6 -12.01 -2.27 -9.25
C GLN A 6 -11.10 -1.26 -8.57
N CYS A 7 -10.11 -1.76 -7.82
CA CYS A 7 -9.17 -0.90 -7.13
C CYS A 7 -8.19 -0.27 -8.11
N ILE A 8 -7.60 -1.10 -8.97
CA ILE A 8 -6.64 -0.62 -9.95
C ILE A 8 -7.24 0.49 -10.80
N ARG A 9 -8.54 0.40 -11.05
CA ARG A 9 -9.23 1.40 -11.85
C ARG A 9 -9.08 2.79 -11.22
N GLU A 10 -9.21 2.85 -9.90
CA GLU A 10 -9.07 4.12 -9.19
C GLU A 10 -7.63 4.58 -9.19
N CYS A 11 -6.71 3.64 -8.93
CA CYS A 11 -5.29 3.96 -8.89
C CYS A 11 -4.80 4.36 -10.27
N ARG A 12 -5.36 3.73 -11.30
CA ARG A 12 -4.97 4.04 -12.67
C ARG A 12 -5.12 5.53 -12.95
N LEU A 13 -6.19 6.12 -12.43
CA LEU A 13 -6.44 7.55 -12.63
C LEU A 13 -5.30 8.38 -12.03
N ALA A 14 -4.90 8.00 -10.82
CA ALA A 14 -3.83 8.71 -10.13
C ALA A 14 -2.47 8.38 -10.76
N GLN A 15 -2.32 7.13 -11.19
CA GLN A 15 -1.08 6.69 -11.80
C GLN A 15 -1.00 7.16 -13.25
N LEU A 16 -2.16 7.38 -13.86
CA LEU A 16 -2.22 7.83 -15.25
C LEU A 16 -1.65 6.77 -16.18
N LYS A 17 -1.53 7.11 -17.46
CA LYS A 17 -1.00 6.17 -18.45
C LYS A 17 -1.87 4.92 -18.52
N ASN A 18 -1.65 4.11 -19.55
CA ASN A 18 -2.42 2.88 -19.73
C ASN A 18 -2.04 1.86 -18.66
N ASN A 19 -0.89 2.07 -18.02
CA ASN A 19 -0.43 1.16 -16.98
C ASN A 19 -0.37 -0.26 -17.51
N SER A 20 0.74 -0.62 -18.14
CA SER A 20 0.91 -1.97 -18.69
C SER A 20 2.36 -2.21 -19.08
N GLY A 21 2.66 -3.44 -19.47
CA GLY A 21 4.02 -3.80 -19.88
C GLY A 21 4.98 -3.71 -18.69
N GLY A 22 5.55 -4.85 -18.32
CA GLY A 22 6.49 -4.89 -17.20
C GLY A 22 7.90 -4.54 -17.65
N THR A 23 8.87 -5.29 -17.16
CA THR A 23 10.27 -5.06 -17.52
C THR A 23 10.73 -3.72 -16.98
N ASN A 24 10.45 -3.46 -15.71
CA ASN A 24 10.85 -2.21 -15.07
C ASN A 24 10.65 -1.04 -16.03
N GLY A 25 11.29 0.09 -15.72
CA GLY A 25 11.16 1.28 -16.56
C GLY A 25 11.06 2.54 -15.70
N ASP A 26 10.22 3.48 -16.13
CA ASP A 26 10.04 4.72 -15.39
C ASP A 26 9.14 4.50 -14.18
N ARG A 27 9.02 3.24 -13.76
CA ARG A 27 8.18 2.92 -12.61
C ARG A 27 8.91 3.25 -11.31
N ASN A 28 10.23 3.17 -11.33
CA ASN A 28 11.03 3.47 -10.15
C ASN A 28 11.14 4.97 -9.94
N SER A 29 11.27 5.38 -8.68
CA SER A 29 11.37 6.81 -8.35
C SER A 29 10.00 7.44 -8.30
N GLY A 30 9.94 8.75 -8.56
CA GLY A 30 8.67 9.47 -8.55
C GLY A 30 8.86 10.89 -8.01
N ALA A 31 9.52 10.98 -6.86
CA ALA A 31 9.77 12.29 -6.25
C ALA A 31 8.45 12.98 -5.93
N ASN A 32 8.51 14.01 -5.09
CA ASN A 32 7.31 14.75 -4.70
C ASN A 32 7.69 16.14 -4.21
N ASN A 33 8.55 16.20 -3.20
CA ASN A 33 8.97 17.48 -2.64
C ASN A 33 7.82 18.16 -1.91
N GLY A 34 8.13 19.22 -1.18
CA GLY A 34 7.10 19.96 -0.44
C GLY A 34 6.77 19.26 0.87
N GLY A 35 5.49 19.18 1.18
CA GLY A 35 5.05 18.52 2.42
C GLY A 35 4.84 19.56 3.52
N GLY A 36 4.88 19.09 4.78
CA GLY A 36 4.69 19.98 5.91
C GLY A 36 4.52 19.19 7.20
N GLU A 37 4.42 17.86 7.06
CA GLU A 37 4.24 16.97 8.21
C GLU A 37 3.39 17.64 9.29
N ASN A 38 4.05 18.33 10.21
CA ASN A 38 3.35 19.01 11.30
C ASN A 38 2.95 18.01 12.38
N SER A 39 2.74 16.77 11.97
CA SER A 39 2.35 15.73 12.92
C SER A 39 2.55 14.35 12.31
N ALA A 40 1.73 14.00 11.34
CA ALA A 40 1.83 12.70 10.68
C ALA A 40 0.64 12.45 9.79
N PRO A 41 0.57 13.13 8.67
CA PRO A 41 -0.54 12.99 7.70
C PRO A 41 -0.80 11.52 7.32
N VAL A 42 -2.08 11.20 7.09
CA VAL A 42 -2.48 9.84 6.75
C VAL A 42 -1.39 9.11 5.98
N GLY A 43 -0.52 8.43 6.72
CA GLY A 43 0.58 7.68 6.11
C GLY A 43 1.75 7.53 7.07
N ALA A 44 2.34 8.67 7.46
CA ALA A 44 3.48 8.65 8.36
C ALA A 44 3.17 7.79 9.60
N ALA A 45 1.89 7.66 9.91
CA ALA A 45 1.49 6.87 11.08
C ALA A 45 1.68 5.38 10.83
N ILE A 46 1.47 4.95 9.58
CA ILE A 46 1.64 3.53 9.24
C ILE A 46 2.94 3.30 8.49
N ALA A 47 3.51 4.36 7.95
CA ALA A 47 4.77 4.24 7.21
C ALA A 47 5.90 3.82 8.14
N ASN A 48 5.73 4.06 9.44
CA ASN A 48 6.75 3.70 10.42
C ASN A 48 6.61 2.23 10.80
N PHE A 49 5.50 1.63 10.41
CA PHE A 49 5.24 0.23 10.73
C PHE A 49 5.89 -0.68 9.68
N LEU A 50 6.76 -0.10 8.86
CA LEU A 50 7.45 -0.86 7.82
C LEU A 50 8.94 -0.49 7.81
N GLU A 51 9.77 -1.37 8.36
CA GLU A 51 11.21 -1.13 8.41
C GLU A 51 11.73 -0.77 7.01
N PRO A 52 12.76 0.06 6.93
CA PRO A 52 13.32 0.48 5.60
C PRO A 52 13.77 -0.72 4.76
N GLN A 53 14.38 -1.71 5.41
CA GLN A 53 14.84 -2.88 4.70
C GLN A 53 13.64 -3.70 4.23
N ALA A 54 12.70 -3.92 5.15
CA ALA A 54 11.50 -4.67 4.82
C ALA A 54 10.66 -3.88 3.83
N LEU A 55 10.77 -2.56 3.90
CA LEU A 55 10.02 -1.68 3.00
C LEU A 55 10.40 -1.96 1.55
N GLU A 56 11.69 -2.16 1.31
CA GLU A 56 12.17 -2.43 -0.04
C GLU A 56 11.68 -3.78 -0.53
N ARG A 57 11.58 -4.75 0.38
CA ARG A 57 11.13 -6.08 0.01
C ARG A 57 9.74 -6.04 -0.63
N LEU A 58 8.77 -5.47 0.08
CA LEU A 58 7.42 -5.38 -0.43
C LEU A 58 7.43 -4.64 -1.77
N SER A 59 8.30 -3.65 -1.90
CA SER A 59 8.40 -2.89 -3.13
C SER A 59 8.91 -3.78 -4.26
N ARG A 60 9.85 -4.67 -3.92
CA ARG A 60 10.45 -5.57 -4.91
C ARG A 60 9.45 -6.58 -5.46
N VAL A 61 8.68 -7.22 -4.57
CA VAL A 61 7.71 -8.22 -5.03
C VAL A 61 6.57 -7.56 -5.79
N ALA A 62 6.11 -6.42 -5.28
CA ALA A 62 5.01 -5.70 -5.92
C ALA A 62 5.29 -5.48 -7.40
N LEU A 63 6.56 -5.32 -7.75
CA LEU A 63 6.94 -5.09 -9.14
C LEU A 63 6.68 -6.34 -9.98
N VAL A 64 6.53 -7.48 -9.32
CA VAL A 64 6.28 -8.74 -10.03
C VAL A 64 4.85 -9.22 -9.81
N ARG A 65 4.43 -9.27 -8.55
CA ARG A 65 3.08 -9.73 -8.22
C ARG A 65 2.40 -8.76 -7.25
N ARG A 66 1.85 -7.68 -7.80
CA ARG A 66 1.16 -6.67 -7.00
C ARG A 66 0.00 -7.27 -6.23
N ASP A 67 -0.62 -8.29 -6.81
CA ASP A 67 -1.78 -8.93 -6.18
C ASP A 67 -1.45 -9.38 -4.75
N ARG A 68 -0.31 -10.04 -4.60
CA ARG A 68 0.11 -10.53 -3.30
C ARG A 68 0.53 -9.36 -2.41
N ALA A 69 1.15 -8.37 -3.02
CA ALA A 69 1.60 -7.20 -2.29
C ALA A 69 0.42 -6.44 -1.69
N GLN A 70 -0.75 -6.60 -2.31
CA GLN A 70 -1.96 -5.94 -1.84
C GLN A 70 -2.50 -6.60 -0.58
N ALA A 71 -2.44 -7.92 -0.54
CA ALA A 71 -2.95 -8.66 0.62
C ALA A 71 -2.12 -8.39 1.87
N VAL A 72 -0.79 -8.40 1.72
CA VAL A 72 0.10 -8.14 2.85
C VAL A 72 -0.15 -6.74 3.40
N GLU A 73 -0.34 -5.79 2.50
CA GLU A 73 -0.60 -4.41 2.89
C GLU A 73 -1.94 -4.33 3.61
N THR A 74 -2.88 -5.15 3.18
CA THR A 74 -4.21 -5.18 3.79
C THR A 74 -4.15 -5.90 5.13
N TYR A 75 -3.25 -6.86 5.23
CA TYR A 75 -3.09 -7.63 6.47
C TYR A 75 -2.66 -6.71 7.60
N LEU A 76 -1.65 -5.89 7.35
CA LEU A 76 -1.15 -4.95 8.35
C LEU A 76 -2.21 -3.92 8.73
N LYS A 77 -2.97 -3.45 7.73
CA LYS A 77 -4.01 -2.47 7.98
C LYS A 77 -5.03 -3.04 8.96
N LYS A 78 -5.28 -4.34 8.86
CA LYS A 78 -6.24 -4.99 9.76
C LYS A 78 -5.70 -5.01 11.18
N LEU A 79 -4.41 -5.27 11.31
CA LEU A 79 -3.77 -5.32 12.62
C LEU A 79 -3.74 -3.93 13.25
N ILE A 80 -3.30 -2.94 12.46
CA ILE A 80 -3.23 -1.57 12.95
C ILE A 80 -4.62 -1.00 13.18
N ALA A 81 -5.56 -1.38 12.32
CA ALA A 81 -6.93 -0.90 12.44
C ALA A 81 -7.63 -1.54 13.63
N THR A 82 -7.18 -2.74 14.00
CA THR A 82 -7.78 -3.44 15.14
C THR A 82 -7.26 -2.88 16.45
N ASN A 83 -5.98 -3.14 16.73
CA ASN A 83 -5.36 -2.66 17.97
C ASN A 83 -3.97 -3.28 18.20
N ASN A 84 -3.60 -4.24 17.36
CA ASN A 84 -2.30 -4.89 17.51
C ASN A 84 -1.17 -3.86 17.52
N VAL A 85 -1.44 -2.67 16.98
CA VAL A 85 -0.44 -1.60 16.93
C VAL A 85 0.49 -1.65 18.13
N THR A 86 1.66 -2.24 17.94
CA THR A 86 2.63 -2.37 19.01
C THR A 86 3.99 -2.80 18.45
N HIS A 87 4.06 -2.96 17.13
CA HIS A 87 5.30 -3.37 16.49
C HIS A 87 5.40 -2.81 15.07
N LYS A 88 6.38 -3.28 14.32
CA LYS A 88 6.57 -2.82 12.95
C LYS A 88 6.86 -3.99 12.02
N ILE A 89 6.07 -4.11 10.96
CA ILE A 89 6.24 -5.20 10.01
C ILE A 89 7.72 -5.35 9.65
N THR A 90 8.09 -6.54 9.22
CA THR A 90 9.47 -6.82 8.84
C THR A 90 9.50 -7.58 7.51
N GLU A 91 10.69 -7.73 6.95
CA GLU A 91 10.86 -8.43 5.68
C GLU A 91 10.32 -9.86 5.80
N ALA A 92 10.40 -10.41 6.99
CA ALA A 92 9.94 -11.77 7.24
C ALA A 92 8.42 -11.82 7.41
N GLU A 93 7.86 -10.77 7.99
CA GLU A 93 6.42 -10.72 8.20
C GLU A 93 5.67 -10.55 6.88
N ILE A 94 6.26 -9.80 5.96
CA ILE A 94 5.63 -9.57 4.67
C ILE A 94 5.71 -10.80 3.78
N VAL A 95 6.89 -11.40 3.71
CA VAL A 95 7.09 -12.60 2.91
C VAL A 95 6.33 -13.78 3.50
N SER A 96 6.36 -13.87 4.82
CA SER A 96 5.70 -14.98 5.52
C SER A 96 4.22 -15.03 5.16
N ILE A 97 3.57 -13.88 5.18
CA ILE A 97 2.15 -13.82 4.85
C ILE A 97 1.98 -14.05 3.34
N LEU A 98 2.92 -13.54 2.56
CA LEU A 98 2.89 -13.69 1.12
C LEU A 98 2.79 -15.18 0.76
N ASN A 99 3.68 -15.97 1.35
CA ASN A 99 3.69 -17.41 1.10
C ASN A 99 2.34 -18.02 1.44
N GLY A 100 1.70 -17.45 2.46
CA GLY A 100 0.39 -17.94 2.89
C GLY A 100 -0.70 -17.44 1.95
N ILE A 101 -0.50 -16.26 1.38
CA ILE A 101 -1.47 -15.67 0.47
C ILE A 101 -1.46 -16.41 -0.88
N ALA A 102 -0.26 -16.72 -1.35
CA ALA A 102 -0.12 -17.42 -2.62
C ALA A 102 -0.80 -18.77 -2.58
N LYS A 103 -0.89 -19.35 -1.38
CA LYS A 103 -1.55 -20.64 -1.21
C LYS A 103 -3.05 -20.45 -1.22
N GLN A 104 -3.50 -19.46 -0.47
CA GLN A 104 -4.91 -19.15 -0.37
C GLN A 104 -5.46 -18.77 -1.75
N GLN A 105 -4.85 -17.74 -2.35
CA GLN A 105 -5.30 -17.28 -3.67
C GLN A 105 -6.80 -17.03 -3.68
N ASN A 106 -7.35 -16.88 -4.88
CA ASN A 106 -8.79 -16.64 -5.02
C ASN A 106 -9.26 -15.56 -4.04
N SER A 107 -10.56 -15.32 -4.01
CA SER A 107 -11.12 -14.32 -3.12
C SER A 107 -12.53 -14.70 -2.69
N GLN A 108 -13.26 -13.75 -2.14
CA GLN A 108 -14.62 -14.00 -1.68
C GLN A 108 -15.47 -12.73 -1.77
N ASN A 109 -16.07 -12.52 -2.94
CA ASN A 109 -16.91 -11.34 -3.15
C ASN A 109 -16.26 -10.10 -2.53
N ASN A 110 -17.07 -9.27 -1.89
CA ASN A 110 -16.57 -8.07 -1.26
C ASN A 110 -17.35 -7.76 0.02
N SER A 111 -18.41 -6.96 -0.11
CA SER A 111 -19.22 -6.60 1.04
C SER A 111 -18.35 -6.03 2.15
N LYS A 112 -17.26 -5.38 1.79
CA LYS A 112 -16.36 -4.80 2.76
C LYS A 112 -15.31 -3.92 2.07
N ILE A 113 -14.88 -4.35 0.89
CA ILE A 113 -13.88 -3.59 0.14
C ILE A 113 -14.54 -2.43 -0.60
N ILE A 114 -15.87 -2.44 -0.64
CA ILE A 114 -16.61 -1.39 -1.34
C ILE A 114 -16.50 -0.07 -0.56
N PHE A 115 -15.99 -0.15 0.67
CA PHE A 115 -15.84 1.04 1.49
C PHE A 115 -15.04 2.11 0.75
N GLU A 116 -15.75 3.05 0.14
CA GLU A 116 -15.10 4.12 -0.61
C GLU A 116 -14.96 5.37 0.27
N MET A 1 -17.67 -0.40 11.47
CA MET A 1 -18.79 -1.05 10.74
C MET A 1 -18.35 -1.33 9.30
N ASP A 2 -17.79 -0.33 8.65
CA ASP A 2 -17.33 -0.47 7.27
C ASP A 2 -16.59 0.77 6.82
N PRO A 3 -15.51 1.11 7.47
CA PRO A 3 -14.70 2.31 7.13
C PRO A 3 -13.87 2.09 5.85
N GLU A 4 -14.22 1.07 5.09
CA GLU A 4 -13.52 0.77 3.85
C GLU A 4 -13.91 1.76 2.76
N LEU A 5 -15.21 2.03 2.65
CA LEU A 5 -15.70 2.96 1.64
C LEU A 5 -15.26 4.39 1.96
N GLN A 6 -15.42 4.77 3.23
CA GLN A 6 -15.03 6.12 3.66
C GLN A 6 -13.57 6.38 3.34
N CYS A 7 -12.73 5.38 3.61
CA CYS A 7 -11.29 5.52 3.35
C CYS A 7 -11.05 6.12 1.97
N ILE A 8 -11.81 5.65 0.98
CA ILE A 8 -11.67 6.15 -0.38
C ILE A 8 -12.15 7.59 -0.47
N ARG A 9 -13.29 7.87 0.16
CA ARG A 9 -13.84 9.22 0.14
C ARG A 9 -12.85 10.22 0.72
N GLU A 10 -12.14 9.80 1.76
CA GLU A 10 -11.15 10.66 2.41
C GLU A 10 -9.97 10.93 1.47
N CYS A 11 -9.61 9.92 0.68
CA CYS A 11 -8.50 10.06 -0.25
C CYS A 11 -8.94 10.81 -1.51
N ARG A 12 -10.16 10.54 -1.95
CA ARG A 12 -10.69 11.19 -3.14
C ARG A 12 -10.70 12.70 -2.96
N LEU A 13 -11.06 13.15 -1.76
CA LEU A 13 -11.11 14.57 -1.48
C LEU A 13 -9.73 15.20 -1.65
N ALA A 14 -8.71 14.51 -1.16
CA ALA A 14 -7.34 15.01 -1.27
C ALA A 14 -6.84 14.91 -2.71
N GLN A 15 -7.35 13.91 -3.44
CA GLN A 15 -6.95 13.72 -4.83
C GLN A 15 -7.49 14.85 -5.70
N LEU A 16 -8.67 15.34 -5.36
CA LEU A 16 -9.29 16.43 -6.12
C LEU A 16 -9.59 15.97 -7.55
N LYS A 17 -8.55 15.78 -8.34
CA LYS A 17 -8.72 15.34 -9.72
C LYS A 17 -7.42 14.74 -10.26
N ASN A 18 -6.45 15.59 -10.54
CA ASN A 18 -5.16 15.13 -11.06
C ASN A 18 -5.36 14.38 -12.37
N ASN A 19 -4.33 14.40 -13.22
CA ASN A 19 -4.40 13.73 -14.51
C ASN A 19 -3.10 12.97 -14.78
N SER A 20 -3.20 11.86 -15.51
CA SER A 20 -2.03 11.07 -15.84
C SER A 20 -2.17 10.43 -17.21
N GLY A 21 -1.59 9.25 -17.38
CA GLY A 21 -1.67 8.56 -18.67
C GLY A 21 -1.30 7.08 -18.51
N GLY A 22 -0.01 6.81 -18.44
CA GLY A 22 0.47 5.44 -18.29
C GLY A 22 -0.09 4.54 -19.39
N THR A 23 -0.46 3.33 -19.01
CA THR A 23 -1.01 2.38 -19.97
C THR A 23 0.07 1.91 -20.93
N ASN A 24 -0.19 0.78 -21.59
CA ASN A 24 0.77 0.23 -22.55
C ASN A 24 2.19 0.33 -22.00
N GLY A 25 2.31 0.34 -20.67
CA GLY A 25 3.62 0.43 -20.04
C GLY A 25 4.31 1.74 -20.39
N ASP A 26 4.51 2.60 -19.39
CA ASP A 26 5.15 3.88 -19.61
C ASP A 26 5.66 4.45 -18.29
N ARG A 27 6.01 3.58 -17.36
CA ARG A 27 6.51 4.01 -16.06
C ARG A 27 7.24 2.86 -15.37
N ASN A 28 7.59 1.84 -16.13
CA ASN A 28 8.30 0.68 -15.57
C ASN A 28 9.56 1.13 -14.84
N SER A 29 9.96 0.36 -13.84
CA SER A 29 11.15 0.68 -13.07
C SER A 29 11.28 2.19 -12.85
N GLY A 30 12.35 2.76 -13.38
CA GLY A 30 12.58 4.20 -13.23
C GLY A 30 13.10 4.53 -11.84
N ALA A 31 14.08 5.44 -11.79
CA ALA A 31 14.66 5.83 -10.51
C ALA A 31 13.61 6.46 -9.61
N ASN A 32 14.04 6.93 -8.45
CA ASN A 32 13.12 7.56 -7.50
C ASN A 32 13.87 8.49 -6.55
N ASN A 33 13.23 9.59 -6.17
CA ASN A 33 13.86 10.54 -5.26
C ASN A 33 13.43 10.27 -3.82
N GLY A 34 14.31 10.59 -2.88
CA GLY A 34 14.01 10.37 -1.47
C GLY A 34 14.57 11.51 -0.62
N GLY A 35 14.16 11.54 0.65
CA GLY A 35 14.62 12.57 1.56
C GLY A 35 13.55 12.90 2.61
N GLY A 36 13.00 11.85 3.22
CA GLY A 36 11.97 12.03 4.23
C GLY A 36 12.42 13.03 5.29
N GLU A 37 13.20 12.55 6.27
CA GLU A 37 13.70 13.40 7.34
C GLU A 37 12.69 14.48 7.71
N ASN A 38 11.64 14.07 8.41
CA ASN A 38 10.59 15.01 8.83
C ASN A 38 9.65 15.31 7.67
N SER A 39 8.59 16.04 7.96
CA SER A 39 7.61 16.39 6.93
C SER A 39 7.21 15.16 6.13
N ALA A 40 6.07 14.58 6.48
CA ALA A 40 5.58 13.39 5.79
C ALA A 40 4.37 12.81 6.51
N PRO A 41 3.27 13.51 6.47
CA PRO A 41 2.01 13.07 7.13
C PRO A 41 1.26 12.02 6.29
N VAL A 42 -0.02 11.81 6.61
CA VAL A 42 -0.85 10.85 5.90
C VAL A 42 -0.03 9.68 5.36
N GLY A 43 0.76 9.06 6.23
CA GLY A 43 1.58 7.93 5.84
C GLY A 43 2.60 7.58 6.92
N ALA A 44 3.28 8.59 7.43
CA ALA A 44 4.28 8.38 8.47
C ALA A 44 3.70 7.53 9.60
N ALA A 45 2.39 7.57 9.74
CA ALA A 45 1.72 6.81 10.79
C ALA A 45 1.83 5.31 10.52
N ILE A 46 1.95 4.93 9.25
CA ILE A 46 2.05 3.52 8.88
C ILE A 46 3.45 3.21 8.34
N ALA A 47 4.11 4.24 7.81
CA ALA A 47 5.44 4.06 7.25
C ALA A 47 6.45 3.70 8.34
N ASN A 48 6.10 4.02 9.59
CA ASN A 48 6.97 3.72 10.72
C ASN A 48 6.75 2.28 11.16
N PHE A 49 5.70 1.68 10.65
CA PHE A 49 5.36 0.31 11.00
C PHE A 49 5.95 -0.67 9.99
N LEU A 50 6.89 -0.18 9.19
CA LEU A 50 7.54 -1.02 8.18
C LEU A 50 9.03 -0.67 8.09
N GLU A 51 9.86 -1.57 8.59
CA GLU A 51 11.32 -1.36 8.58
C GLU A 51 11.81 -0.95 7.20
N PRO A 52 12.93 -0.25 7.10
CA PRO A 52 13.50 0.17 5.79
C PRO A 52 13.65 -1.01 4.83
N GLN A 53 14.25 -2.09 5.32
CA GLN A 53 14.46 -3.27 4.49
C GLN A 53 13.13 -3.82 4.00
N ALA A 54 12.15 -3.88 4.90
CA ALA A 54 10.83 -4.37 4.54
C ALA A 54 10.22 -3.51 3.45
N LEU A 55 10.62 -2.23 3.43
CA LEU A 55 10.10 -1.31 2.43
C LEU A 55 10.52 -1.73 1.03
N GLU A 56 11.79 -2.10 0.88
CA GLU A 56 12.30 -2.53 -0.41
C GLU A 56 11.61 -3.81 -0.86
N ARG A 57 11.29 -4.67 0.09
CA ARG A 57 10.62 -5.93 -0.22
C ARG A 57 9.29 -5.68 -0.92
N LEU A 58 8.52 -4.72 -0.43
CA LEU A 58 7.23 -4.41 -1.05
C LEU A 58 7.43 -3.90 -2.47
N SER A 59 8.49 -3.13 -2.67
CA SER A 59 8.79 -2.59 -3.99
C SER A 59 9.15 -3.71 -4.95
N ARG A 60 9.99 -4.63 -4.48
CA ARG A 60 10.44 -5.75 -5.30
C ARG A 60 9.31 -6.73 -5.65
N VAL A 61 8.51 -7.09 -4.66
CA VAL A 61 7.42 -8.04 -4.89
C VAL A 61 6.31 -7.40 -5.74
N ALA A 62 5.93 -6.18 -5.42
CA ALA A 62 4.88 -5.49 -6.17
C ALA A 62 5.13 -5.59 -7.67
N LEU A 63 6.40 -5.58 -8.05
CA LEU A 63 6.77 -5.66 -9.46
C LEU A 63 6.44 -7.03 -10.05
N VAL A 64 6.37 -8.04 -9.19
CA VAL A 64 6.06 -9.40 -9.65
C VAL A 64 4.62 -9.79 -9.35
N ARG A 65 4.20 -9.62 -8.10
CA ARG A 65 2.83 -9.97 -7.70
C ARG A 65 2.17 -8.86 -6.90
N ARG A 66 1.60 -7.89 -7.60
CA ARG A 66 0.93 -6.78 -6.95
C ARG A 66 -0.22 -7.26 -6.09
N ASP A 67 -0.86 -8.36 -6.49
CA ASP A 67 -1.99 -8.91 -5.76
C ASP A 67 -1.56 -9.38 -4.36
N ARG A 68 -0.45 -10.10 -4.30
CA ARG A 68 0.05 -10.60 -3.02
C ARG A 68 0.49 -9.43 -2.14
N ALA A 69 1.18 -8.48 -2.76
CA ALA A 69 1.66 -7.30 -2.04
C ALA A 69 0.49 -6.50 -1.48
N GLN A 70 -0.67 -6.64 -2.09
CA GLN A 70 -1.86 -5.92 -1.65
C GLN A 70 -2.42 -6.52 -0.36
N ALA A 71 -2.36 -7.84 -0.25
CA ALA A 71 -2.87 -8.54 0.92
C ALA A 71 -1.99 -8.31 2.15
N VAL A 72 -0.68 -8.41 1.98
CA VAL A 72 0.24 -8.21 3.09
C VAL A 72 0.07 -6.80 3.64
N GLU A 73 -0.09 -5.84 2.75
CA GLU A 73 -0.29 -4.46 3.16
C GLU A 73 -1.60 -4.35 3.93
N THR A 74 -2.58 -5.17 3.53
CA THR A 74 -3.88 -5.15 4.18
C THR A 74 -3.80 -5.81 5.55
N TYR A 75 -2.98 -6.85 5.64
CA TYR A 75 -2.80 -7.56 6.89
C TYR A 75 -2.40 -6.59 8.00
N LEU A 76 -1.45 -5.72 7.69
CA LEU A 76 -0.99 -4.73 8.67
C LEU A 76 -2.06 -3.68 8.96
N LYS A 77 -2.69 -3.17 7.90
CA LYS A 77 -3.72 -2.16 8.07
C LYS A 77 -4.83 -2.70 8.97
N LYS A 78 -5.09 -4.00 8.85
CA LYS A 78 -6.12 -4.63 9.67
C LYS A 78 -5.74 -4.57 11.14
N LEU A 79 -4.48 -4.85 11.43
CA LEU A 79 -3.99 -4.82 12.81
C LEU A 79 -3.97 -3.39 13.32
N ILE A 80 -3.43 -2.48 12.52
CA ILE A 80 -3.35 -1.07 12.92
C ILE A 80 -4.74 -0.47 12.99
N ALA A 81 -5.57 -0.75 12.01
CA ALA A 81 -6.93 -0.22 11.97
C ALA A 81 -7.73 -0.77 13.14
N THR A 82 -7.49 -2.04 13.47
CA THR A 82 -8.20 -2.67 14.58
C THR A 82 -7.60 -2.27 15.92
N ASN A 83 -6.51 -2.94 16.29
CA ASN A 83 -5.84 -2.65 17.55
C ASN A 83 -4.79 -3.72 17.86
N ASN A 84 -4.98 -4.91 17.30
CA ASN A 84 -4.05 -6.02 17.53
C ASN A 84 -2.61 -5.55 17.39
N VAL A 85 -2.38 -4.59 16.51
CA VAL A 85 -1.03 -4.08 16.28
C VAL A 85 -0.26 -3.96 17.59
N THR A 86 1.07 -3.99 17.50
CA THR A 86 1.91 -3.89 18.68
C THR A 86 3.39 -3.89 18.29
N HIS A 87 3.64 -3.83 16.99
CA HIS A 87 5.03 -3.83 16.50
C HIS A 87 5.07 -3.37 15.05
N LYS A 88 6.28 -3.08 14.57
CA LYS A 88 6.46 -2.62 13.19
C LYS A 88 6.79 -3.81 12.29
N ILE A 89 5.91 -4.06 11.31
CA ILE A 89 6.14 -5.16 10.38
C ILE A 89 7.59 -5.19 9.92
N THR A 90 8.03 -6.34 9.43
CA THR A 90 9.39 -6.49 8.93
C THR A 90 9.41 -7.17 7.57
N GLU A 91 10.57 -7.23 6.95
CA GLU A 91 10.70 -7.87 5.64
C GLU A 91 10.35 -9.34 5.74
N ALA A 92 10.62 -9.92 6.91
CA ALA A 92 10.33 -11.33 7.14
C ALA A 92 8.82 -11.56 7.19
N GLU A 93 8.09 -10.56 7.68
CA GLU A 93 6.64 -10.69 7.78
C GLU A 93 5.97 -10.57 6.42
N ILE A 94 6.45 -9.64 5.58
CA ILE A 94 5.85 -9.46 4.27
C ILE A 94 6.01 -10.71 3.41
N VAL A 95 7.23 -11.26 3.39
CA VAL A 95 7.48 -12.46 2.62
C VAL A 95 6.77 -13.66 3.23
N SER A 96 6.79 -13.71 4.55
CA SER A 96 6.17 -14.82 5.28
C SER A 96 4.67 -14.86 5.07
N ILE A 97 4.02 -13.70 5.16
CA ILE A 97 2.58 -13.65 4.97
C ILE A 97 2.27 -13.82 3.48
N LEU A 98 3.14 -13.25 2.63
CA LEU A 98 2.96 -13.34 1.19
C LEU A 98 2.83 -14.80 0.78
N ASN A 99 3.74 -15.63 1.28
CA ASN A 99 3.72 -17.05 0.97
C ASN A 99 2.43 -17.68 1.51
N GLY A 100 1.97 -17.15 2.63
CA GLY A 100 0.74 -17.64 3.25
C GLY A 100 -0.47 -17.24 2.42
N ILE A 101 -0.37 -16.07 1.79
CA ILE A 101 -1.47 -15.57 0.96
C ILE A 101 -1.52 -16.33 -0.36
N ALA A 102 -0.35 -16.52 -0.97
CA ALA A 102 -0.28 -17.22 -2.25
C ALA A 102 -0.79 -18.64 -2.10
N LYS A 103 -0.66 -19.20 -0.91
CA LYS A 103 -1.11 -20.57 -0.65
C LYS A 103 -2.63 -20.64 -0.71
N GLN A 104 -3.29 -19.65 -0.12
CA GLN A 104 -4.76 -19.61 -0.11
C GLN A 104 -5.28 -19.26 -1.49
N GLN A 105 -4.78 -18.18 -2.07
CA GLN A 105 -5.21 -17.75 -3.39
C GLN A 105 -6.62 -17.18 -3.33
N ASN A 106 -6.87 -16.15 -4.13
CA ASN A 106 -8.19 -15.52 -4.16
C ASN A 106 -8.58 -15.16 -5.59
N SER A 107 -7.87 -15.74 -6.56
CA SER A 107 -8.14 -15.47 -7.96
C SER A 107 -7.70 -14.06 -8.35
N GLN A 108 -6.93 -13.97 -9.42
CA GLN A 108 -6.45 -12.67 -9.89
C GLN A 108 -7.61 -11.79 -10.35
N ASN A 109 -8.04 -11.99 -11.59
CA ASN A 109 -9.15 -11.22 -12.13
C ASN A 109 -8.96 -9.73 -11.84
N ASN A 110 -8.28 -9.04 -12.75
CA ASN A 110 -8.03 -7.61 -12.57
C ASN A 110 -8.21 -6.87 -13.89
N SER A 111 -8.91 -7.51 -14.83
CA SER A 111 -9.15 -6.89 -16.14
C SER A 111 -9.94 -5.59 -15.99
N LYS A 112 -9.67 -4.64 -16.88
CA LYS A 112 -10.35 -3.35 -16.85
C LYS A 112 -9.63 -2.39 -15.90
N ILE A 113 -9.08 -2.93 -14.83
CA ILE A 113 -8.37 -2.11 -13.85
C ILE A 113 -6.87 -2.11 -14.14
N ILE A 114 -6.50 -2.67 -15.28
CA ILE A 114 -5.09 -2.75 -15.66
C ILE A 114 -4.56 -1.35 -16.00
N PHE A 115 -5.47 -0.43 -16.29
CA PHE A 115 -5.08 0.94 -16.62
C PHE A 115 -4.06 1.46 -15.61
N GLU A 116 -4.40 1.35 -14.33
CA GLU A 116 -3.51 1.83 -13.27
C GLU A 116 -3.48 0.83 -12.12
N MET A 1 -22.43 -0.09 -3.48
CA MET A 1 -21.82 0.31 -2.19
C MET A 1 -20.82 -0.75 -1.73
N ASP A 2 -19.90 -1.10 -2.62
CA ASP A 2 -18.89 -2.09 -2.30
C ASP A 2 -17.71 -1.44 -1.57
N PRO A 3 -16.91 -2.23 -0.89
CA PRO A 3 -15.74 -1.71 -0.14
C PRO A 3 -14.63 -1.22 -1.07
N GLU A 4 -14.71 -1.61 -2.34
CA GLU A 4 -13.72 -1.20 -3.31
C GLU A 4 -13.95 0.24 -3.74
N LEU A 5 -15.21 0.60 -3.97
CA LEU A 5 -15.55 1.95 -4.37
C LEU A 5 -15.35 2.93 -3.22
N GLN A 6 -15.41 2.41 -2.00
CA GLN A 6 -15.24 3.26 -0.81
C GLN A 6 -13.84 3.86 -0.79
N CYS A 7 -12.83 3.01 -0.89
CA CYS A 7 -11.44 3.49 -0.87
C CYS A 7 -11.18 4.43 -2.04
N ILE A 8 -11.86 4.19 -3.17
CA ILE A 8 -11.70 5.02 -4.35
C ILE A 8 -12.19 6.44 -4.08
N ARG A 9 -13.23 6.56 -3.26
CA ARG A 9 -13.78 7.87 -2.94
C ARG A 9 -12.84 8.64 -2.03
N GLU A 10 -12.12 7.92 -1.18
CA GLU A 10 -11.18 8.56 -0.27
C GLU A 10 -9.96 9.06 -1.03
N CYS A 11 -9.42 8.21 -1.90
CA CYS A 11 -8.25 8.58 -2.69
C CYS A 11 -8.48 9.91 -3.40
N ARG A 12 -9.68 10.09 -3.95
CA ARG A 12 -10.01 11.32 -4.65
C ARG A 12 -10.15 12.49 -3.67
N LEU A 13 -10.75 12.21 -2.52
CA LEU A 13 -10.95 13.25 -1.51
C LEU A 13 -9.59 13.72 -0.98
N ALA A 14 -8.68 12.77 -0.76
CA ALA A 14 -7.36 13.10 -0.25
C ALA A 14 -6.56 13.86 -1.31
N GLN A 15 -6.88 13.62 -2.57
CA GLN A 15 -6.18 14.28 -3.67
C GLN A 15 -6.71 15.71 -3.85
N LEU A 16 -8.00 15.89 -3.65
CA LEU A 16 -8.62 17.21 -3.78
C LEU A 16 -8.45 18.01 -2.50
N LYS A 17 -8.74 19.31 -2.58
CA LYS A 17 -8.62 20.18 -1.42
C LYS A 17 -7.34 19.87 -0.64
N ASN A 18 -6.27 20.56 -0.99
CA ASN A 18 -4.99 20.36 -0.32
C ASN A 18 -4.72 21.47 0.68
N ASN A 19 -4.38 21.10 1.91
CA ASN A 19 -4.10 22.07 2.95
C ASN A 19 -3.05 23.07 2.48
N SER A 20 -1.79 22.69 2.58
CA SER A 20 -0.69 23.56 2.16
C SER A 20 -0.43 23.41 0.65
N GLY A 21 0.02 24.49 0.03
CA GLY A 21 0.30 24.46 -1.40
C GLY A 21 1.46 23.51 -1.71
N GLY A 22 1.61 23.16 -2.98
CA GLY A 22 2.67 22.26 -3.40
C GLY A 22 2.14 20.86 -3.64
N THR A 23 2.80 19.87 -3.04
CA THR A 23 2.39 18.49 -3.19
C THR A 23 2.17 18.14 -4.67
N ASN A 24 2.73 18.96 -5.55
CA ASN A 24 2.59 18.74 -6.98
C ASN A 24 1.17 18.31 -7.32
N GLY A 25 1.04 17.44 -8.32
CA GLY A 25 -0.27 16.95 -8.73
C GLY A 25 -0.77 17.72 -9.95
N ASP A 26 -0.08 18.79 -10.30
CA ASP A 26 -0.48 19.62 -11.45
C ASP A 26 0.69 20.49 -11.89
N ARG A 27 1.18 21.32 -10.97
CA ARG A 27 2.29 22.21 -11.28
C ARG A 27 3.61 21.45 -11.28
N ASN A 28 4.13 21.15 -12.46
CA ASN A 28 5.39 20.42 -12.58
C ASN A 28 6.54 21.25 -12.01
N SER A 29 7.44 20.58 -11.32
CA SER A 29 8.60 21.25 -10.73
C SER A 29 8.21 21.89 -9.40
N GLY A 30 7.12 21.42 -8.81
CA GLY A 30 6.66 21.96 -7.54
C GLY A 30 7.61 21.61 -6.42
N ALA A 31 7.34 20.52 -5.71
CA ALA A 31 8.19 20.09 -4.61
C ALA A 31 9.12 18.96 -5.07
N ASN A 32 10.42 19.18 -4.88
CA ASN A 32 11.41 18.17 -5.28
C ASN A 32 11.54 17.10 -4.20
N ASN A 33 12.25 17.43 -3.13
CA ASN A 33 12.46 16.49 -2.04
C ASN A 33 11.52 16.81 -0.87
N GLY A 34 11.19 18.09 -0.72
CA GLY A 34 10.30 18.52 0.35
C GLY A 34 11.11 18.98 1.56
N GLY A 35 11.18 18.14 2.58
CA GLY A 35 11.92 18.46 3.80
C GLY A 35 11.03 19.23 4.78
N GLY A 36 11.20 18.93 6.07
CA GLY A 36 10.42 19.59 7.10
C GLY A 36 9.31 18.67 7.62
N GLU A 37 8.51 18.16 6.69
CA GLU A 37 7.40 17.25 7.03
C GLU A 37 6.80 17.62 8.39
N ASN A 38 6.54 16.61 9.21
CA ASN A 38 5.96 16.86 10.53
C ASN A 38 4.87 17.91 10.46
N SER A 39 3.95 17.74 9.51
CA SER A 39 2.86 18.68 9.34
C SER A 39 1.73 18.06 8.51
N ALA A 40 1.75 16.73 8.41
CA ALA A 40 0.73 16.02 7.64
C ALA A 40 1.12 14.56 7.47
N PRO A 41 0.99 13.79 8.52
CA PRO A 41 1.34 12.34 8.50
C PRO A 41 0.58 11.58 7.41
N VAL A 42 -0.74 11.49 7.57
CA VAL A 42 -1.59 10.79 6.60
C VAL A 42 -0.84 9.63 5.94
N GLY A 43 -0.15 8.84 6.74
CA GLY A 43 0.59 7.70 6.21
C GLY A 43 1.78 7.36 7.11
N ALA A 44 2.51 8.40 7.54
CA ALA A 44 3.66 8.18 8.40
C ALA A 44 3.30 7.30 9.58
N ALA A 45 2.01 7.31 9.94
CA ALA A 45 1.55 6.50 11.06
C ALA A 45 1.69 5.01 10.76
N ILE A 46 1.55 4.65 9.48
CA ILE A 46 1.66 3.26 9.07
C ILE A 46 2.99 3.02 8.36
N ALA A 47 3.56 4.07 7.78
CA ALA A 47 4.83 3.97 7.08
C ALA A 47 5.95 3.60 8.04
N ASN A 48 5.75 3.90 9.32
CA ASN A 48 6.75 3.60 10.34
C ASN A 48 6.63 2.16 10.80
N PHE A 49 5.54 1.51 10.40
CA PHE A 49 5.30 0.12 10.76
C PHE A 49 5.98 -0.83 9.78
N LEU A 50 6.70 -0.25 8.83
CA LEU A 50 7.40 -1.04 7.81
C LEU A 50 8.89 -0.70 7.81
N GLU A 51 9.71 -1.65 8.26
CA GLU A 51 11.16 -1.45 8.32
C GLU A 51 11.67 -0.93 6.97
N PRO A 52 12.78 -0.21 6.97
CA PRO A 52 13.37 0.34 5.72
C PRO A 52 13.78 -0.75 4.72
N GLN A 53 14.60 -1.69 5.18
CA GLN A 53 15.05 -2.78 4.31
C GLN A 53 13.84 -3.58 3.83
N ALA A 54 12.97 -3.92 4.77
CA ALA A 54 11.76 -4.68 4.45
C ALA A 54 10.91 -3.89 3.45
N LEU A 55 11.01 -2.57 3.52
CA LEU A 55 10.24 -1.72 2.62
C LEU A 55 10.60 -2.01 1.18
N GLU A 56 11.87 -2.32 0.93
CA GLU A 56 12.33 -2.61 -0.41
C GLU A 56 11.76 -3.94 -0.91
N ARG A 57 11.67 -4.93 -0.03
CA ARG A 57 11.16 -6.23 -0.41
C ARG A 57 9.74 -6.12 -0.95
N LEU A 58 8.84 -5.56 -0.14
CA LEU A 58 7.45 -5.42 -0.57
C LEU A 58 7.40 -4.66 -1.90
N SER A 59 8.29 -3.68 -2.02
CA SER A 59 8.35 -2.88 -3.25
C SER A 59 8.83 -3.74 -4.41
N ARG A 60 9.84 -4.59 -4.14
CA ARG A 60 10.42 -5.45 -5.17
C ARG A 60 9.43 -6.50 -5.68
N VAL A 61 8.75 -7.16 -4.75
CA VAL A 61 7.78 -8.20 -5.13
C VAL A 61 6.58 -7.59 -5.83
N ALA A 62 6.07 -6.49 -5.29
CA ALA A 62 4.91 -5.83 -5.88
C ALA A 62 5.14 -5.54 -7.35
N LEU A 63 6.38 -5.23 -7.71
CA LEU A 63 6.72 -4.92 -9.09
C LEU A 63 6.47 -6.13 -9.99
N VAL A 64 6.37 -7.30 -9.37
CA VAL A 64 6.14 -8.54 -10.11
C VAL A 64 4.73 -9.08 -9.85
N ARG A 65 4.33 -9.08 -8.59
CA ARG A 65 3.00 -9.58 -8.23
C ARG A 65 2.33 -8.65 -7.21
N ARG A 66 1.72 -7.60 -7.71
CA ARG A 66 1.04 -6.62 -6.86
C ARG A 66 -0.10 -7.26 -6.06
N ASP A 67 -0.71 -8.30 -6.63
CA ASP A 67 -1.82 -8.97 -5.98
C ASP A 67 -1.43 -9.43 -4.56
N ARG A 68 -0.26 -10.03 -4.44
CA ARG A 68 0.20 -10.50 -3.14
C ARG A 68 0.59 -9.32 -2.26
N ALA A 69 1.15 -8.30 -2.90
CA ALA A 69 1.59 -7.09 -2.19
C ALA A 69 0.42 -6.34 -1.55
N GLN A 70 -0.76 -6.40 -2.17
CA GLN A 70 -1.91 -5.69 -1.63
C GLN A 70 -2.48 -6.42 -0.40
N ALA A 71 -2.41 -7.75 -0.41
CA ALA A 71 -2.92 -8.53 0.70
C ALA A 71 -2.09 -8.29 1.96
N VAL A 72 -0.77 -8.31 1.81
CA VAL A 72 0.13 -8.07 2.94
C VAL A 72 -0.11 -6.67 3.49
N GLU A 73 -0.30 -5.72 2.59
CA GLU A 73 -0.55 -4.34 2.97
C GLU A 73 -1.93 -4.23 3.64
N THR A 74 -2.86 -5.05 3.17
CA THR A 74 -4.21 -5.03 3.73
C THR A 74 -4.23 -5.77 5.07
N TYR A 75 -3.31 -6.72 5.23
CA TYR A 75 -3.23 -7.49 6.46
C TYR A 75 -2.83 -6.58 7.63
N LEU A 76 -1.79 -5.80 7.42
CA LEU A 76 -1.31 -4.88 8.45
C LEU A 76 -2.36 -3.82 8.77
N LYS A 77 -3.07 -3.36 7.75
CA LYS A 77 -4.10 -2.34 7.95
C LYS A 77 -5.14 -2.83 8.94
N LYS A 78 -5.50 -4.11 8.83
CA LYS A 78 -6.49 -4.68 9.73
C LYS A 78 -5.94 -4.74 11.15
N LEU A 79 -4.64 -5.00 11.26
CA LEU A 79 -3.98 -5.07 12.56
C LEU A 79 -3.94 -3.70 13.21
N ILE A 80 -3.51 -2.70 12.44
CA ILE A 80 -3.43 -1.34 12.95
C ILE A 80 -4.83 -0.77 13.20
N ALA A 81 -5.75 -1.07 12.28
CA ALA A 81 -7.11 -0.58 12.40
C ALA A 81 -7.83 -1.27 13.55
N THR A 82 -7.43 -2.50 13.85
CA THR A 82 -8.04 -3.26 14.94
C THR A 82 -7.52 -2.79 16.28
N ASN A 83 -6.33 -3.26 16.65
CA ASN A 83 -5.72 -2.88 17.92
C ASN A 83 -4.47 -3.71 18.20
N ASN A 84 -3.80 -4.15 17.14
CA ASN A 84 -2.58 -4.94 17.30
C ASN A 84 -1.35 -4.04 17.42
N VAL A 85 -1.49 -2.82 16.91
CA VAL A 85 -0.40 -1.83 16.93
C VAL A 85 0.54 -2.07 18.12
N THR A 86 1.55 -2.90 17.90
CA THR A 86 2.53 -3.20 18.93
C THR A 86 3.82 -3.71 18.31
N HIS A 87 3.86 -3.76 16.98
CA HIS A 87 5.04 -4.23 16.27
C HIS A 87 5.09 -3.67 14.86
N LYS A 88 6.30 -3.48 14.34
CA LYS A 88 6.48 -2.95 13.00
C LYS A 88 6.83 -4.07 12.02
N ILE A 89 6.02 -4.20 10.97
CA ILE A 89 6.25 -5.25 9.96
C ILE A 89 7.72 -5.26 9.53
N THR A 90 8.17 -6.44 9.11
CA THR A 90 9.55 -6.59 8.66
C THR A 90 9.60 -7.43 7.38
N GLU A 91 10.80 -7.58 6.82
CA GLU A 91 10.98 -8.34 5.59
C GLU A 91 10.46 -9.77 5.76
N ALA A 92 10.54 -10.26 6.99
CA ALA A 92 10.10 -11.62 7.29
C ALA A 92 8.59 -11.67 7.47
N GLU A 93 8.04 -10.64 8.09
CA GLU A 93 6.61 -10.57 8.33
C GLU A 93 5.86 -10.51 7.00
N ILE A 94 6.29 -9.63 6.11
CA ILE A 94 5.64 -9.48 4.81
C ILE A 94 5.75 -10.77 4.03
N VAL A 95 6.94 -11.36 4.00
CA VAL A 95 7.15 -12.60 3.30
C VAL A 95 6.32 -13.71 3.93
N SER A 96 6.25 -13.71 5.26
CA SER A 96 5.51 -14.72 5.99
C SER A 96 4.05 -14.77 5.53
N ILE A 97 3.42 -13.62 5.40
CA ILE A 97 2.04 -13.59 4.96
C ILE A 97 1.97 -13.84 3.46
N LEU A 98 2.94 -13.29 2.73
CA LEU A 98 2.99 -13.49 1.28
C LEU A 98 3.00 -14.98 0.99
N ASN A 99 3.81 -15.71 1.75
CA ASN A 99 3.90 -17.15 1.60
C ASN A 99 2.56 -17.81 1.89
N GLY A 100 1.81 -17.20 2.81
CA GLY A 100 0.50 -17.71 3.17
C GLY A 100 -0.56 -17.28 2.16
N ILE A 101 -0.36 -16.11 1.56
CA ILE A 101 -1.30 -15.59 0.56
C ILE A 101 -1.18 -16.37 -0.74
N ALA A 102 0.04 -16.76 -1.08
CA ALA A 102 0.28 -17.51 -2.30
C ALA A 102 -0.46 -18.85 -2.27
N LYS A 103 -0.60 -19.40 -1.07
CA LYS A 103 -1.29 -20.68 -0.90
C LYS A 103 -2.80 -20.49 -0.98
N GLN A 104 -3.27 -19.35 -0.49
CA GLN A 104 -4.70 -19.04 -0.51
C GLN A 104 -5.12 -18.54 -1.89
N GLN A 105 -4.46 -17.48 -2.35
CA GLN A 105 -4.78 -16.92 -3.66
C GLN A 105 -6.29 -16.86 -3.86
N ASN A 106 -6.90 -15.74 -3.50
CA ASN A 106 -8.34 -15.57 -3.65
C ASN A 106 -8.66 -14.71 -4.86
N SER A 107 -7.64 -13.99 -5.35
CA SER A 107 -7.82 -13.12 -6.50
C SER A 107 -7.96 -13.95 -7.78
N GLN A 108 -8.20 -13.27 -8.89
CA GLN A 108 -8.35 -13.96 -10.18
C GLN A 108 -7.04 -13.88 -10.98
N ASN A 109 -7.05 -13.05 -12.02
CA ASN A 109 -5.86 -12.90 -12.86
C ASN A 109 -5.98 -11.64 -13.71
N ASN A 110 -5.06 -10.71 -13.49
CA ASN A 110 -5.06 -9.45 -14.24
C ASN A 110 -6.43 -8.79 -14.18
N SER A 111 -7.06 -8.84 -13.01
CA SER A 111 -8.37 -8.24 -12.83
C SER A 111 -8.42 -6.85 -13.46
N LYS A 112 -7.98 -5.84 -12.71
CA LYS A 112 -7.97 -4.47 -13.19
C LYS A 112 -6.93 -4.31 -14.29
N ILE A 113 -6.37 -3.10 -14.39
CA ILE A 113 -5.34 -2.80 -15.39
C ILE A 113 -5.93 -2.83 -16.80
N ILE A 114 -6.85 -3.77 -17.05
CA ILE A 114 -7.46 -3.87 -18.36
C ILE A 114 -8.39 -2.69 -18.62
N PHE A 115 -9.04 -2.21 -17.55
CA PHE A 115 -9.96 -1.08 -17.68
C PHE A 115 -10.82 -1.23 -18.92
N GLU A 116 -11.50 -2.37 -19.02
CA GLU A 116 -12.37 -2.62 -20.17
C GLU A 116 -11.55 -2.83 -21.43
N MET A 1 -20.37 2.27 8.62
CA MET A 1 -20.90 1.10 7.85
C MET A 1 -20.04 0.89 6.60
N ASP A 2 -19.95 -0.36 6.15
CA ASP A 2 -19.16 -0.68 4.97
C ASP A 2 -17.80 -0.01 5.04
N PRO A 3 -16.96 -0.43 5.94
CA PRO A 3 -15.60 0.14 6.12
C PRO A 3 -14.85 0.25 4.79
N GLU A 4 -15.20 -0.61 3.84
CA GLU A 4 -14.55 -0.58 2.53
C GLU A 4 -14.77 0.76 1.85
N LEU A 5 -16.00 1.27 1.90
CA LEU A 5 -16.31 2.55 1.28
C LEU A 5 -15.63 3.69 2.04
N GLN A 6 -15.35 3.45 3.32
CA GLN A 6 -14.71 4.47 4.14
C GLN A 6 -13.30 4.75 3.64
N CYS A 7 -12.56 3.69 3.34
CA CYS A 7 -11.18 3.84 2.85
C CYS A 7 -11.16 4.73 1.62
N ILE A 8 -12.01 4.42 0.64
CA ILE A 8 -12.06 5.20 -0.58
C ILE A 8 -12.57 6.61 -0.30
N ARG A 9 -13.47 6.72 0.67
CA ARG A 9 -14.03 8.02 1.03
C ARG A 9 -12.93 8.98 1.47
N GLU A 10 -11.95 8.45 2.20
CA GLU A 10 -10.84 9.26 2.68
C GLU A 10 -10.02 9.80 1.50
N CYS A 11 -9.67 8.91 0.58
CA CYS A 11 -8.89 9.31 -0.58
C CYS A 11 -9.69 10.25 -1.47
N ARG A 12 -10.99 10.03 -1.54
CA ARG A 12 -11.85 10.87 -2.36
C ARG A 12 -11.82 12.32 -1.88
N LEU A 13 -11.73 12.49 -0.56
CA LEU A 13 -11.68 13.82 0.03
C LEU A 13 -10.39 14.53 -0.38
N ALA A 14 -9.26 13.83 -0.25
CA ALA A 14 -7.97 14.41 -0.60
C ALA A 14 -7.94 14.76 -2.09
N GLN A 15 -8.72 14.04 -2.88
CA GLN A 15 -8.77 14.29 -4.32
C GLN A 15 -9.62 15.51 -4.62
N LEU A 16 -10.81 15.56 -4.01
CA LEU A 16 -11.72 16.68 -4.22
C LEU A 16 -12.06 16.82 -5.70
N LYS A 17 -13.31 16.55 -6.04
CA LYS A 17 -13.76 16.64 -7.43
C LYS A 17 -15.28 16.55 -7.51
N ASN A 18 -15.82 16.77 -8.71
CA ASN A 18 -17.27 16.71 -8.90
C ASN A 18 -17.60 16.81 -10.39
N ASN A 19 -16.62 17.19 -11.19
CA ASN A 19 -16.82 17.31 -12.63
C ASN A 19 -15.49 17.29 -13.37
N SER A 20 -14.43 16.87 -12.68
CA SER A 20 -13.11 16.81 -13.27
C SER A 20 -13.13 15.98 -14.54
N GLY A 21 -12.13 16.18 -15.40
CA GLY A 21 -12.06 15.44 -16.66
C GLY A 21 -11.20 14.19 -16.51
N GLY A 22 -11.80 13.13 -15.98
CA GLY A 22 -11.09 11.87 -15.79
C GLY A 22 -11.02 11.07 -17.08
N THR A 23 -11.52 9.84 -17.02
CA THR A 23 -11.52 8.97 -18.19
C THR A 23 -10.11 8.84 -18.76
N ASN A 24 -10.03 8.46 -20.03
CA ASN A 24 -8.74 8.29 -20.68
C ASN A 24 -7.73 7.63 -19.75
N GLY A 25 -6.45 7.72 -20.09
CA GLY A 25 -5.41 7.12 -19.27
C GLY A 25 -4.13 7.95 -19.32
N ASP A 26 -3.02 7.34 -18.95
CA ASP A 26 -1.73 8.03 -18.96
C ASP A 26 -1.88 9.46 -18.44
N ARG A 27 -2.82 9.65 -17.51
CA ARG A 27 -3.06 10.97 -16.95
C ARG A 27 -2.01 11.30 -15.90
N ASN A 28 -0.81 10.75 -16.09
CA ASN A 28 0.29 11.00 -15.15
C ASN A 28 0.95 12.34 -15.45
N SER A 29 0.17 13.28 -15.96
CA SER A 29 0.67 14.61 -16.28
C SER A 29 2.08 14.52 -16.87
N GLY A 30 3.07 14.91 -16.08
CA GLY A 30 4.46 14.87 -16.54
C GLY A 30 5.42 14.73 -15.36
N ALA A 31 4.86 14.56 -14.17
CA ALA A 31 5.67 14.42 -12.97
C ALA A 31 6.67 15.57 -12.85
N ASN A 32 6.25 16.63 -12.16
CA ASN A 32 7.11 17.80 -11.98
C ASN A 32 6.67 18.60 -10.76
N ASN A 33 5.51 18.25 -10.21
CA ASN A 33 5.00 18.94 -9.04
C ASN A 33 5.36 18.19 -7.76
N GLY A 34 4.55 18.36 -6.72
CA GLY A 34 4.81 17.69 -5.44
C GLY A 34 5.50 18.62 -4.47
N GLY A 35 5.07 19.88 -4.45
CA GLY A 35 5.65 20.88 -3.56
C GLY A 35 4.75 21.12 -2.35
N GLY A 36 4.32 20.03 -1.71
CA GLY A 36 3.44 20.14 -0.55
C GLY A 36 4.26 20.19 0.74
N GLU A 37 3.57 20.25 1.87
CA GLU A 37 4.25 20.30 3.16
C GLU A 37 3.24 20.13 4.30
N ASN A 38 3.37 19.04 5.04
CA ASN A 38 2.46 18.77 6.15
C ASN A 38 1.02 19.12 5.78
N SER A 39 0.35 18.19 5.13
CA SER A 39 -1.04 18.41 4.71
C SER A 39 -1.76 17.07 4.53
N ALA A 40 -1.38 16.09 5.36
CA ALA A 40 -2.00 14.78 5.28
C ALA A 40 -1.24 13.79 6.15
N PRO A 41 -1.37 13.90 7.44
CA PRO A 41 -0.67 12.99 8.41
C PRO A 41 -0.85 11.52 8.04
N VAL A 42 -2.10 11.12 7.84
CA VAL A 42 -2.42 9.73 7.50
C VAL A 42 -1.30 9.08 6.70
N GLY A 43 -0.36 8.49 7.41
CA GLY A 43 0.77 7.82 6.77
C GLY A 43 1.89 7.55 7.77
N ALA A 44 2.45 8.62 8.33
CA ALA A 44 3.53 8.48 9.30
C ALA A 44 3.15 7.48 10.39
N ALA A 45 1.85 7.32 10.60
CA ALA A 45 1.36 6.39 11.61
C ALA A 45 1.57 4.94 11.19
N ILE A 46 1.67 4.70 9.88
CA ILE A 46 1.86 3.36 9.36
C ILE A 46 3.20 3.23 8.63
N ALA A 47 3.76 4.36 8.23
CA ALA A 47 5.04 4.36 7.52
C ALA A 47 6.15 3.86 8.42
N ASN A 48 5.99 4.06 9.72
CA ASN A 48 7.00 3.60 10.69
C ASN A 48 6.78 2.14 11.03
N PHE A 49 5.68 1.59 10.56
CA PHE A 49 5.36 0.20 10.83
C PHE A 49 6.01 -0.72 9.80
N LEU A 50 6.76 -0.13 8.88
CA LEU A 50 7.46 -0.89 7.84
C LEU A 50 8.96 -0.58 7.88
N GLU A 51 9.75 -1.52 8.39
CA GLU A 51 11.19 -1.33 8.49
C GLU A 51 11.78 -0.95 7.13
N PRO A 52 12.92 -0.25 7.12
CA PRO A 52 13.57 0.16 5.84
C PRO A 52 13.81 -1.03 4.90
N GLN A 53 14.42 -2.09 5.43
CA GLN A 53 14.69 -3.26 4.62
C GLN A 53 13.40 -3.86 4.09
N ALA A 54 12.40 -3.95 4.96
CA ALA A 54 11.10 -4.49 4.57
C ALA A 54 10.51 -3.64 3.46
N LEU A 55 10.86 -2.36 3.45
CA LEU A 55 10.36 -1.44 2.44
C LEU A 55 10.76 -1.90 1.04
N GLU A 56 12.00 -2.36 0.91
CA GLU A 56 12.50 -2.84 -0.38
C GLU A 56 11.72 -4.07 -0.84
N ARG A 57 11.33 -4.91 0.11
CA ARG A 57 10.59 -6.12 -0.22
C ARG A 57 9.30 -5.78 -0.95
N LEU A 58 8.51 -4.87 -0.38
CA LEU A 58 7.25 -4.48 -1.00
C LEU A 58 7.50 -4.00 -2.42
N SER A 59 8.44 -3.08 -2.57
CA SER A 59 8.75 -2.55 -3.88
C SER A 59 9.18 -3.69 -4.81
N ARG A 60 9.98 -4.61 -4.26
CA ARG A 60 10.49 -5.74 -5.05
C ARG A 60 9.38 -6.72 -5.46
N VAL A 61 8.51 -7.09 -4.51
CA VAL A 61 7.44 -8.04 -4.82
C VAL A 61 6.39 -7.42 -5.74
N ALA A 62 5.95 -6.21 -5.41
CA ALA A 62 4.94 -5.53 -6.22
C ALA A 62 5.34 -5.50 -7.69
N LEU A 63 6.63 -5.63 -7.97
CA LEU A 63 7.10 -5.61 -9.34
C LEU A 63 6.84 -6.94 -10.04
N VAL A 64 6.77 -8.01 -9.26
CA VAL A 64 6.54 -9.34 -9.81
C VAL A 64 5.08 -9.78 -9.67
N ARG A 65 4.55 -9.70 -8.45
CA ARG A 65 3.16 -10.09 -8.21
C ARG A 65 2.44 -9.08 -7.33
N ARG A 66 1.84 -8.08 -7.95
CA ARG A 66 1.11 -7.05 -7.22
C ARG A 66 -0.04 -7.67 -6.42
N ASP A 67 -0.63 -8.73 -6.96
CA ASP A 67 -1.76 -9.39 -6.30
C ASP A 67 -1.38 -9.80 -4.88
N ARG A 68 -0.21 -10.40 -4.74
CA ARG A 68 0.25 -10.83 -3.43
C ARG A 68 0.64 -9.62 -2.58
N ALA A 69 1.21 -8.62 -3.26
CA ALA A 69 1.65 -7.39 -2.60
C ALA A 69 0.47 -6.59 -2.02
N GLN A 70 -0.68 -6.69 -2.68
CA GLN A 70 -1.85 -5.93 -2.22
C GLN A 70 -2.45 -6.56 -0.96
N ALA A 71 -2.38 -7.88 -0.87
CA ALA A 71 -2.94 -8.59 0.27
C ALA A 71 -2.11 -8.34 1.54
N VAL A 72 -0.79 -8.36 1.41
CA VAL A 72 0.10 -8.13 2.55
C VAL A 72 -0.12 -6.75 3.17
N GLU A 73 -0.14 -5.71 2.34
CA GLU A 73 -0.35 -4.37 2.86
C GLU A 73 -1.70 -4.27 3.57
N THR A 74 -2.68 -5.01 3.06
CA THR A 74 -4.02 -4.98 3.65
C THR A 74 -4.01 -5.66 5.01
N TYR A 75 -3.23 -6.73 5.12
CA TYR A 75 -3.14 -7.47 6.37
C TYR A 75 -2.70 -6.56 7.51
N LEU A 76 -1.76 -5.66 7.22
CA LEU A 76 -1.25 -4.73 8.23
C LEU A 76 -2.34 -3.78 8.72
N LYS A 77 -3.11 -3.20 7.80
CA LYS A 77 -4.18 -2.27 8.21
C LYS A 77 -5.14 -2.96 9.16
N LYS A 78 -5.36 -4.25 8.94
CA LYS A 78 -6.26 -5.01 9.80
C LYS A 78 -5.71 -5.04 11.22
N LEU A 79 -4.41 -5.27 11.33
CA LEU A 79 -3.74 -5.31 12.63
C LEU A 79 -3.72 -3.91 13.26
N ILE A 80 -3.32 -2.92 12.48
CA ILE A 80 -3.25 -1.55 12.98
C ILE A 80 -4.64 -0.99 13.26
N ALA A 81 -5.60 -1.33 12.39
CA ALA A 81 -6.96 -0.84 12.55
C ALA A 81 -7.67 -1.57 13.69
N THR A 82 -7.15 -2.74 14.07
CA THR A 82 -7.75 -3.51 15.15
C THR A 82 -7.36 -2.93 16.51
N ASN A 83 -6.11 -3.15 16.90
CA ASN A 83 -5.62 -2.65 18.19
C ASN A 83 -4.25 -3.23 18.53
N ASN A 84 -3.86 -4.29 17.83
CA ASN A 84 -2.57 -4.93 18.09
C ASN A 84 -1.44 -3.92 17.97
N VAL A 85 -1.71 -2.78 17.31
CA VAL A 85 -0.72 -1.72 17.10
C VAL A 85 0.38 -1.76 18.17
N THR A 86 1.45 -2.49 17.85
CA THR A 86 2.58 -2.63 18.76
C THR A 86 3.71 -3.40 18.10
N HIS A 87 3.54 -3.68 16.81
CA HIS A 87 4.55 -4.42 16.06
C HIS A 87 4.81 -3.78 14.70
N LYS A 88 6.08 -3.62 14.35
CA LYS A 88 6.45 -3.03 13.08
C LYS A 88 6.77 -4.10 12.06
N ILE A 89 5.98 -4.17 10.99
CA ILE A 89 6.20 -5.17 9.95
C ILE A 89 7.68 -5.22 9.59
N THR A 90 8.13 -6.41 9.18
CA THR A 90 9.51 -6.61 8.78
C THR A 90 9.55 -7.35 7.44
N GLU A 91 10.74 -7.42 6.85
CA GLU A 91 10.90 -8.10 5.58
C GLU A 91 10.35 -9.53 5.66
N ALA A 92 10.42 -10.10 6.86
CA ALA A 92 9.94 -11.47 7.07
C ALA A 92 8.42 -11.49 7.19
N GLU A 93 7.86 -10.45 7.79
CA GLU A 93 6.42 -10.37 7.96
C GLU A 93 5.71 -10.29 6.61
N ILE A 94 6.21 -9.40 5.75
CA ILE A 94 5.62 -9.23 4.43
C ILE A 94 5.74 -10.52 3.64
N VAL A 95 6.93 -11.11 3.67
CA VAL A 95 7.17 -12.36 2.96
C VAL A 95 6.39 -13.50 3.61
N SER A 96 6.36 -13.50 4.94
CA SER A 96 5.66 -14.54 5.69
C SER A 96 4.17 -14.53 5.37
N ILE A 97 3.57 -13.35 5.38
CA ILE A 97 2.15 -13.24 5.07
C ILE A 97 1.94 -13.55 3.60
N LEU A 98 2.85 -13.05 2.77
CA LEU A 98 2.78 -13.28 1.33
C LEU A 98 2.73 -14.78 1.05
N ASN A 99 3.64 -15.50 1.68
CA ASN A 99 3.72 -16.95 1.51
C ASN A 99 2.39 -17.60 1.89
N GLY A 100 1.72 -17.02 2.88
CA GLY A 100 0.43 -17.54 3.32
C GLY A 100 -0.67 -17.20 2.33
N ILE A 101 -0.52 -16.04 1.68
CA ILE A 101 -1.51 -15.58 0.71
C ILE A 101 -1.39 -16.40 -0.57
N ALA A 102 -0.16 -16.72 -0.95
CA ALA A 102 0.08 -17.49 -2.16
C ALA A 102 -0.60 -18.85 -2.07
N LYS A 103 -0.79 -19.34 -0.85
CA LYS A 103 -1.42 -20.62 -0.63
C LYS A 103 -2.93 -20.52 -0.88
N GLN A 104 -3.53 -19.45 -0.39
CA GLN A 104 -4.96 -19.24 -0.55
C GLN A 104 -5.29 -18.88 -2.00
N GLN A 105 -4.58 -17.89 -2.53
CA GLN A 105 -4.79 -17.45 -3.89
C GLN A 105 -6.16 -16.79 -4.04
N ASN A 106 -6.27 -15.85 -4.99
CA ASN A 106 -7.52 -15.16 -5.22
C ASN A 106 -7.62 -14.70 -6.67
N SER A 107 -8.42 -15.42 -7.46
CA SER A 107 -8.59 -15.08 -8.86
C SER A 107 -9.40 -13.80 -9.01
N GLN A 108 -9.01 -12.96 -9.96
CA GLN A 108 -9.72 -11.70 -10.19
C GLN A 108 -9.33 -11.11 -11.54
N ASN A 109 -10.16 -11.34 -12.55
CA ASN A 109 -9.89 -10.82 -13.88
C ASN A 109 -10.41 -9.40 -14.02
N ASN A 110 -11.24 -8.98 -13.06
CA ASN A 110 -11.80 -7.63 -13.09
C ASN A 110 -10.89 -6.66 -12.33
N SER A 111 -9.86 -6.15 -13.01
CA SER A 111 -8.94 -5.22 -12.38
C SER A 111 -8.53 -4.13 -13.38
N LYS A 112 -8.47 -2.89 -12.89
CA LYS A 112 -8.10 -1.75 -13.72
C LYS A 112 -9.31 -1.20 -14.44
N ILE A 113 -9.97 -2.04 -15.22
CA ILE A 113 -11.16 -1.63 -15.96
C ILE A 113 -12.35 -1.48 -15.03
N ILE A 114 -12.19 -1.92 -13.79
CA ILE A 114 -13.27 -1.83 -12.81
C ILE A 114 -13.51 -0.37 -12.42
N PHE A 115 -12.51 0.47 -12.65
CA PHE A 115 -12.63 1.89 -12.32
C PHE A 115 -13.71 2.55 -13.17
N GLU A 116 -13.49 2.60 -14.47
CA GLU A 116 -14.46 3.20 -15.38
C GLU A 116 -14.29 2.64 -16.78
N MET A 1 -21.93 -4.26 -3.47
CA MET A 1 -20.75 -3.35 -3.62
C MET A 1 -19.57 -3.94 -2.85
N ASP A 2 -18.68 -4.61 -3.57
CA ASP A 2 -17.50 -5.21 -2.95
C ASP A 2 -16.40 -4.17 -2.78
N PRO A 3 -15.45 -4.43 -1.91
CA PRO A 3 -14.31 -3.49 -1.66
C PRO A 3 -13.37 -3.41 -2.85
N GLU A 4 -13.56 -4.30 -3.82
CA GLU A 4 -12.72 -4.32 -5.01
C GLU A 4 -13.08 -3.16 -5.94
N LEU A 5 -14.38 -2.91 -6.09
CA LEU A 5 -14.85 -1.83 -6.95
C LEU A 5 -14.61 -0.48 -6.29
N GLN A 6 -14.85 -0.40 -4.98
CA GLN A 6 -14.66 0.84 -4.25
C GLN A 6 -13.19 1.25 -4.26
N CYS A 7 -12.31 0.28 -4.03
CA CYS A 7 -10.88 0.55 -4.02
C CYS A 7 -10.45 1.24 -5.31
N ILE A 8 -10.93 0.73 -6.44
CA ILE A 8 -10.60 1.32 -7.73
C ILE A 8 -11.28 2.67 -7.90
N ARG A 9 -12.53 2.76 -7.48
CA ARG A 9 -13.29 4.00 -7.58
C ARG A 9 -12.68 5.07 -6.69
N GLU A 10 -12.14 4.65 -5.55
CA GLU A 10 -11.53 5.58 -4.61
C GLU A 10 -10.21 6.11 -5.16
N CYS A 11 -9.37 5.19 -5.64
CA CYS A 11 -8.07 5.56 -6.19
C CYS A 11 -8.21 6.75 -7.14
N ARG A 12 -9.32 6.77 -7.89
CA ARG A 12 -9.57 7.86 -8.84
C ARG A 12 -9.84 9.16 -8.10
N LEU A 13 -10.68 9.09 -7.07
CA LEU A 13 -11.02 10.27 -6.29
C LEU A 13 -9.81 10.75 -5.50
N ALA A 14 -9.01 9.81 -5.01
CA ALA A 14 -7.82 10.15 -4.24
C ALA A 14 -6.73 10.71 -5.14
N GLN A 15 -6.76 10.30 -6.41
CA GLN A 15 -5.77 10.77 -7.37
C GLN A 15 -5.92 12.27 -7.61
N LEU A 16 -7.15 12.76 -7.47
CA LEU A 16 -7.42 14.18 -7.67
C LEU A 16 -8.47 14.67 -6.69
N LYS A 17 -8.03 15.40 -5.67
CA LYS A 17 -8.95 15.93 -4.66
C LYS A 17 -8.61 17.38 -4.33
N ASN A 18 -9.65 18.21 -4.24
CA ASN A 18 -9.44 19.63 -3.93
C ASN A 18 -8.57 20.28 -4.99
N ASN A 19 -8.14 21.51 -4.72
CA ASN A 19 -7.30 22.25 -5.66
C ASN A 19 -6.16 22.95 -4.93
N SER A 20 -6.49 24.03 -4.23
CA SER A 20 -5.49 24.78 -3.49
C SER A 20 -4.31 25.14 -4.39
N GLY A 21 -4.57 25.97 -5.39
CA GLY A 21 -3.51 26.38 -6.31
C GLY A 21 -3.32 25.34 -7.40
N GLY A 22 -2.88 24.15 -7.00
CA GLY A 22 -2.66 23.08 -7.97
C GLY A 22 -1.61 23.47 -8.99
N THR A 23 -1.87 23.12 -10.25
CA THR A 23 -0.95 23.44 -11.33
C THR A 23 0.32 22.61 -11.21
N ASN A 24 0.61 21.84 -12.26
CA ASN A 24 1.80 20.99 -12.26
C ASN A 24 1.99 20.32 -10.91
N GLY A 25 3.19 19.80 -10.67
CA GLY A 25 3.49 19.14 -9.41
C GLY A 25 3.74 20.16 -8.31
N ASP A 26 2.65 20.60 -7.66
CA ASP A 26 2.76 21.56 -6.59
C ASP A 26 1.50 21.56 -5.73
N ARG A 27 1.66 21.28 -4.44
CA ARG A 27 0.52 21.25 -3.52
C ARG A 27 1.01 21.44 -2.09
N ASN A 28 2.32 21.29 -1.88
CA ASN A 28 2.89 21.45 -0.55
C ASN A 28 4.41 21.37 -0.61
N SER A 29 5.07 21.97 0.38
CA SER A 29 6.53 21.97 0.43
C SER A 29 7.09 23.08 -0.45
N GLY A 30 8.41 23.23 -0.45
CA GLY A 30 9.06 24.25 -1.26
C GLY A 30 9.67 23.65 -2.52
N ALA A 31 9.69 24.42 -3.59
CA ALA A 31 10.25 23.95 -4.85
C ALA A 31 9.45 22.76 -5.37
N ASN A 32 9.69 22.40 -6.64
CA ASN A 32 8.99 21.28 -7.24
C ASN A 32 9.67 19.96 -6.87
N ASN A 33 10.97 19.88 -7.13
CA ASN A 33 11.73 18.68 -6.81
C ASN A 33 13.18 19.02 -6.50
N GLY A 34 13.69 18.46 -5.41
CA GLY A 34 15.08 18.72 -5.00
C GLY A 34 15.59 17.60 -4.10
N GLY A 35 14.77 17.19 -3.15
CA GLY A 35 15.16 16.13 -2.22
C GLY A 35 14.29 16.15 -0.97
N GLY A 36 13.29 15.28 -0.92
CA GLY A 36 12.39 15.21 0.22
C GLY A 36 12.95 14.27 1.29
N GLU A 37 12.89 14.70 2.54
CA GLU A 37 13.40 13.89 3.65
C GLU A 37 13.01 14.51 4.99
N ASN A 38 12.48 13.68 5.88
CA ASN A 38 12.07 14.15 7.20
C ASN A 38 11.37 15.50 7.09
N SER A 39 10.60 15.68 6.01
CA SER A 39 9.89 16.93 5.81
C SER A 39 8.59 16.69 5.04
N ALA A 40 7.74 15.84 5.60
CA ALA A 40 6.46 15.52 4.98
C ALA A 40 5.76 14.38 5.71
N PRO A 41 5.37 14.62 6.94
CA PRO A 41 4.68 13.60 7.78
C PRO A 41 3.20 13.46 7.41
N VAL A 42 2.86 12.34 6.80
CA VAL A 42 1.47 12.09 6.41
C VAL A 42 1.15 10.61 6.47
N GLY A 43 2.05 9.79 5.94
CA GLY A 43 1.87 8.35 5.94
C GLY A 43 2.76 7.69 6.99
N ALA A 44 3.62 8.49 7.60
CA ALA A 44 4.52 7.99 8.64
C ALA A 44 3.74 7.17 9.66
N ALA A 45 2.46 7.47 9.78
CA ALA A 45 1.60 6.77 10.72
C ALA A 45 1.64 5.26 10.47
N ILE A 46 1.82 4.88 9.21
CA ILE A 46 1.89 3.47 8.84
C ILE A 46 3.22 3.15 8.17
N ALA A 47 3.84 4.17 7.59
CA ALA A 47 5.12 3.98 6.91
C ALA A 47 6.20 3.59 7.91
N ASN A 48 5.99 3.90 9.17
CA ASN A 48 6.95 3.57 10.21
C ASN A 48 6.77 2.13 10.66
N PHE A 49 5.55 1.62 10.49
CA PHE A 49 5.24 0.24 10.88
C PHE A 49 5.91 -0.74 9.93
N LEU A 50 6.56 -0.20 8.89
CA LEU A 50 7.25 -1.02 7.91
C LEU A 50 8.75 -0.74 7.96
N GLU A 51 9.51 -1.72 8.42
CA GLU A 51 10.97 -1.58 8.53
C GLU A 51 11.56 -1.09 7.21
N PRO A 52 12.69 -0.44 7.24
CA PRO A 52 13.35 0.09 6.01
C PRO A 52 13.68 -1.02 5.00
N GLN A 53 14.39 -2.05 5.46
CA GLN A 53 14.75 -3.15 4.59
C GLN A 53 13.49 -3.83 4.07
N ALA A 54 12.54 -4.08 4.96
CA ALA A 54 11.28 -4.70 4.58
C ALA A 54 10.57 -3.82 3.56
N LEU A 55 10.81 -2.53 3.64
CA LEU A 55 10.18 -1.59 2.72
C LEU A 55 10.57 -1.92 1.29
N GLU A 56 11.84 -2.27 1.10
CA GLU A 56 12.34 -2.62 -0.23
C GLU A 56 11.59 -3.84 -0.77
N ARG A 57 11.30 -4.79 0.12
CA ARG A 57 10.60 -6.00 -0.29
C ARG A 57 9.25 -5.66 -0.90
N LEU A 58 8.52 -4.73 -0.28
CA LEU A 58 7.23 -4.34 -0.78
C LEU A 58 7.37 -3.86 -2.23
N SER A 59 8.33 -3.00 -2.45
CA SER A 59 8.57 -2.49 -3.79
C SER A 59 9.02 -3.62 -4.72
N ARG A 60 9.86 -4.51 -4.20
CA ARG A 60 10.37 -5.62 -4.99
C ARG A 60 9.26 -6.61 -5.35
N VAL A 61 8.44 -6.97 -4.36
CA VAL A 61 7.34 -7.91 -4.61
C VAL A 61 6.26 -7.24 -5.44
N ALA A 62 5.86 -6.04 -5.03
CA ALA A 62 4.81 -5.30 -5.74
C ALA A 62 5.19 -5.08 -7.20
N LEU A 63 6.38 -5.54 -7.58
CA LEU A 63 6.83 -5.37 -8.97
C LEU A 63 6.57 -6.64 -9.75
N VAL A 64 6.49 -7.77 -9.05
CA VAL A 64 6.25 -9.05 -9.69
C VAL A 64 4.80 -9.50 -9.49
N ARG A 65 4.32 -9.44 -8.25
CA ARG A 65 2.95 -9.86 -7.96
C ARG A 65 2.27 -8.83 -7.04
N ARG A 66 1.67 -7.81 -7.64
CA ARG A 66 0.98 -6.78 -6.87
C ARG A 66 -0.16 -7.38 -6.06
N ASP A 67 -0.78 -8.43 -6.60
CA ASP A 67 -1.90 -9.08 -5.93
C ASP A 67 -1.51 -9.55 -4.53
N ARG A 68 -0.36 -10.20 -4.43
CA ARG A 68 0.12 -10.70 -3.15
C ARG A 68 0.58 -9.54 -2.26
N ALA A 69 1.18 -8.53 -2.89
CA ALA A 69 1.66 -7.37 -2.17
C ALA A 69 0.50 -6.58 -1.57
N GLN A 70 -0.65 -6.67 -2.21
CA GLN A 70 -1.84 -5.95 -1.76
C GLN A 70 -2.43 -6.60 -0.52
N ALA A 71 -2.41 -7.93 -0.50
CA ALA A 71 -2.95 -8.66 0.64
C ALA A 71 -2.14 -8.38 1.90
N VAL A 72 -0.82 -8.33 1.75
CA VAL A 72 0.05 -8.05 2.89
C VAL A 72 -0.27 -6.68 3.47
N GLU A 73 -0.34 -5.69 2.58
CA GLU A 73 -0.64 -4.33 2.99
C GLU A 73 -1.99 -4.28 3.72
N THR A 74 -2.91 -5.13 3.29
CA THR A 74 -4.24 -5.17 3.91
C THR A 74 -4.16 -5.86 5.27
N TYR A 75 -3.32 -6.89 5.36
CA TYR A 75 -3.16 -7.62 6.61
C TYR A 75 -2.78 -6.67 7.74
N LEU A 76 -1.80 -5.81 7.48
CA LEU A 76 -1.33 -4.84 8.46
C LEU A 76 -2.43 -3.85 8.82
N LYS A 77 -3.15 -3.38 7.80
CA LYS A 77 -4.22 -2.41 8.03
C LYS A 77 -5.25 -2.98 8.99
N LYS A 78 -5.52 -4.28 8.88
CA LYS A 78 -6.48 -4.93 9.77
C LYS A 78 -5.94 -4.97 11.19
N LEU A 79 -4.63 -5.18 11.31
CA LEU A 79 -3.98 -5.23 12.62
C LEU A 79 -3.98 -3.85 13.27
N ILE A 80 -3.58 -2.84 12.49
CA ILE A 80 -3.53 -1.47 13.00
C ILE A 80 -4.94 -0.93 13.23
N ALA A 81 -5.83 -1.17 12.27
CA ALA A 81 -7.20 -0.70 12.39
C ALA A 81 -7.90 -1.34 13.58
N THR A 82 -7.48 -2.55 13.92
CA THR A 82 -8.07 -3.27 15.04
C THR A 82 -7.52 -2.74 16.36
N ASN A 83 -6.25 -3.02 16.64
CA ASN A 83 -5.62 -2.57 17.89
C ASN A 83 -4.27 -3.25 18.11
N ASN A 84 -3.88 -4.17 17.23
CA ASN A 84 -2.61 -4.87 17.40
C ASN A 84 -1.45 -3.88 17.45
N VAL A 85 -1.68 -2.67 16.92
CA VAL A 85 -0.65 -1.62 16.89
C VAL A 85 0.31 -1.77 18.07
N THR A 86 1.40 -2.48 17.84
CA THR A 86 2.39 -2.70 18.88
C THR A 86 3.65 -3.35 18.29
N HIS A 87 3.61 -3.58 16.98
CA HIS A 87 4.75 -4.21 16.31
C HIS A 87 4.98 -3.56 14.94
N LYS A 88 6.17 -3.76 14.39
CA LYS A 88 6.53 -3.20 13.09
C LYS A 88 6.86 -4.30 12.09
N ILE A 89 6.08 -4.38 11.02
CA ILE A 89 6.30 -5.39 9.99
C ILE A 89 7.78 -5.47 9.63
N THR A 90 8.22 -6.66 9.23
CA THR A 90 9.61 -6.88 8.85
C THR A 90 9.68 -7.57 7.48
N GLU A 91 10.87 -7.59 6.90
CA GLU A 91 11.06 -8.22 5.60
C GLU A 91 10.56 -9.65 5.62
N ALA A 92 10.64 -10.27 6.79
CA ALA A 92 10.20 -11.65 6.95
C ALA A 92 8.68 -11.72 7.08
N GLU A 93 8.11 -10.68 7.69
CA GLU A 93 6.66 -10.63 7.88
C GLU A 93 5.97 -10.52 6.53
N ILE A 94 6.48 -9.65 5.66
CA ILE A 94 5.88 -9.47 4.34
C ILE A 94 5.99 -10.76 3.54
N VAL A 95 7.18 -11.35 3.56
CA VAL A 95 7.42 -12.60 2.84
C VAL A 95 6.64 -13.73 3.49
N SER A 96 6.62 -13.74 4.82
CA SER A 96 5.93 -14.79 5.57
C SER A 96 4.43 -14.75 5.29
N ILE A 97 3.86 -13.56 5.33
CA ILE A 97 2.43 -13.42 5.06
C ILE A 97 2.17 -13.69 3.59
N LEU A 98 3.01 -13.13 2.73
CA LEU A 98 2.87 -13.32 1.29
C LEU A 98 2.86 -14.81 0.97
N ASN A 99 3.76 -15.55 1.59
CA ASN A 99 3.84 -17.00 1.37
C ASN A 99 2.52 -17.66 1.73
N GLY A 100 1.84 -17.10 2.73
CA GLY A 100 0.56 -17.64 3.17
C GLY A 100 -0.55 -17.26 2.19
N ILE A 101 -0.44 -16.06 1.61
CA ILE A 101 -1.42 -15.58 0.66
C ILE A 101 -1.26 -16.29 -0.69
N ALA A 102 -0.01 -16.56 -1.06
CA ALA A 102 0.26 -17.22 -2.33
C ALA A 102 -0.33 -18.62 -2.34
N LYS A 103 -0.52 -19.20 -1.16
CA LYS A 103 -1.08 -20.55 -1.06
C LYS A 103 -2.59 -20.53 -1.27
N GLN A 104 -3.27 -19.59 -0.61
CA GLN A 104 -4.72 -19.49 -0.72
C GLN A 104 -5.11 -18.75 -2.00
N GLN A 105 -4.39 -17.68 -2.31
CA GLN A 105 -4.66 -16.89 -3.50
C GLN A 105 -3.71 -17.27 -4.63
N ASN A 106 -4.18 -18.13 -5.54
CA ASN A 106 -3.36 -18.57 -6.67
C ASN A 106 -4.03 -18.19 -7.99
N SER A 107 -3.65 -18.88 -9.05
CA SER A 107 -4.22 -18.61 -10.37
C SER A 107 -4.19 -17.11 -10.66
N GLN A 108 -5.35 -16.54 -10.94
CA GLN A 108 -5.44 -15.12 -11.25
C GLN A 108 -4.78 -14.80 -12.59
N ASN A 109 -5.60 -14.43 -13.57
CA ASN A 109 -5.08 -14.11 -14.89
C ASN A 109 -4.50 -12.70 -14.91
N ASN A 110 -4.96 -11.85 -14.00
CA ASN A 110 -4.48 -10.48 -13.91
C ASN A 110 -4.50 -9.82 -15.28
N SER A 111 -5.59 -10.03 -16.02
CA SER A 111 -5.73 -9.45 -17.35
C SER A 111 -6.68 -8.26 -17.32
N LYS A 112 -6.44 -7.34 -16.39
CA LYS A 112 -7.29 -6.16 -16.26
C LYS A 112 -6.67 -5.17 -15.28
N ILE A 113 -6.31 -5.65 -14.11
CA ILE A 113 -5.71 -4.82 -13.08
C ILE A 113 -4.36 -4.26 -13.51
N ILE A 114 -4.04 -4.41 -14.80
CA ILE A 114 -2.79 -3.91 -15.35
C ILE A 114 -2.91 -3.76 -16.86
N PHE A 115 -3.63 -4.67 -17.49
CA PHE A 115 -3.82 -4.63 -18.94
C PHE A 115 -4.63 -3.40 -19.34
N GLU A 116 -4.02 -2.23 -19.16
CA GLU A 116 -4.69 -0.98 -19.51
C GLU A 116 -4.05 -0.36 -20.75
N MET A 1 -14.67 0.96 12.26
CA MET A 1 -15.29 -0.37 11.98
C MET A 1 -15.17 -0.69 10.49
N ASP A 2 -15.13 0.36 9.68
CA ASP A 2 -15.02 0.18 8.23
C ASP A 2 -14.33 1.39 7.59
N PRO A 3 -13.12 1.68 8.01
CA PRO A 3 -12.35 2.84 7.46
C PRO A 3 -11.87 2.58 6.04
N GLU A 4 -12.34 1.49 5.45
CA GLU A 4 -11.95 1.15 4.09
C GLU A 4 -12.48 2.19 3.10
N LEU A 5 -13.73 2.61 3.32
CA LEU A 5 -14.33 3.61 2.45
C LEU A 5 -13.73 4.99 2.69
N GLN A 6 -13.56 5.32 3.97
CA GLN A 6 -12.98 6.61 4.34
C GLN A 6 -11.57 6.74 3.78
N CYS A 7 -10.86 5.63 3.72
CA CYS A 7 -9.50 5.63 3.20
C CYS A 7 -9.45 6.29 1.82
N ILE A 8 -10.35 5.87 0.94
CA ILE A 8 -10.40 6.42 -0.41
C ILE A 8 -10.84 7.88 -0.37
N ARG A 9 -11.85 8.18 0.46
CA ARG A 9 -12.35 9.54 0.57
C ARG A 9 -11.27 10.46 1.15
N GLU A 10 -10.43 9.90 2.01
CA GLU A 10 -9.36 10.68 2.63
C GLU A 10 -8.27 11.00 1.61
N CYS A 11 -8.03 10.09 0.69
CA CYS A 11 -7.01 10.30 -0.34
C CYS A 11 -7.57 11.07 -1.53
N ARG A 12 -8.83 10.82 -1.85
CA ARG A 12 -9.48 11.49 -2.97
C ARG A 12 -9.45 13.00 -2.76
N LEU A 13 -9.59 13.43 -1.51
CA LEU A 13 -9.58 14.85 -1.18
C LEU A 13 -8.23 15.46 -1.52
N ALA A 14 -7.16 14.81 -1.07
CA ALA A 14 -5.81 15.30 -1.33
C ALA A 14 -5.51 15.26 -2.82
N GLN A 15 -6.11 14.30 -3.53
CA GLN A 15 -5.90 14.17 -4.96
C GLN A 15 -6.69 15.22 -5.72
N LEU A 16 -7.99 15.26 -5.47
CA LEU A 16 -8.86 16.22 -6.15
C LEU A 16 -8.84 15.99 -7.65
N LYS A 17 -9.98 15.55 -8.19
CA LYS A 17 -10.09 15.29 -9.63
C LYS A 17 -11.32 15.98 -10.20
N ASN A 18 -11.52 15.85 -11.51
CA ASN A 18 -12.67 16.47 -12.17
C ASN A 18 -13.05 15.68 -13.41
N ASN A 19 -12.46 14.49 -13.57
CA ASN A 19 -12.75 13.66 -14.72
C ASN A 19 -14.21 13.21 -14.72
N SER A 20 -14.67 12.68 -15.85
CA SER A 20 -16.04 12.24 -15.97
C SER A 20 -16.18 11.25 -17.12
N GLY A 21 -15.08 10.95 -17.79
CA GLY A 21 -15.09 10.02 -18.91
C GLY A 21 -13.89 9.08 -18.85
N GLY A 22 -14.15 7.80 -18.59
CA GLY A 22 -13.09 6.82 -18.51
C GLY A 22 -13.55 5.47 -19.05
N THR A 23 -13.20 4.41 -18.33
CA THR A 23 -13.57 3.07 -18.74
C THR A 23 -12.82 2.66 -20.01
N ASN A 24 -12.30 1.43 -20.00
CA ASN A 24 -11.56 0.92 -21.15
C ASN A 24 -10.64 2.00 -21.73
N GLY A 25 -10.08 2.82 -20.84
CA GLY A 25 -9.19 3.89 -21.26
C GLY A 25 -7.96 3.97 -20.35
N ASP A 26 -6.79 4.09 -20.97
CA ASP A 26 -5.55 4.18 -20.20
C ASP A 26 -5.36 5.58 -19.63
N ARG A 27 -4.79 5.65 -18.43
CA ARG A 27 -4.57 6.93 -17.78
C ARG A 27 -3.55 6.79 -16.66
N ASN A 28 -2.27 6.82 -17.03
CA ASN A 28 -1.19 6.69 -16.06
C ASN A 28 -0.59 8.06 -15.75
N SER A 29 0.28 8.53 -16.64
CA SER A 29 0.93 9.83 -16.45
C SER A 29 1.28 10.06 -14.99
N GLY A 30 1.28 11.32 -14.57
CA GLY A 30 1.60 11.67 -13.19
C GLY A 30 3.02 12.22 -13.08
N ALA A 31 3.52 12.31 -11.85
CA ALA A 31 4.86 12.82 -11.62
C ALA A 31 5.02 14.20 -12.25
N ASN A 32 6.10 14.88 -11.89
CA ASN A 32 6.36 16.22 -12.43
C ASN A 32 7.85 16.56 -12.33
N ASN A 33 8.44 16.27 -11.18
CA ASN A 33 9.85 16.55 -10.96
C ASN A 33 10.43 15.60 -9.92
N GLY A 34 10.52 16.08 -8.68
CA GLY A 34 11.06 15.27 -7.60
C GLY A 34 10.23 15.44 -6.33
N GLY A 35 10.07 16.68 -5.88
CA GLY A 35 9.30 16.96 -4.68
C GLY A 35 10.02 16.45 -3.43
N GLY A 36 9.33 16.49 -2.30
CA GLY A 36 9.91 16.03 -1.04
C GLY A 36 9.27 16.75 0.15
N GLU A 37 10.13 17.33 1.00
CA GLU A 37 9.66 18.05 2.18
C GLU A 37 9.44 17.09 3.34
N ASN A 38 9.74 17.55 4.55
CA ASN A 38 9.58 16.72 5.74
C ASN A 38 8.11 16.65 6.15
N SER A 39 7.83 15.89 7.19
CA SER A 39 6.46 15.75 7.68
C SER A 39 5.56 15.16 6.59
N ALA A 40 4.54 14.43 6.99
CA ALA A 40 3.61 13.82 6.04
C ALA A 40 2.68 12.84 6.74
N PRO A 41 1.72 13.34 7.46
CA PRO A 41 0.73 12.51 8.20
C PRO A 41 0.00 11.53 7.27
N VAL A 42 -1.27 11.27 7.58
CA VAL A 42 -2.10 10.36 6.78
C VAL A 42 -1.26 9.27 6.10
N GLY A 43 -0.60 8.45 6.90
CA GLY A 43 0.23 7.38 6.35
C GLY A 43 1.47 7.14 7.19
N ALA A 44 2.11 8.23 7.61
CA ALA A 44 3.32 8.12 8.41
C ALA A 44 3.10 7.17 9.59
N ALA A 45 1.85 7.02 10.00
CA ALA A 45 1.52 6.15 11.12
C ALA A 45 1.73 4.69 10.75
N ILE A 46 1.53 4.35 9.47
CA ILE A 46 1.70 2.98 9.01
C ILE A 46 2.97 2.82 8.19
N ALA A 47 3.43 3.91 7.59
CA ALA A 47 4.64 3.87 6.78
C ALA A 47 5.86 3.57 7.64
N ASN A 48 5.76 3.89 8.93
CA ASN A 48 6.87 3.65 9.86
C ASN A 48 6.82 2.21 10.36
N PHE A 49 5.68 1.57 10.16
CA PHE A 49 5.51 0.19 10.61
C PHE A 49 6.13 -0.78 9.62
N LEU A 50 6.96 -0.27 8.72
CA LEU A 50 7.63 -1.10 7.72
C LEU A 50 9.12 -0.75 7.70
N GLU A 51 9.93 -1.60 8.33
CA GLU A 51 11.38 -1.37 8.41
C GLU A 51 11.93 -0.92 7.05
N PRO A 52 12.99 -0.14 7.02
CA PRO A 52 13.60 0.32 5.74
C PRO A 52 13.92 -0.83 4.79
N GLN A 53 14.69 -1.80 5.28
CA GLN A 53 15.06 -2.95 4.46
C GLN A 53 13.82 -3.70 4.01
N ALA A 54 12.92 -3.96 4.96
CA ALA A 54 11.68 -4.67 4.65
C ALA A 54 10.87 -3.87 3.63
N LEU A 55 11.05 -2.55 3.67
CA LEU A 55 10.32 -1.67 2.75
C LEU A 55 10.70 -1.99 1.31
N GLU A 56 11.99 -2.23 1.08
CA GLU A 56 12.47 -2.55 -0.26
C GLU A 56 11.80 -3.82 -0.77
N ARG A 57 11.58 -4.78 0.12
CA ARG A 57 10.95 -6.04 -0.24
C ARG A 57 9.57 -5.79 -0.84
N LEU A 58 8.78 -4.96 -0.16
CA LEU A 58 7.43 -4.65 -0.63
C LEU A 58 7.48 -4.09 -2.05
N SER A 59 8.39 -3.17 -2.27
CA SER A 59 8.52 -2.57 -3.59
C SER A 59 8.98 -3.62 -4.60
N ARG A 60 9.87 -4.51 -4.16
CA ARG A 60 10.39 -5.56 -5.02
C ARG A 60 9.32 -6.59 -5.40
N VAL A 61 8.54 -7.04 -4.42
CA VAL A 61 7.50 -8.04 -4.69
C VAL A 61 6.37 -7.43 -5.53
N ALA A 62 5.96 -6.22 -5.18
CA ALA A 62 4.89 -5.55 -5.89
C ALA A 62 5.11 -5.58 -7.40
N LEU A 63 6.38 -5.47 -7.81
CA LEU A 63 6.72 -5.48 -9.23
C LEU A 63 6.41 -6.83 -9.87
N VAL A 64 6.36 -7.88 -9.05
CA VAL A 64 6.11 -9.22 -9.57
C VAL A 64 4.66 -9.65 -9.33
N ARG A 65 4.19 -9.47 -8.11
CA ARG A 65 2.81 -9.85 -7.78
C ARG A 65 2.15 -8.83 -6.86
N ARG A 66 1.65 -7.75 -7.47
CA ARG A 66 0.98 -6.71 -6.70
C ARG A 66 -0.25 -7.25 -5.97
N ASP A 67 -0.90 -8.26 -6.57
CA ASP A 67 -2.10 -8.82 -5.97
C ASP A 67 -1.83 -9.36 -4.57
N ARG A 68 -0.76 -10.13 -4.43
CA ARG A 68 -0.41 -10.69 -3.13
C ARG A 68 0.14 -9.60 -2.22
N ALA A 69 0.91 -8.68 -2.81
CA ALA A 69 1.51 -7.58 -2.05
C ALA A 69 0.46 -6.69 -1.40
N GLN A 70 -0.69 -6.54 -2.06
CA GLN A 70 -1.76 -5.70 -1.52
C GLN A 70 -2.43 -6.39 -0.34
N ALA A 71 -2.51 -7.72 -0.39
CA ALA A 71 -3.13 -8.48 0.69
C ALA A 71 -2.30 -8.33 1.96
N VAL A 72 -0.98 -8.16 1.78
CA VAL A 72 -0.08 -8.00 2.92
C VAL A 72 -0.30 -6.66 3.60
N GLU A 73 -0.35 -5.61 2.80
CA GLU A 73 -0.55 -4.27 3.34
C GLU A 73 -1.88 -4.19 4.07
N THR A 74 -2.87 -4.94 3.59
CA THR A 74 -4.19 -4.95 4.20
C THR A 74 -4.16 -5.71 5.53
N TYR A 75 -3.25 -6.66 5.65
CA TYR A 75 -3.14 -7.44 6.87
C TYR A 75 -2.69 -6.56 8.03
N LEU A 76 -1.64 -5.78 7.80
CA LEU A 76 -1.11 -4.88 8.82
C LEU A 76 -2.11 -3.77 9.15
N LYS A 77 -2.75 -3.22 8.11
CA LYS A 77 -3.71 -2.16 8.31
C LYS A 77 -4.84 -2.62 9.22
N LYS A 78 -5.25 -3.87 9.06
CA LYS A 78 -6.31 -4.42 9.90
C LYS A 78 -5.88 -4.48 11.35
N LEU A 79 -4.63 -4.89 11.58
CA LEU A 79 -4.11 -4.98 12.94
C LEU A 79 -3.93 -3.59 13.55
N ILE A 80 -3.31 -2.69 12.80
CA ILE A 80 -3.09 -1.33 13.27
C ILE A 80 -4.41 -0.56 13.38
N ALA A 81 -5.25 -0.70 12.35
CA ALA A 81 -6.54 0.00 12.34
C ALA A 81 -7.45 -0.51 13.46
N THR A 82 -7.27 -1.77 13.83
CA THR A 82 -8.09 -2.36 14.88
C THR A 82 -7.61 -1.90 16.26
N ASN A 83 -6.46 -2.42 16.68
CA ASN A 83 -5.89 -2.07 17.98
C ASN A 83 -4.75 -3.02 18.37
N ASN A 84 -4.56 -4.08 17.59
CA ASN A 84 -3.52 -5.06 17.88
C ASN A 84 -2.14 -4.41 17.83
N VAL A 85 -2.02 -3.38 16.98
CA VAL A 85 -0.75 -2.65 16.82
C VAL A 85 0.45 -3.53 17.14
N THR A 86 1.47 -2.94 17.76
CA THR A 86 2.69 -3.68 18.12
C THR A 86 3.00 -4.77 17.10
N HIS A 87 3.20 -4.36 15.86
CA HIS A 87 3.49 -5.31 14.79
C HIS A 87 4.75 -4.89 14.03
N LYS A 88 4.77 -3.65 13.55
CA LYS A 88 5.92 -3.16 12.79
C LYS A 88 6.40 -4.22 11.82
N ILE A 89 5.69 -4.36 10.71
CA ILE A 89 6.05 -5.36 9.71
C ILE A 89 7.55 -5.36 9.46
N THR A 90 8.08 -6.53 9.13
CA THR A 90 9.49 -6.67 8.84
C THR A 90 9.68 -7.42 7.52
N GLU A 91 10.93 -7.52 7.06
CA GLU A 91 11.22 -8.20 5.82
C GLU A 91 10.70 -9.64 5.86
N ALA A 92 10.66 -10.21 7.05
CA ALA A 92 10.19 -11.57 7.23
C ALA A 92 8.68 -11.62 7.23
N GLU A 93 8.05 -10.60 7.81
CA GLU A 93 6.59 -10.55 7.86
C GLU A 93 6.02 -10.45 6.45
N ILE A 94 6.64 -9.61 5.62
CA ILE A 94 6.17 -9.43 4.25
C ILE A 94 6.31 -10.75 3.49
N VAL A 95 7.46 -11.39 3.63
CA VAL A 95 7.70 -12.66 2.97
C VAL A 95 6.82 -13.74 3.58
N SER A 96 6.68 -13.70 4.90
CA SER A 96 5.88 -14.69 5.62
C SER A 96 4.41 -14.58 5.26
N ILE A 97 3.90 -13.36 5.24
CA ILE A 97 2.51 -13.14 4.90
C ILE A 97 2.28 -13.50 3.44
N LEU A 98 3.22 -13.09 2.59
CA LEU A 98 3.13 -13.38 1.17
C LEU A 98 3.01 -14.88 0.96
N ASN A 99 3.80 -15.64 1.71
CA ASN A 99 3.77 -17.10 1.62
C ASN A 99 2.40 -17.63 1.98
N GLY A 100 1.73 -16.95 2.90
CA GLY A 100 0.39 -17.35 3.33
C GLY A 100 -0.64 -17.07 2.25
N ILE A 101 -0.52 -15.91 1.61
CA ILE A 101 -1.43 -15.52 0.56
C ILE A 101 -1.11 -16.28 -0.73
N ALA A 102 0.16 -16.52 -0.97
CA ALA A 102 0.59 -17.23 -2.17
C ALA A 102 0.05 -18.66 -2.16
N LYS A 103 -0.22 -19.17 -0.97
CA LYS A 103 -0.75 -20.53 -0.83
C LYS A 103 -2.23 -20.57 -1.17
N GLN A 104 -2.98 -19.57 -0.71
CA GLN A 104 -4.41 -19.51 -0.98
C GLN A 104 -4.67 -19.27 -2.46
N GLN A 105 -4.12 -18.18 -2.99
CA GLN A 105 -4.31 -17.87 -4.40
C GLN A 105 -3.10 -18.31 -5.22
N ASN A 106 -3.35 -18.92 -6.37
CA ASN A 106 -2.28 -19.39 -7.23
C ASN A 106 -2.62 -19.14 -8.69
N SER A 107 -3.64 -18.34 -8.93
CA SER A 107 -4.06 -18.02 -10.29
C SER A 107 -4.75 -16.67 -10.34
N GLN A 108 -4.19 -15.76 -11.15
CA GLN A 108 -4.76 -14.43 -11.28
C GLN A 108 -4.18 -13.71 -12.49
N ASN A 109 -5.03 -12.98 -13.21
CA ASN A 109 -4.59 -12.26 -14.40
C ASN A 109 -3.35 -11.43 -14.10
N ASN A 110 -2.42 -11.39 -15.04
CA ASN A 110 -1.19 -10.62 -14.85
C ASN A 110 -0.59 -10.23 -16.20
N SER A 111 0.60 -9.64 -16.17
CA SER A 111 1.27 -9.24 -17.39
C SER A 111 0.41 -8.24 -18.16
N LYS A 112 -0.21 -7.32 -17.44
CA LYS A 112 -1.07 -6.31 -18.06
C LYS A 112 -1.48 -5.25 -17.05
N ILE A 113 -1.97 -5.70 -15.90
CA ILE A 113 -2.40 -4.78 -14.85
C ILE A 113 -1.22 -4.36 -13.98
N ILE A 114 -0.08 -5.01 -14.20
CA ILE A 114 1.12 -4.69 -13.43
C ILE A 114 1.65 -3.32 -13.80
N PHE A 115 1.06 -2.73 -14.85
CA PHE A 115 1.48 -1.40 -15.30
C PHE A 115 0.96 -0.32 -14.36
N GLU A 116 1.81 0.11 -13.43
CA GLU A 116 1.43 1.15 -12.48
C GLU A 116 2.65 1.91 -11.98
N MET A 1 -16.89 -9.55 -6.93
CA MET A 1 -16.78 -8.09 -6.63
C MET A 1 -15.34 -7.76 -6.24
N ASP A 2 -15.00 -6.48 -6.31
CA ASP A 2 -13.65 -6.04 -5.95
C ASP A 2 -13.68 -4.63 -5.38
N PRO A 3 -14.18 -4.49 -4.18
CA PRO A 3 -14.28 -3.17 -3.50
C PRO A 3 -12.94 -2.42 -3.52
N GLU A 4 -11.86 -3.16 -3.70
CA GLU A 4 -10.53 -2.55 -3.75
C GLU A 4 -10.38 -1.67 -4.98
N LEU A 5 -11.07 -2.05 -6.05
CA LEU A 5 -11.01 -1.29 -7.30
C LEU A 5 -11.74 0.05 -7.15
N GLN A 6 -12.74 0.07 -6.28
CA GLN A 6 -13.50 1.29 -6.04
C GLN A 6 -12.61 2.38 -5.46
N CYS A 7 -11.67 1.98 -4.62
CA CYS A 7 -10.75 2.92 -4.00
C CYS A 7 -9.81 3.53 -5.05
N ILE A 8 -9.20 2.67 -5.85
CA ILE A 8 -8.28 3.11 -6.89
C ILE A 8 -8.96 4.12 -7.82
N ARG A 9 -10.26 3.95 -8.04
CA ARG A 9 -11.01 4.85 -8.91
C ARG A 9 -10.94 6.28 -8.37
N GLU A 10 -11.11 6.43 -7.06
CA GLU A 10 -11.05 7.75 -6.44
C GLU A 10 -9.62 8.28 -6.42
N CYS A 11 -8.69 7.41 -6.06
CA CYS A 11 -7.29 7.80 -6.00
C CYS A 11 -6.85 8.47 -7.30
N ARG A 12 -7.51 8.11 -8.39
CA ARG A 12 -7.19 8.69 -9.70
C ARG A 12 -7.65 10.14 -9.76
N LEU A 13 -8.90 10.37 -9.35
CA LEU A 13 -9.47 11.71 -9.37
C LEU A 13 -8.83 12.58 -8.28
N ALA A 14 -8.48 11.95 -7.17
CA ALA A 14 -7.86 12.67 -6.06
C ALA A 14 -6.61 13.40 -6.53
N GLN A 15 -5.93 12.82 -7.53
CA GLN A 15 -4.72 13.43 -8.07
C GLN A 15 -5.03 14.76 -8.73
N LEU A 16 -6.12 14.79 -9.50
CA LEU A 16 -6.53 16.01 -10.19
C LEU A 16 -7.35 16.91 -9.27
N LYS A 17 -8.58 16.50 -9.00
CA LYS A 17 -9.46 17.27 -8.13
C LYS A 17 -8.71 17.75 -6.89
N ASN A 18 -8.74 19.05 -6.66
CA ASN A 18 -8.06 19.62 -5.50
C ASN A 18 -9.06 19.95 -4.39
N ASN A 19 -9.85 20.99 -4.60
CA ASN A 19 -10.84 21.38 -3.62
C ASN A 19 -10.18 22.13 -2.46
N SER A 20 -9.01 21.66 -2.05
CA SER A 20 -8.28 22.29 -0.96
C SER A 20 -7.44 23.46 -1.47
N GLY A 21 -6.83 23.27 -2.64
CA GLY A 21 -6.00 24.31 -3.23
C GLY A 21 -4.87 23.70 -4.06
N GLY A 22 -3.64 23.99 -3.68
CA GLY A 22 -2.48 23.47 -4.39
C GLY A 22 -1.88 22.29 -3.66
N THR A 23 -1.13 21.47 -4.40
CA THR A 23 -0.50 20.29 -3.81
C THR A 23 -1.51 19.46 -3.04
N ASN A 24 -2.78 19.53 -3.46
CA ASN A 24 -3.83 18.78 -2.80
C ASN A 24 -3.67 18.84 -1.28
N GLY A 25 -3.87 20.02 -0.72
CA GLY A 25 -3.74 20.19 0.73
C GLY A 25 -3.63 21.67 1.08
N ASP A 26 -3.98 22.53 0.14
CA ASP A 26 -3.91 23.97 0.36
C ASP A 26 -2.47 24.47 0.26
N ARG A 27 -2.28 25.58 -0.42
CA ARG A 27 -0.94 26.15 -0.59
C ARG A 27 -0.51 26.88 0.69
N ASN A 28 -0.37 26.13 1.77
CA ASN A 28 0.03 26.71 3.04
C ASN A 28 1.06 25.82 3.74
N SER A 29 2.31 26.26 3.76
CA SER A 29 3.38 25.51 4.40
C SER A 29 3.21 24.01 4.16
N GLY A 30 3.23 23.24 5.24
CA GLY A 30 3.07 21.79 5.13
C GLY A 30 2.27 21.23 6.30
N ALA A 31 1.53 20.16 6.06
CA ALA A 31 0.73 19.54 7.11
C ALA A 31 -0.45 20.44 7.48
N ASN A 32 -1.31 19.94 8.36
CA ASN A 32 -2.47 20.71 8.80
C ASN A 32 -2.10 21.70 9.89
N ASN A 33 -1.82 21.17 11.08
CA ASN A 33 -1.44 22.02 12.20
C ASN A 33 -0.28 21.39 12.98
N GLY A 34 -0.55 20.25 13.61
CA GLY A 34 0.48 19.57 14.39
C GLY A 34 -0.14 18.47 15.26
N GLY A 35 -0.96 18.88 16.22
CA GLY A 35 -1.61 17.92 17.10
C GLY A 35 -2.21 16.76 16.31
N GLY A 36 -1.46 15.68 16.19
CA GLY A 36 -1.93 14.50 15.46
C GLY A 36 -2.35 13.40 16.41
N GLU A 37 -3.12 13.77 17.43
CA GLU A 37 -3.61 12.81 18.43
C GLU A 37 -2.58 11.72 18.68
N ASN A 38 -1.45 12.08 19.27
CA ASN A 38 -0.39 11.12 19.56
C ASN A 38 -0.20 10.16 18.39
N SER A 39 -0.33 10.69 17.18
CA SER A 39 -0.16 9.87 15.98
C SER A 39 0.43 10.69 14.85
N ALA A 40 1.20 10.03 13.99
CA ALA A 40 1.83 10.71 12.87
C ALA A 40 0.81 11.54 12.10
N PRO A 41 1.25 12.47 11.29
CA PRO A 41 0.34 13.34 10.50
C PRO A 41 -0.87 12.57 9.95
N VAL A 42 -0.67 11.80 8.88
CA VAL A 42 -1.76 11.04 8.28
C VAL A 42 -1.21 9.92 7.40
N GLY A 43 -1.18 8.70 7.93
CA GLY A 43 -0.67 7.56 7.15
C GLY A 43 0.81 7.34 7.42
N ALA A 44 1.46 8.35 8.00
CA ALA A 44 2.88 8.25 8.29
C ALA A 44 3.13 7.29 9.45
N ALA A 45 2.11 7.12 10.29
CA ALA A 45 2.21 6.23 11.44
C ALA A 45 2.37 4.78 10.99
N ILE A 46 1.64 4.41 9.94
CA ILE A 46 1.70 3.05 9.42
C ILE A 46 2.92 2.89 8.52
N ALA A 47 3.39 3.98 7.94
CA ALA A 47 4.54 3.94 7.06
C ALA A 47 5.79 3.55 7.84
N ASN A 48 5.78 3.79 9.16
CA ASN A 48 6.91 3.45 10.01
C ASN A 48 6.84 2.00 10.43
N PHE A 49 5.63 1.45 10.42
CA PHE A 49 5.42 0.06 10.80
C PHE A 49 6.05 -0.88 9.79
N LEU A 50 6.83 -0.32 8.87
CA LEU A 50 7.50 -1.11 7.85
C LEU A 50 8.98 -0.72 7.78
N GLU A 51 9.84 -1.61 8.27
CA GLU A 51 11.28 -1.35 8.28
C GLU A 51 11.73 -0.80 6.92
N PRO A 52 12.79 -0.01 6.89
CA PRO A 52 13.31 0.58 5.61
C PRO A 52 13.77 -0.48 4.61
N GLN A 53 14.66 -1.36 5.07
CA GLN A 53 15.17 -2.41 4.20
C GLN A 53 14.02 -3.30 3.72
N ALA A 54 13.18 -3.70 4.66
CA ALA A 54 12.03 -4.53 4.34
C ALA A 54 11.11 -3.80 3.37
N LEU A 55 11.11 -2.48 3.45
CA LEU A 55 10.27 -1.68 2.58
C LEU A 55 10.61 -1.95 1.12
N GLU A 56 11.90 -2.16 0.86
CA GLU A 56 12.36 -2.45 -0.49
C GLU A 56 11.87 -3.83 -0.94
N ARG A 57 11.82 -4.76 0.00
CA ARG A 57 11.38 -6.11 -0.32
C ARG A 57 9.96 -6.12 -0.89
N LEU A 58 9.02 -5.55 -0.15
CA LEU A 58 7.64 -5.51 -0.61
C LEU A 58 7.56 -4.78 -1.95
N SER A 59 8.42 -3.79 -2.14
CA SER A 59 8.46 -3.05 -3.39
C SER A 59 8.93 -3.96 -4.53
N ARG A 60 9.87 -4.84 -4.22
CA ARG A 60 10.44 -5.76 -5.21
C ARG A 60 9.43 -6.79 -5.71
N VAL A 61 8.68 -7.40 -4.79
CA VAL A 61 7.70 -8.41 -5.17
C VAL A 61 6.53 -7.77 -5.94
N ALA A 62 6.09 -6.61 -5.48
CA ALA A 62 4.98 -5.91 -6.12
C ALA A 62 5.21 -5.82 -7.63
N LEU A 63 6.46 -5.60 -8.03
CA LEU A 63 6.80 -5.49 -9.44
C LEU A 63 6.44 -6.78 -10.19
N VAL A 64 6.28 -7.86 -9.44
CA VAL A 64 5.96 -9.15 -10.03
C VAL A 64 4.50 -9.53 -9.76
N ARG A 65 4.09 -9.41 -8.49
CA ARG A 65 2.71 -9.73 -8.12
C ARG A 65 2.15 -8.67 -7.18
N ARG A 66 1.64 -7.60 -7.75
CA ARG A 66 1.06 -6.52 -6.96
C ARG A 66 -0.12 -7.05 -6.15
N ASP A 67 -0.79 -8.07 -6.69
CA ASP A 67 -1.96 -8.64 -6.03
C ASP A 67 -1.64 -9.15 -4.64
N ARG A 68 -0.53 -9.89 -4.51
CA ARG A 68 -0.14 -10.42 -3.21
C ARG A 68 0.34 -9.31 -2.29
N ALA A 69 1.03 -8.32 -2.86
CA ALA A 69 1.54 -7.20 -2.09
C ALA A 69 0.39 -6.41 -1.48
N GLN A 70 -0.75 -6.41 -2.17
CA GLN A 70 -1.91 -5.68 -1.69
C GLN A 70 -2.50 -6.35 -0.45
N ALA A 71 -2.46 -7.68 -0.42
CA ALA A 71 -3.00 -8.42 0.71
C ALA A 71 -2.13 -8.24 1.95
N VAL A 72 -0.81 -8.19 1.75
CA VAL A 72 0.11 -8.01 2.87
C VAL A 72 -0.16 -6.68 3.57
N GLU A 73 -0.30 -5.63 2.77
CA GLU A 73 -0.57 -4.30 3.31
C GLU A 73 -1.92 -4.26 4.01
N THR A 74 -2.88 -5.03 3.48
CA THR A 74 -4.21 -5.06 4.06
C THR A 74 -4.20 -5.80 5.39
N TYR A 75 -3.27 -6.74 5.53
CA TYR A 75 -3.16 -7.52 6.76
C TYR A 75 -2.73 -6.62 7.92
N LEU A 76 -1.70 -5.81 7.70
CA LEU A 76 -1.21 -4.91 8.74
C LEU A 76 -2.25 -3.83 9.05
N LYS A 77 -2.89 -3.30 8.02
CA LYS A 77 -3.89 -2.27 8.21
C LYS A 77 -5.00 -2.77 9.12
N LYS A 78 -5.38 -4.04 8.92
CA LYS A 78 -6.43 -4.64 9.73
C LYS A 78 -5.99 -4.72 11.20
N LEU A 79 -4.73 -5.06 11.41
CA LEU A 79 -4.19 -5.17 12.76
C LEU A 79 -4.08 -3.79 13.40
N ILE A 80 -3.51 -2.84 12.66
CA ILE A 80 -3.35 -1.48 13.16
C ILE A 80 -4.69 -0.79 13.30
N ALA A 81 -5.55 -0.94 12.30
CA ALA A 81 -6.87 -0.32 12.32
C ALA A 81 -7.73 -0.91 13.41
N THR A 82 -7.44 -2.15 13.79
CA THR A 82 -8.21 -2.83 14.83
C THR A 82 -7.80 -2.32 16.21
N ASN A 83 -6.62 -2.75 16.66
CA ASN A 83 -6.13 -2.33 17.97
C ASN A 83 -4.90 -3.16 18.37
N ASN A 84 -4.73 -4.32 17.75
CA ASN A 84 -3.60 -5.18 18.05
C ASN A 84 -2.29 -4.42 17.97
N VAL A 85 -2.28 -3.36 17.15
CA VAL A 85 -1.10 -2.50 16.95
C VAL A 85 0.18 -3.19 17.42
N THR A 86 0.99 -2.46 18.19
CA THR A 86 2.24 -2.99 18.73
C THR A 86 2.89 -3.96 17.74
N HIS A 87 3.19 -3.47 16.54
CA HIS A 87 3.80 -4.31 15.53
C HIS A 87 4.74 -3.50 14.63
N LYS A 88 5.74 -4.18 14.07
CA LYS A 88 6.70 -3.53 13.18
C LYS A 88 7.09 -4.48 12.06
N ILE A 89 6.24 -4.57 11.04
CA ILE A 89 6.50 -5.46 9.91
C ILE A 89 7.96 -5.35 9.46
N THR A 90 8.49 -6.46 8.97
CA THR A 90 9.85 -6.50 8.48
C THR A 90 9.92 -7.35 7.22
N GLU A 91 11.12 -7.51 6.68
CA GLU A 91 11.31 -8.32 5.47
C GLU A 91 10.87 -9.76 5.72
N ALA A 92 11.02 -10.18 6.98
CA ALA A 92 10.65 -11.54 7.37
C ALA A 92 9.16 -11.65 7.61
N GLU A 93 8.55 -10.56 8.07
CA GLU A 93 7.12 -10.57 8.33
C GLU A 93 6.33 -10.52 7.02
N ILE A 94 6.74 -9.65 6.10
CA ILE A 94 6.05 -9.51 4.81
C ILE A 94 6.11 -10.80 4.00
N VAL A 95 7.28 -11.40 3.91
CA VAL A 95 7.43 -12.63 3.17
C VAL A 95 6.49 -13.68 3.75
N SER A 96 6.40 -13.68 5.07
CA SER A 96 5.55 -14.64 5.78
C SER A 96 4.10 -14.54 5.31
N ILE A 97 3.59 -13.32 5.19
CA ILE A 97 2.21 -13.15 4.75
C ILE A 97 2.10 -13.53 3.28
N LEU A 98 3.06 -13.10 2.48
CA LEU A 98 3.08 -13.42 1.06
C LEU A 98 3.02 -14.93 0.88
N ASN A 99 3.88 -15.64 1.61
CA ASN A 99 3.92 -17.09 1.54
C ASN A 99 2.57 -17.69 1.91
N GLY A 100 1.87 -17.03 2.83
CA GLY A 100 0.56 -17.49 3.26
C GLY A 100 -0.52 -17.07 2.28
N ILE A 101 -0.34 -15.91 1.66
CA ILE A 101 -1.31 -15.41 0.69
C ILE A 101 -1.19 -16.17 -0.63
N ALA A 102 0.04 -16.53 -0.99
CA ALA A 102 0.27 -17.26 -2.23
C ALA A 102 -0.44 -18.61 -2.20
N LYS A 103 -0.60 -19.16 -1.00
CA LYS A 103 -1.27 -20.45 -0.84
C LYS A 103 -2.77 -20.30 -1.03
N GLN A 104 -3.34 -19.25 -0.45
CA GLN A 104 -4.78 -19.00 -0.57
C GLN A 104 -5.13 -18.55 -1.99
N GLN A 105 -4.51 -17.46 -2.41
CA GLN A 105 -4.76 -16.93 -3.75
C GLN A 105 -3.87 -17.62 -4.78
N ASN A 106 -4.32 -17.62 -6.03
CA ASN A 106 -3.56 -18.24 -7.11
C ASN A 106 -4.22 -17.97 -8.47
N SER A 107 -5.47 -17.55 -8.43
CA SER A 107 -6.21 -17.26 -9.65
C SER A 107 -5.37 -16.38 -10.58
N GLN A 108 -5.22 -15.11 -10.22
CA GLN A 108 -4.45 -14.17 -11.02
C GLN A 108 -5.17 -13.86 -12.33
N ASN A 109 -5.25 -12.58 -12.67
CA ASN A 109 -5.91 -12.16 -13.88
C ASN A 109 -5.15 -11.00 -14.54
N ASN A 110 -4.61 -11.25 -15.73
CA ASN A 110 -3.86 -10.24 -16.45
C ASN A 110 -4.57 -8.90 -16.36
N SER A 111 -3.93 -7.93 -15.72
CA SER A 111 -4.50 -6.60 -15.57
C SER A 111 -3.45 -5.52 -15.82
N LYS A 112 -3.54 -4.42 -15.08
CA LYS A 112 -2.60 -3.33 -15.22
C LYS A 112 -1.21 -3.74 -14.72
N ILE A 113 -1.13 -4.94 -14.15
CA ILE A 113 0.13 -5.44 -13.64
C ILE A 113 1.11 -5.70 -14.78
N ILE A 114 0.63 -5.60 -16.01
CA ILE A 114 1.47 -5.82 -17.18
C ILE A 114 2.51 -4.71 -17.32
N PHE A 115 2.35 -3.67 -16.51
CA PHE A 115 3.29 -2.54 -16.56
C PHE A 115 4.66 -2.96 -16.05
N GLU A 116 4.68 -3.82 -15.04
CA GLU A 116 5.94 -4.29 -14.47
C GLU A 116 6.80 -3.10 -14.04
#